data_1V1C
#
_entry.id   1V1C
#
_cell.length_a   1.000
_cell.length_b   1.000
_cell.length_c   1.000
_cell.angle_alpha   90.00
_cell.angle_beta   90.00
_cell.angle_gamma   90.00
#
_symmetry.space_group_name_H-M   'P 1'
#
_entity_poly.entity_id   1
_entity_poly.type   'polypeptide(L)'
_entity_poly.pdbx_seq_one_letter_code
;GSSIFDIYVVTADYLPLGAEQDAITLREGQYVEVLDAAHPLRWLVRTKPTKSSPSRQGWVSPAYLDRRLKL
;
_entity_poly.pdbx_strand_id   A
#
# COMPACT_ATOMS: atom_id res chain seq x y z
N ILE A 4 -8.06 11.73 -7.43
CA ILE A 4 -7.57 11.04 -8.65
C ILE A 4 -7.17 9.61 -8.33
N PHE A 5 -6.31 9.44 -7.32
CA PHE A 5 -5.85 8.12 -6.91
C PHE A 5 -6.76 7.55 -5.83
N ASP A 6 -6.51 6.30 -5.46
CA ASP A 6 -7.32 5.64 -4.43
C ASP A 6 -6.47 5.16 -3.25
N ILE A 7 -6.65 5.82 -2.11
CA ILE A 7 -5.91 5.48 -0.90
C ILE A 7 -6.61 4.35 -0.15
N TYR A 8 -5.96 3.19 -0.07
CA TYR A 8 -6.51 2.04 0.65
C TYR A 8 -5.93 1.95 2.06
N VAL A 9 -6.65 1.24 2.94
CA VAL A 9 -6.20 1.08 4.32
C VAL A 9 -6.10 -0.39 4.70
N VAL A 10 -5.07 -0.72 5.48
CA VAL A 10 -4.84 -2.09 5.92
C VAL A 10 -5.64 -2.38 7.19
N THR A 11 -6.69 -3.19 7.07
CA THR A 11 -7.53 -3.54 8.20
C THR A 11 -7.34 -4.99 8.63
N ALA A 12 -6.24 -5.60 8.18
CA ALA A 12 -5.96 -6.99 8.50
C ALA A 12 -4.47 -7.21 8.75
N ASP A 13 -3.73 -6.11 8.89
CA ASP A 13 -2.28 -6.17 9.13
C ASP A 13 -1.56 -6.81 7.94
N TYR A 14 -0.29 -6.44 7.77
CA TYR A 14 0.50 -6.99 6.68
C TYR A 14 1.98 -7.02 7.04
N LEU A 15 2.42 -8.17 7.55
CA LEU A 15 3.82 -8.33 7.95
C LEU A 15 4.50 -9.42 7.11
N PRO A 16 5.42 -9.02 6.21
CA PRO A 16 6.14 -9.97 5.35
C PRO A 16 6.90 -11.02 6.14
N LEU A 17 6.55 -12.28 5.91
CA LEU A 17 7.19 -13.38 6.61
C LEU A 17 8.44 -13.83 5.85
N GLY A 18 9.60 -13.33 6.26
CA GLY A 18 10.85 -13.69 5.62
C GLY A 18 11.39 -12.56 4.75
N ALA A 19 11.90 -12.92 3.58
CA ALA A 19 12.46 -11.95 2.66
C ALA A 19 11.68 -11.92 1.34
N GLU A 20 10.94 -10.85 1.12
CA GLU A 20 10.14 -10.69 -0.10
C GLU A 20 10.74 -9.62 -1.00
N GLN A 21 11.01 -9.97 -2.25
CA GLN A 21 11.59 -9.04 -3.20
C GLN A 21 10.51 -8.15 -3.82
N ASP A 22 10.85 -6.88 -4.02
CA ASP A 22 9.93 -5.91 -4.61
C ASP A 22 8.69 -5.73 -3.74
N ALA A 23 8.84 -6.03 -2.45
CA ALA A 23 7.73 -5.90 -1.51
C ALA A 23 7.98 -4.79 -0.50
N ILE A 24 6.90 -4.30 0.11
CA ILE A 24 7.00 -3.22 1.09
C ILE A 24 6.23 -3.58 2.36
N THR A 25 6.75 -3.16 3.51
CA THR A 25 6.11 -3.43 4.79
C THR A 25 4.94 -2.48 5.02
N LEU A 26 3.93 -2.96 5.75
CA LEU A 26 2.76 -2.16 6.04
C LEU A 26 2.20 -2.47 7.43
N ARG A 27 1.53 -1.48 8.03
CA ARG A 27 0.96 -1.64 9.36
C ARG A 27 -0.56 -1.45 9.30
N GLU A 28 -1.29 -2.29 10.03
CA GLU A 28 -2.74 -2.21 10.07
C GLU A 28 -3.20 -0.81 10.52
N GLY A 29 -3.57 0.02 9.56
CA GLY A 29 -4.02 1.37 9.88
C GLY A 29 -3.25 2.42 9.11
N GLN A 30 -2.64 2.01 8.00
CA GLN A 30 -1.86 2.91 7.16
C GLN A 30 -2.66 3.33 5.93
N TYR A 31 -2.23 4.43 5.32
CA TYR A 31 -2.90 4.95 4.12
C TYR A 31 -1.94 5.04 2.95
N VAL A 32 -2.38 4.59 1.78
CA VAL A 32 -1.54 4.64 0.59
C VAL A 32 -2.37 4.55 -0.70
N GLU A 33 -2.20 5.54 -1.57
CA GLU A 33 -2.91 5.60 -2.84
C GLU A 33 -2.25 4.68 -3.87
N VAL A 34 -3.04 4.20 -4.83
CA VAL A 34 -2.54 3.31 -5.86
C VAL A 34 -2.04 4.11 -7.07
N LEU A 35 -0.87 3.74 -7.59
CA LEU A 35 -0.29 4.43 -8.75
C LEU A 35 -0.84 3.85 -10.06
N ASP A 36 -0.50 2.61 -10.34
CA ASP A 36 -0.95 1.94 -11.55
C ASP A 36 -1.36 0.50 -11.28
N ALA A 37 -2.30 0.00 -12.09
CA ALA A 37 -2.77 -1.38 -11.93
C ALA A 37 -2.15 -2.29 -12.97
N ALA A 38 -1.25 -3.16 -12.54
CA ALA A 38 -0.58 -4.09 -13.44
C ALA A 38 -1.31 -5.42 -13.51
N HIS A 39 -1.14 -6.25 -12.49
CA HIS A 39 -1.79 -7.55 -12.43
C HIS A 39 -2.82 -7.61 -11.30
N PRO A 40 -3.93 -8.33 -11.50
CA PRO A 40 -4.99 -8.46 -10.48
C PRO A 40 -4.46 -9.02 -9.17
N LEU A 41 -3.32 -9.70 -9.24
CA LEU A 41 -2.71 -10.29 -8.06
C LEU A 41 -2.17 -9.20 -7.13
N ARG A 42 -1.42 -8.26 -7.69
CA ARG A 42 -0.84 -7.17 -6.91
C ARG A 42 -0.75 -5.90 -7.75
N TRP A 43 -1.20 -4.79 -7.17
CA TRP A 43 -1.18 -3.50 -7.86
C TRP A 43 -0.04 -2.62 -7.35
N LEU A 44 0.39 -1.69 -8.18
CA LEU A 44 1.47 -0.77 -7.82
C LEU A 44 0.94 0.35 -6.93
N VAL A 45 1.57 0.54 -5.77
CA VAL A 45 1.15 1.58 -4.83
C VAL A 45 2.36 2.28 -4.22
N ARG A 46 2.16 3.53 -3.80
CA ARG A 46 3.23 4.32 -3.19
C ARG A 46 2.69 5.16 -2.05
N THR A 47 3.18 4.89 -0.84
CA THR A 47 2.75 5.63 0.34
C THR A 47 3.02 7.12 0.20
N LYS A 48 2.24 7.93 0.92
CA LYS A 48 2.39 9.37 0.86
C LYS A 48 3.35 9.86 1.96
N PRO A 49 4.31 10.73 1.60
CA PRO A 49 5.28 11.27 2.56
C PRO A 49 4.67 12.34 3.46
N THR A 50 5.17 12.43 4.68
CA THR A 50 4.67 13.42 5.64
C THR A 50 5.81 14.03 6.44
N LYS A 51 5.77 15.34 6.60
CA LYS A 51 6.79 16.08 7.35
C LYS A 51 8.14 16.00 6.66
N SER A 52 8.86 14.89 6.87
CA SER A 52 10.17 14.70 6.27
C SER A 52 10.43 13.22 5.96
N SER A 53 9.38 12.42 6.04
CA SER A 53 9.50 10.99 5.76
C SER A 53 9.48 10.71 4.26
N PRO A 54 10.56 10.09 3.74
CA PRO A 54 10.66 9.77 2.32
C PRO A 54 9.55 8.83 1.84
N SER A 55 9.06 9.06 0.63
CA SER A 55 7.99 8.23 0.07
C SER A 55 8.55 6.95 -0.53
N ARG A 56 8.01 5.82 -0.09
CA ARG A 56 8.44 4.51 -0.58
C ARG A 56 7.37 3.88 -1.46
N GLN A 57 7.80 3.10 -2.44
CA GLN A 57 6.88 2.44 -3.35
C GLN A 57 7.11 0.93 -3.36
N GLY A 58 6.02 0.18 -3.14
CA GLY A 58 6.10 -1.27 -3.11
C GLY A 58 4.80 -1.92 -3.53
N TRP A 59 4.89 -3.12 -4.10
CA TRP A 59 3.71 -3.86 -4.53
C TRP A 59 3.01 -4.49 -3.34
N VAL A 60 1.68 -4.38 -3.30
CA VAL A 60 0.89 -4.93 -2.22
C VAL A 60 -0.29 -5.75 -2.74
N SER A 61 -0.90 -6.54 -1.86
CA SER A 61 -2.03 -7.36 -2.23
C SER A 61 -3.36 -6.64 -1.98
N PRO A 62 -4.16 -6.41 -3.04
CA PRO A 62 -5.45 -5.71 -2.91
C PRO A 62 -6.52 -6.56 -2.22
N ALA A 63 -6.16 -7.81 -1.90
CA ALA A 63 -7.09 -8.72 -1.24
C ALA A 63 -7.24 -8.37 0.24
N TYR A 64 -6.45 -7.40 0.69
CA TYR A 64 -6.49 -6.96 2.08
C TYR A 64 -6.67 -5.45 2.19
N LEU A 65 -6.89 -4.82 1.03
CA LEU A 65 -7.07 -3.38 0.97
C LEU A 65 -8.52 -3.02 0.65
N ASP A 66 -9.09 -2.12 1.43
CA ASP A 66 -10.47 -1.68 1.24
C ASP A 66 -10.52 -0.26 0.69
N ARG A 67 -11.52 0.01 -0.14
CA ARG A 67 -11.68 1.34 -0.73
C ARG A 67 -11.94 2.38 0.34
N ARG A 68 -11.14 3.45 0.33
CA ARG A 68 -11.27 4.52 1.31
C ARG A 68 -11.02 5.87 0.67
N LEU A 69 -11.86 6.85 1.00
CA LEU A 69 -11.74 8.20 0.45
C LEU A 69 -11.25 9.18 1.51
N LYS A 70 -10.43 10.15 1.09
CA LYS A 70 -9.90 11.16 2.00
C LYS A 70 -10.85 12.35 2.09
N LEU A 71 -10.66 13.17 3.12
CA LEU A 71 -11.48 14.35 3.32
C LEU A 71 -11.00 15.51 2.46
N ILE A 4 -7.98 11.79 -7.61
CA ILE A 4 -7.47 10.98 -8.74
C ILE A 4 -7.01 9.60 -8.27
N PHE A 5 -6.06 9.58 -7.34
CA PHE A 5 -5.54 8.33 -6.81
C PHE A 5 -6.50 7.75 -5.76
N ASP A 6 -6.29 6.48 -5.42
CA ASP A 6 -7.14 5.82 -4.43
C ASP A 6 -6.32 5.28 -3.26
N ILE A 7 -6.50 5.88 -2.10
CA ILE A 7 -5.79 5.47 -0.89
C ILE A 7 -6.50 4.30 -0.21
N TYR A 8 -5.73 3.32 0.23
CA TYR A 8 -6.26 2.15 0.91
C TYR A 8 -5.78 2.09 2.35
N VAL A 9 -6.50 1.34 3.18
CA VAL A 9 -6.14 1.21 4.59
C VAL A 9 -6.01 -0.26 4.99
N VAL A 10 -4.96 -0.56 5.75
CA VAL A 10 -4.71 -1.92 6.21
C VAL A 10 -5.43 -2.18 7.53
N THR A 11 -6.23 -3.24 7.56
CA THR A 11 -6.98 -3.59 8.76
C THR A 11 -6.79 -5.06 9.12
N ALA A 12 -5.74 -5.67 8.57
CA ALA A 12 -5.46 -7.08 8.83
C ALA A 12 -3.98 -7.30 9.11
N ASP A 13 -3.24 -6.20 9.24
CA ASP A 13 -1.80 -6.28 9.51
C ASP A 13 -1.08 -7.09 8.42
N TYR A 14 -0.64 -6.40 7.38
CA TYR A 14 0.05 -7.06 6.28
C TYR A 14 1.56 -6.82 6.34
N LEU A 15 2.28 -7.80 6.89
CA LEU A 15 3.73 -7.70 7.01
C LEU A 15 4.43 -8.78 6.18
N PRO A 16 5.57 -8.45 5.55
CA PRO A 16 6.32 -9.40 4.72
C PRO A 16 6.76 -10.63 5.51
N LEU A 17 6.31 -11.80 5.08
CA LEU A 17 6.67 -13.05 5.75
C LEU A 17 8.04 -13.50 5.29
N GLY A 18 9.07 -13.16 6.08
CA GLY A 18 10.42 -13.54 5.73
C GLY A 18 11.08 -12.55 4.81
N ALA A 19 11.53 -13.02 3.65
CA ALA A 19 12.19 -12.17 2.67
C ALA A 19 11.54 -12.29 1.30
N GLU A 20 10.71 -11.31 0.95
CA GLU A 20 10.02 -11.31 -0.34
C GLU A 20 10.59 -10.22 -1.25
N GLN A 21 10.48 -10.44 -2.56
CA GLN A 21 10.99 -9.49 -3.54
C GLN A 21 9.87 -8.56 -4.02
N ASP A 22 10.23 -7.31 -4.28
CA ASP A 22 9.27 -6.31 -4.75
C ASP A 22 8.14 -6.13 -3.74
N ALA A 23 8.39 -6.51 -2.49
CA ALA A 23 7.39 -6.38 -1.45
C ALA A 23 7.75 -5.28 -0.46
N ILE A 24 6.73 -4.64 0.10
CA ILE A 24 6.93 -3.56 1.07
C ILE A 24 6.26 -3.88 2.39
N THR A 25 6.86 -3.41 3.48
CA THR A 25 6.32 -3.64 4.81
C THR A 25 5.23 -2.65 5.16
N LEU A 26 4.01 -3.14 5.34
CA LEU A 26 2.88 -2.30 5.69
C LEU A 26 2.43 -2.56 7.13
N ARG A 27 1.80 -1.56 7.74
CA ARG A 27 1.32 -1.68 9.11
C ARG A 27 -0.19 -1.52 9.17
N GLU A 28 -0.83 -2.28 10.06
CA GLU A 28 -2.27 -2.23 10.22
C GLU A 28 -2.72 -0.83 10.64
N GLY A 29 -3.23 -0.06 9.68
CA GLY A 29 -3.68 1.29 9.97
C GLY A 29 -2.93 2.33 9.16
N GLN A 30 -2.28 1.89 8.10
CA GLN A 30 -1.52 2.77 7.24
C GLN A 30 -2.30 3.10 5.97
N TYR A 31 -2.15 4.34 5.49
CA TYR A 31 -2.85 4.78 4.28
C TYR A 31 -1.86 4.94 3.13
N VAL A 32 -2.27 4.53 1.93
CA VAL A 32 -1.41 4.63 0.77
C VAL A 32 -2.21 4.58 -0.54
N GLU A 33 -2.04 5.62 -1.37
CA GLU A 33 -2.72 5.70 -2.66
C GLU A 33 -2.06 4.76 -3.67
N VAL A 34 -2.83 4.33 -4.66
CA VAL A 34 -2.34 3.43 -5.69
C VAL A 34 -1.84 4.22 -6.91
N LEU A 35 -0.76 3.74 -7.51
CA LEU A 35 -0.17 4.38 -8.68
C LEU A 35 -0.47 3.58 -9.95
N ASP A 36 0.16 2.43 -10.08
CA ASP A 36 -0.04 1.56 -11.23
C ASP A 36 -0.69 0.25 -10.84
N ALA A 37 -1.17 -0.50 -11.82
CA ALA A 37 -1.82 -1.78 -11.57
C ALA A 37 -0.95 -2.94 -12.07
N ALA A 38 -0.71 -2.95 -13.37
CA ALA A 38 0.10 -4.00 -14.00
C ALA A 38 -0.51 -5.37 -13.79
N HIS A 39 -0.16 -6.00 -12.67
CA HIS A 39 -0.67 -7.33 -12.35
C HIS A 39 -2.01 -7.22 -11.60
N PRO A 40 -3.09 -7.80 -12.17
CA PRO A 40 -4.42 -7.75 -11.54
C PRO A 40 -4.40 -8.23 -10.08
N LEU A 41 -3.46 -9.09 -9.76
CA LEU A 41 -3.33 -9.62 -8.40
C LEU A 41 -2.78 -8.56 -7.47
N ARG A 42 -1.55 -8.12 -7.72
CA ARG A 42 -0.91 -7.10 -6.90
C ARG A 42 -0.70 -5.82 -7.70
N TRP A 43 -1.12 -4.70 -7.11
CA TRP A 43 -0.98 -3.40 -7.75
C TRP A 43 0.15 -2.58 -7.12
N LEU A 44 0.70 -1.66 -7.90
CA LEU A 44 1.77 -0.79 -7.41
C LEU A 44 1.21 0.36 -6.59
N VAL A 45 1.77 0.57 -5.41
CA VAL A 45 1.30 1.64 -4.52
C VAL A 45 2.48 2.42 -3.94
N ARG A 46 2.22 3.66 -3.56
CA ARG A 46 3.24 4.53 -2.98
C ARG A 46 2.69 5.30 -1.79
N THR A 47 3.18 4.97 -0.60
CA THR A 47 2.74 5.63 0.62
C THR A 47 2.86 7.14 0.51
N LYS A 48 1.74 7.83 0.70
CA LYS A 48 1.73 9.29 0.63
C LYS A 48 2.56 9.90 1.75
N PRO A 49 3.65 10.62 1.42
CA PRO A 49 4.52 11.24 2.42
C PRO A 49 3.96 12.55 2.96
N THR A 50 4.63 13.09 3.98
CA THR A 50 4.22 14.34 4.60
C THR A 50 5.29 14.86 5.54
N LYS A 51 5.44 16.19 5.59
CA LYS A 51 6.44 16.82 6.44
C LYS A 51 7.86 16.46 5.98
N SER A 52 8.32 15.28 6.36
CA SER A 52 9.64 14.80 5.97
C SER A 52 9.69 13.27 5.97
N SER A 53 8.53 12.66 5.79
CA SER A 53 8.43 11.21 5.77
C SER A 53 8.83 10.65 4.41
N PRO A 54 9.87 9.80 4.35
CA PRO A 54 10.35 9.19 3.10
C PRO A 54 9.27 8.35 2.43
N SER A 55 9.05 8.59 1.14
CA SER A 55 8.05 7.84 0.38
C SER A 55 8.65 6.55 -0.16
N ARG A 56 7.85 5.48 -0.18
CA ARG A 56 8.30 4.20 -0.67
C ARG A 56 7.26 3.57 -1.59
N GLN A 57 7.71 2.67 -2.47
CA GLN A 57 6.82 1.99 -3.40
C GLN A 57 6.98 0.47 -3.31
N GLY A 58 5.86 -0.23 -3.21
CA GLY A 58 5.89 -1.68 -3.11
C GLY A 58 4.64 -2.33 -3.69
N TRP A 59 4.75 -3.63 -3.98
CA TRP A 59 3.62 -4.38 -4.54
C TRP A 59 2.98 -5.26 -3.47
N VAL A 60 1.73 -4.96 -3.13
CA VAL A 60 1.00 -5.73 -2.12
C VAL A 60 -0.37 -6.15 -2.63
N SER A 61 -1.00 -7.08 -1.91
CA SER A 61 -2.32 -7.58 -2.29
C SER A 61 -3.43 -6.66 -1.75
N PRO A 62 -4.19 -5.99 -2.64
CA PRO A 62 -5.28 -5.09 -2.24
C PRO A 62 -6.47 -5.84 -1.66
N ALA A 63 -6.39 -7.16 -1.65
CA ALA A 63 -7.46 -7.99 -1.12
C ALA A 63 -7.69 -7.70 0.36
N TYR A 64 -6.61 -7.48 1.09
CA TYR A 64 -6.69 -7.18 2.52
C TYR A 64 -6.81 -5.67 2.76
N LEU A 65 -6.97 -4.92 1.67
CA LEU A 65 -7.09 -3.47 1.76
C LEU A 65 -8.55 -3.04 1.64
N ASP A 66 -8.81 -1.77 1.95
CA ASP A 66 -10.16 -1.23 1.90
C ASP A 66 -10.17 0.13 1.19
N ARG A 67 -11.15 0.34 0.33
CA ARG A 67 -11.26 1.58 -0.43
C ARG A 67 -11.55 2.76 0.50
N ARG A 68 -10.83 3.85 0.31
CA ARG A 68 -11.00 5.06 1.11
C ARG A 68 -10.98 6.30 0.24
N LEU A 69 -12.02 7.14 0.37
CA LEU A 69 -12.12 8.36 -0.42
C LEU A 69 -12.33 9.57 0.49
N LYS A 70 -11.63 10.66 0.20
CA LYS A 70 -11.75 11.89 0.97
C LYS A 70 -11.35 11.66 2.43
N LEU A 71 -11.47 12.71 3.23
CA LEU A 71 -11.14 12.63 4.65
C LEU A 71 -12.36 12.26 5.48
N ILE A 4 -6.06 12.69 -4.26
CA ILE A 4 -5.40 12.14 -5.46
C ILE A 4 -5.21 10.63 -5.35
N PHE A 5 -5.33 9.93 -6.48
CA PHE A 5 -5.17 8.49 -6.52
C PHE A 5 -6.14 7.81 -5.56
N ASP A 6 -5.92 6.51 -5.30
CA ASP A 6 -6.78 5.75 -4.40
C ASP A 6 -6.01 5.25 -3.18
N ILE A 7 -6.21 5.91 -2.05
CA ILE A 7 -5.54 5.52 -0.82
C ILE A 7 -6.31 4.41 -0.10
N TYR A 8 -5.59 3.38 0.33
CA TYR A 8 -6.20 2.26 1.03
C TYR A 8 -5.77 2.22 2.49
N VAL A 9 -6.59 1.59 3.34
CA VAL A 9 -6.30 1.50 4.76
C VAL A 9 -6.17 0.03 5.19
N VAL A 10 -5.06 -0.28 5.86
CA VAL A 10 -4.82 -1.64 6.32
C VAL A 10 -5.59 -1.92 7.62
N THR A 11 -6.56 -2.82 7.53
CA THR A 11 -7.38 -3.17 8.69
C THR A 11 -7.41 -4.68 8.92
N ALA A 12 -6.32 -5.35 8.58
CA ALA A 12 -6.24 -6.80 8.75
C ALA A 12 -4.81 -7.26 9.04
N ASP A 13 -3.90 -6.29 9.17
CA ASP A 13 -2.49 -6.59 9.44
C ASP A 13 -1.87 -7.42 8.31
N TYR A 14 -0.94 -6.81 7.57
CA TYR A 14 -0.28 -7.50 6.46
C TYR A 14 1.24 -7.39 6.60
N LEU A 15 1.85 -8.48 7.04
CA LEU A 15 3.31 -8.52 7.20
C LEU A 15 3.93 -9.58 6.28
N PRO A 16 4.86 -9.17 5.39
CA PRO A 16 5.52 -10.09 4.46
C PRO A 16 6.27 -11.20 5.19
N LEU A 17 6.17 -12.42 4.67
CA LEU A 17 6.83 -13.57 5.27
C LEU A 17 8.02 -14.00 4.42
N GLY A 18 9.22 -13.54 4.81
CA GLY A 18 10.42 -13.88 4.07
C GLY A 18 11.10 -12.67 3.46
N ALA A 19 11.58 -12.82 2.24
CA ALA A 19 12.26 -11.73 1.55
C ALA A 19 11.56 -11.40 0.22
N GLU A 20 10.91 -10.24 0.18
CA GLU A 20 10.20 -9.82 -1.03
C GLU A 20 10.88 -8.60 -1.65
N GLN A 21 11.40 -8.78 -2.86
CA GLN A 21 12.08 -7.70 -3.57
C GLN A 21 11.08 -6.71 -4.15
N ASP A 22 11.47 -5.44 -4.23
CA ASP A 22 10.61 -4.41 -4.78
C ASP A 22 9.28 -4.31 -4.01
N ALA A 23 9.27 -4.84 -2.80
CA ALA A 23 8.07 -4.81 -1.97
C ALA A 23 8.20 -3.78 -0.85
N ILE A 24 7.08 -3.53 -0.16
CA ILE A 24 7.07 -2.57 0.93
C ILE A 24 6.27 -3.10 2.12
N THR A 25 6.81 -2.90 3.32
CA THR A 25 6.15 -3.35 4.54
C THR A 25 4.91 -2.51 4.83
N LEU A 26 3.90 -3.16 5.43
CA LEU A 26 2.65 -2.48 5.76
C LEU A 26 2.24 -2.78 7.20
N ARG A 27 1.45 -1.88 7.78
CA ARG A 27 0.97 -2.05 9.15
C ARG A 27 -0.51 -1.67 9.26
N GLU A 28 -1.25 -2.45 10.04
CA GLU A 28 -2.68 -2.20 10.21
C GLU A 28 -2.92 -0.81 10.80
N GLY A 29 -3.35 0.11 9.94
CA GLY A 29 -3.63 1.47 10.39
C GLY A 29 -2.92 2.51 9.55
N GLN A 30 -2.24 2.06 8.49
CA GLN A 30 -1.52 2.96 7.61
C GLN A 30 -2.30 3.23 6.33
N TYR A 31 -2.03 4.37 5.70
CA TYR A 31 -2.70 4.75 4.46
C TYR A 31 -1.69 4.87 3.31
N VAL A 32 -2.09 4.42 2.13
CA VAL A 32 -1.21 4.48 0.97
C VAL A 32 -1.98 4.39 -0.34
N GLU A 33 -1.78 5.39 -1.20
CA GLU A 33 -2.43 5.45 -2.50
C GLU A 33 -1.77 4.46 -3.48
N VAL A 34 -2.56 4.00 -4.45
CA VAL A 34 -2.06 3.06 -5.45
C VAL A 34 -1.58 3.78 -6.71
N LEU A 35 -0.52 3.25 -7.33
CA LEU A 35 0.04 3.84 -8.53
C LEU A 35 -0.33 3.03 -9.78
N ASP A 36 0.27 1.85 -9.91
CA ASP A 36 0.03 0.98 -11.06
C ASP A 36 -1.43 0.58 -11.16
N ALA A 37 -1.84 -0.38 -10.34
CA ALA A 37 -3.21 -0.88 -10.33
C ALA A 37 -3.57 -1.51 -11.68
N ALA A 38 -3.28 -2.80 -11.82
CA ALA A 38 -3.56 -3.52 -13.05
C ALA A 38 -4.01 -4.96 -12.77
N HIS A 39 -3.07 -5.80 -12.37
CA HIS A 39 -3.37 -7.21 -12.08
C HIS A 39 -3.87 -7.36 -10.64
N PRO A 40 -5.06 -7.95 -10.45
CA PRO A 40 -5.65 -8.15 -9.11
C PRO A 40 -4.68 -8.82 -8.14
N LEU A 41 -3.70 -9.54 -8.68
CA LEU A 41 -2.71 -10.23 -7.88
C LEU A 41 -1.97 -9.27 -6.96
N ARG A 42 -1.19 -8.37 -7.54
CA ARG A 42 -0.42 -7.39 -6.77
C ARG A 42 -0.33 -6.05 -7.50
N TRP A 43 -0.35 -4.97 -6.72
CA TRP A 43 -0.27 -3.62 -7.29
C TRP A 43 0.91 -2.85 -6.71
N LEU A 44 1.41 -1.88 -7.48
CA LEU A 44 2.52 -1.06 -7.04
C LEU A 44 2.01 0.20 -6.36
N VAL A 45 2.07 0.20 -5.03
CA VAL A 45 1.60 1.33 -4.24
C VAL A 45 2.75 2.11 -3.64
N ARG A 46 2.54 3.41 -3.43
CA ARG A 46 3.56 4.28 -2.85
C ARG A 46 2.99 5.06 -1.68
N THR A 47 3.50 4.81 -0.48
CA THR A 47 3.03 5.49 0.72
C THR A 47 3.12 7.00 0.56
N LYS A 48 2.01 7.68 0.83
CA LYS A 48 1.97 9.14 0.71
C LYS A 48 2.70 9.80 1.88
N PRO A 49 3.73 10.64 1.59
CA PRO A 49 4.49 11.33 2.64
C PRO A 49 3.79 12.58 3.14
N THR A 50 4.46 13.33 4.00
CA THR A 50 3.90 14.56 4.55
C THR A 50 4.94 15.68 4.62
N LYS A 51 6.12 15.34 5.13
CA LYS A 51 7.21 16.31 5.26
C LYS A 51 8.43 15.66 5.89
N SER A 52 8.27 14.42 6.33
CA SER A 52 9.36 13.67 6.96
C SER A 52 9.17 12.17 6.78
N SER A 53 8.00 11.78 6.27
CA SER A 53 7.70 10.36 6.07
C SER A 53 8.31 9.87 4.75
N PRO A 54 9.31 8.98 4.81
CA PRO A 54 9.97 8.44 3.61
C PRO A 54 8.98 7.70 2.71
N SER A 55 8.78 8.22 1.51
CA SER A 55 7.86 7.62 0.55
C SER A 55 8.55 6.51 -0.24
N ARG A 56 8.04 5.29 -0.09
CA ARG A 56 8.59 4.13 -0.78
C ARG A 56 7.50 3.41 -1.57
N GLN A 57 7.88 2.75 -2.66
CA GLN A 57 6.92 2.02 -3.48
C GLN A 57 7.23 0.52 -3.47
N GLY A 58 6.20 -0.27 -3.23
CA GLY A 58 6.37 -1.72 -3.20
C GLY A 58 5.11 -2.46 -3.61
N TRP A 59 5.28 -3.65 -4.18
CA TRP A 59 4.16 -4.46 -4.62
C TRP A 59 3.48 -5.14 -3.43
N VAL A 60 2.18 -4.86 -3.27
CA VAL A 60 1.42 -5.44 -2.18
C VAL A 60 0.11 -6.04 -2.67
N SER A 61 -0.59 -6.73 -1.78
CA SER A 61 -1.86 -7.36 -2.12
C SER A 61 -3.03 -6.47 -1.72
N PRO A 62 -3.86 -6.02 -2.69
CA PRO A 62 -5.00 -5.16 -2.41
C PRO A 62 -6.15 -5.91 -1.75
N ALA A 63 -6.00 -7.23 -1.65
CA ALA A 63 -7.02 -8.07 -1.04
C ALA A 63 -7.17 -7.77 0.45
N TYR A 64 -6.05 -7.41 1.08
CA TYR A 64 -6.05 -7.09 2.50
C TYR A 64 -6.24 -5.60 2.73
N LEU A 65 -6.56 -4.88 1.66
CA LEU A 65 -6.76 -3.43 1.74
C LEU A 65 -8.21 -3.07 1.48
N ASP A 66 -8.68 -1.99 2.12
CA ASP A 66 -10.05 -1.54 1.95
C ASP A 66 -10.08 -0.20 1.21
N ARG A 67 -10.97 -0.10 0.23
CA ARG A 67 -11.10 1.12 -0.57
C ARG A 67 -11.47 2.30 0.32
N ARG A 68 -10.74 3.41 0.16
CA ARG A 68 -10.98 4.60 0.95
C ARG A 68 -10.92 5.85 0.07
N LEU A 69 -12.08 6.44 -0.20
CA LEU A 69 -12.16 7.63 -1.04
C LEU A 69 -12.80 8.79 -0.28
N LYS A 70 -12.17 9.96 -0.36
CA LYS A 70 -12.69 11.15 0.32
C LYS A 70 -12.37 12.41 -0.49
N LEU A 71 -11.54 12.25 -1.52
CA LEU A 71 -11.16 13.38 -2.37
C LEU A 71 -10.51 14.49 -1.55
N ILE A 4 -4.28 13.20 -7.34
CA ILE A 4 -4.71 12.28 -6.25
C ILE A 4 -4.97 10.88 -6.79
N PHE A 5 -5.03 9.91 -5.89
CA PHE A 5 -5.28 8.52 -6.26
C PHE A 5 -6.18 7.82 -5.24
N ASP A 6 -6.23 6.51 -5.30
CA ASP A 6 -7.06 5.73 -4.38
C ASP A 6 -6.25 5.18 -3.20
N ILE A 7 -6.45 5.76 -2.03
CA ILE A 7 -5.75 5.32 -0.82
C ILE A 7 -6.47 4.17 -0.15
N TYR A 8 -5.79 3.02 -0.07
CA TYR A 8 -6.35 1.84 0.56
C TYR A 8 -5.91 1.73 2.01
N VAL A 9 -6.87 1.60 2.92
CA VAL A 9 -6.57 1.50 4.33
C VAL A 9 -6.28 0.05 4.72
N VAL A 10 -5.20 -0.14 5.49
CA VAL A 10 -4.81 -1.47 5.93
C VAL A 10 -5.56 -1.87 7.19
N THR A 11 -6.24 -3.01 7.13
CA THR A 11 -7.01 -3.51 8.27
C THR A 11 -6.67 -4.97 8.56
N ALA A 12 -5.57 -5.44 7.97
CA ALA A 12 -5.14 -6.81 8.17
C ALA A 12 -3.66 -6.88 8.54
N ASP A 13 -3.09 -5.73 8.90
CA ASP A 13 -1.68 -5.63 9.28
C ASP A 13 -0.75 -5.89 8.09
N TYR A 14 -0.71 -7.13 7.63
CA TYR A 14 0.12 -7.52 6.50
C TYR A 14 1.61 -7.37 6.82
N LEU A 15 2.18 -8.39 7.45
CA LEU A 15 3.59 -8.37 7.82
C LEU A 15 4.35 -9.50 7.10
N PRO A 16 5.18 -9.16 6.10
CA PRO A 16 5.96 -10.16 5.35
C PRO A 16 6.89 -10.97 6.26
N LEU A 17 6.94 -12.28 6.02
CA LEU A 17 7.80 -13.16 6.80
C LEU A 17 9.10 -13.43 6.06
N GLY A 18 10.14 -12.67 6.40
CA GLY A 18 11.43 -12.84 5.76
C GLY A 18 11.73 -11.72 4.79
N ALA A 19 12.78 -11.90 3.98
CA ALA A 19 13.17 -10.89 3.01
C ALA A 19 12.64 -11.23 1.62
N GLU A 20 11.58 -10.54 1.22
CA GLU A 20 10.98 -10.77 -0.10
C GLU A 20 11.44 -9.72 -1.09
N GLN A 21 11.51 -10.12 -2.36
CA GLN A 21 11.94 -9.21 -3.42
C GLN A 21 10.84 -8.23 -3.79
N ASP A 22 11.23 -7.01 -4.17
CA ASP A 22 10.29 -5.95 -4.56
C ASP A 22 9.09 -5.91 -3.61
N ALA A 23 9.32 -6.26 -2.35
CA ALA A 23 8.27 -6.26 -1.34
C ALA A 23 8.36 -5.01 -0.45
N ILE A 24 7.30 -4.77 0.32
CA ILE A 24 7.26 -3.63 1.22
C ILE A 24 6.53 -3.97 2.51
N THR A 25 7.02 -3.44 3.62
CA THR A 25 6.41 -3.69 4.93
C THR A 25 5.32 -2.67 5.23
N LEU A 26 4.26 -3.13 5.88
CA LEU A 26 3.14 -2.27 6.24
C LEU A 26 2.69 -2.51 7.67
N ARG A 27 1.84 -1.63 8.18
CA ARG A 27 1.33 -1.75 9.54
C ARG A 27 -0.18 -1.51 9.57
N GLU A 28 -0.88 -2.28 10.41
CA GLU A 28 -2.32 -2.16 10.53
C GLU A 28 -2.70 -0.75 10.99
N GLY A 29 -3.19 0.06 10.05
CA GLY A 29 -3.59 1.42 10.36
C GLY A 29 -2.89 2.44 9.48
N GLN A 30 -2.28 1.96 8.41
CA GLN A 30 -1.57 2.82 7.47
C GLN A 30 -2.40 3.09 6.23
N TYR A 31 -2.12 4.21 5.58
CA TYR A 31 -2.85 4.60 4.37
C TYR A 31 -1.87 4.80 3.22
N VAL A 32 -2.25 4.33 2.03
CA VAL A 32 -1.38 4.46 0.86
C VAL A 32 -2.18 4.45 -0.45
N GLU A 33 -2.00 5.50 -1.25
CA GLU A 33 -2.66 5.60 -2.55
C GLU A 33 -1.99 4.70 -3.57
N VAL A 34 -2.76 4.28 -4.58
CA VAL A 34 -2.25 3.41 -5.62
C VAL A 34 -1.73 4.22 -6.81
N LEU A 35 -0.55 3.83 -7.30
CA LEU A 35 0.05 4.51 -8.45
C LEU A 35 -0.48 3.93 -9.76
N ASP A 36 -0.13 2.68 -10.03
CA ASP A 36 -0.56 2.01 -11.25
C ASP A 36 -1.53 0.87 -10.94
N ALA A 37 -2.34 0.51 -11.92
CA ALA A 37 -3.32 -0.57 -11.76
C ALA A 37 -3.64 -1.23 -13.10
N ALA A 38 -3.32 -2.52 -13.21
CA ALA A 38 -3.58 -3.26 -14.43
C ALA A 38 -3.66 -4.76 -14.16
N HIS A 39 -3.15 -5.20 -13.01
CA HIS A 39 -3.16 -6.60 -12.64
C HIS A 39 -3.97 -6.83 -11.36
N PRO A 40 -5.12 -7.52 -11.46
CA PRO A 40 -5.99 -7.79 -10.30
C PRO A 40 -5.22 -8.46 -9.16
N LEU A 41 -4.12 -9.12 -9.49
CA LEU A 41 -3.30 -9.81 -8.50
C LEU A 41 -2.77 -8.81 -7.46
N ARG A 42 -1.86 -7.94 -7.89
CA ARG A 42 -1.28 -6.94 -7.00
C ARG A 42 -1.02 -5.64 -7.75
N TRP A 43 -1.53 -4.53 -7.21
CA TRP A 43 -1.36 -3.22 -7.84
C TRP A 43 -0.16 -2.49 -7.24
N LEU A 44 0.43 -1.60 -8.03
CA LEU A 44 1.59 -0.82 -7.60
C LEU A 44 1.13 0.37 -6.77
N VAL A 45 1.63 0.47 -5.53
CA VAL A 45 1.26 1.56 -4.65
C VAL A 45 2.48 2.30 -4.10
N ARG A 46 2.25 3.49 -3.58
CA ARG A 46 3.31 4.32 -3.02
C ARG A 46 2.82 5.07 -1.79
N THR A 47 3.35 4.69 -0.62
CA THR A 47 2.96 5.33 0.63
C THR A 47 3.22 6.83 0.60
N LYS A 48 2.38 7.58 1.31
CA LYS A 48 2.52 9.03 1.37
C LYS A 48 3.52 9.44 2.45
N PRO A 49 4.32 10.49 2.20
CA PRO A 49 5.31 10.96 3.15
C PRO A 49 4.76 12.02 4.10
N THR A 50 5.36 12.13 5.28
CA THR A 50 4.95 13.10 6.28
C THR A 50 5.74 14.39 6.15
N LYS A 51 6.06 14.77 4.92
CA LYS A 51 6.82 15.99 4.65
C LYS A 51 8.22 15.91 5.25
N SER A 52 8.65 14.69 5.56
CA SER A 52 9.97 14.46 6.13
C SER A 52 10.39 13.00 5.98
N SER A 53 9.42 12.10 6.09
CA SER A 53 9.68 10.67 5.97
C SER A 53 9.72 10.24 4.50
N PRO A 54 10.83 9.62 4.07
CA PRO A 54 10.99 9.15 2.69
C PRO A 54 9.89 8.17 2.28
N SER A 55 9.32 8.38 1.10
CA SER A 55 8.27 7.51 0.59
C SER A 55 8.85 6.22 0.03
N ARG A 56 8.08 5.14 0.13
CA ARG A 56 8.51 3.84 -0.38
C ARG A 56 7.46 3.24 -1.30
N GLN A 57 7.91 2.63 -2.40
CA GLN A 57 6.99 2.01 -3.36
C GLN A 57 7.13 0.50 -3.36
N GLY A 58 6.00 -0.19 -3.20
CA GLY A 58 6.01 -1.65 -3.19
C GLY A 58 4.69 -2.22 -3.66
N TRP A 59 4.69 -3.50 -4.01
CA TRP A 59 3.48 -4.17 -4.47
C TRP A 59 2.73 -4.79 -3.30
N VAL A 60 1.44 -4.48 -3.19
CA VAL A 60 0.61 -5.00 -2.11
C VAL A 60 -0.58 -5.78 -2.64
N SER A 61 -1.20 -6.58 -1.78
CA SER A 61 -2.35 -7.39 -2.16
C SER A 61 -3.66 -6.66 -1.83
N PRO A 62 -4.47 -6.34 -2.86
CA PRO A 62 -5.75 -5.64 -2.66
C PRO A 62 -6.78 -6.50 -1.93
N ALA A 63 -6.46 -7.77 -1.76
CA ALA A 63 -7.36 -8.71 -1.08
C ALA A 63 -7.54 -8.31 0.39
N TYR A 64 -6.48 -7.76 0.98
CA TYR A 64 -6.52 -7.35 2.38
C TYR A 64 -6.63 -5.82 2.49
N LEU A 65 -6.75 -5.17 1.35
CA LEU A 65 -6.88 -3.70 1.32
C LEU A 65 -8.28 -3.28 0.90
N ASP A 66 -8.73 -2.16 1.45
CA ASP A 66 -10.06 -1.63 1.14
C ASP A 66 -9.98 -0.22 0.58
N ARG A 67 -10.51 -0.04 -0.62
CA ARG A 67 -10.49 1.27 -1.28
C ARG A 67 -11.31 2.28 -0.48
N ARG A 68 -10.81 3.52 -0.43
CA ARG A 68 -11.51 4.58 0.31
C ARG A 68 -11.46 5.90 -0.46
N LEU A 69 -12.64 6.51 -0.62
CA LEU A 69 -12.76 7.78 -1.32
C LEU A 69 -13.39 8.84 -0.41
N LYS A 70 -12.55 9.71 0.14
CA LYS A 70 -13.02 10.76 1.03
C LYS A 70 -13.26 12.06 0.26
N LEU A 71 -14.40 12.70 0.51
CA LEU A 71 -14.75 13.95 -0.15
C LEU A 71 -14.01 15.12 0.50
N ILE A 4 -8.41 11.25 -10.03
CA ILE A 4 -7.60 11.24 -8.78
C ILE A 4 -7.22 9.82 -8.38
N PHE A 5 -6.31 9.70 -7.42
CA PHE A 5 -5.85 8.41 -6.94
C PHE A 5 -6.78 7.85 -5.87
N ASP A 6 -6.57 6.59 -5.51
CA ASP A 6 -7.40 5.94 -4.50
C ASP A 6 -6.56 5.42 -3.34
N ILE A 7 -6.69 6.06 -2.19
CA ILE A 7 -5.96 5.67 -1.00
C ILE A 7 -6.68 4.55 -0.26
N TYR A 8 -6.04 3.38 -0.20
CA TYR A 8 -6.61 2.23 0.48
C TYR A 8 -6.11 2.13 1.91
N VAL A 9 -6.99 1.71 2.82
CA VAL A 9 -6.63 1.58 4.23
C VAL A 9 -6.38 0.11 4.58
N VAL A 10 -5.29 -0.14 5.32
CA VAL A 10 -4.94 -1.50 5.72
C VAL A 10 -5.50 -1.81 7.10
N THR A 11 -6.40 -2.79 7.17
CA THR A 11 -7.01 -3.19 8.43
C THR A 11 -6.73 -4.67 8.72
N ALA A 12 -5.84 -5.26 7.92
CA ALA A 12 -5.49 -6.66 8.09
C ALA A 12 -4.02 -6.82 8.48
N ASP A 13 -3.44 -5.75 9.03
CA ASP A 13 -2.03 -5.76 9.44
C ASP A 13 -1.11 -5.95 8.23
N TYR A 14 -0.96 -7.19 7.79
CA TYR A 14 -0.10 -7.52 6.65
C TYR A 14 1.36 -7.14 6.93
N LEU A 15 2.07 -8.03 7.60
CA LEU A 15 3.47 -7.80 7.93
C LEU A 15 4.37 -8.85 7.27
N PRO A 16 5.16 -8.45 6.24
CA PRO A 16 6.06 -9.38 5.55
C PRO A 16 7.07 -10.00 6.50
N LEU A 17 7.22 -11.32 6.42
CA LEU A 17 8.16 -12.02 7.28
C LEU A 17 9.52 -12.15 6.60
N GLY A 18 10.42 -11.22 6.93
CA GLY A 18 11.75 -11.24 6.35
C GLY A 18 11.95 -10.13 5.34
N ALA A 19 12.99 -10.25 4.53
CA ALA A 19 13.29 -9.25 3.51
C ALA A 19 12.88 -9.75 2.13
N GLU A 20 11.72 -9.30 1.66
CA GLU A 20 11.22 -9.69 0.34
C GLU A 20 11.48 -8.60 -0.69
N GLN A 21 11.90 -9.01 -1.88
CA GLN A 21 12.18 -8.09 -2.96
C GLN A 21 10.89 -7.49 -3.53
N ASP A 22 10.94 -6.22 -3.89
CA ASP A 22 9.78 -5.52 -4.45
C ASP A 22 8.60 -5.57 -3.49
N ALA A 23 8.88 -5.76 -2.21
CA ALA A 23 7.84 -5.82 -1.19
C ALA A 23 8.02 -4.71 -0.15
N ILE A 24 6.91 -4.09 0.23
CA ILE A 24 6.94 -3.01 1.22
C ILE A 24 6.20 -3.41 2.49
N THR A 25 6.77 -3.06 3.64
CA THR A 25 6.16 -3.37 4.92
C THR A 25 4.96 -2.46 5.19
N LEU A 26 3.89 -3.05 5.71
CA LEU A 26 2.68 -2.30 6.00
C LEU A 26 2.16 -2.62 7.40
N ARG A 27 1.57 -1.61 8.05
CA ARG A 27 1.03 -1.77 9.39
C ARG A 27 -0.47 -1.46 9.40
N GLU A 28 -1.22 -2.20 10.21
CA GLU A 28 -2.65 -1.99 10.31
C GLU A 28 -2.97 -0.55 10.68
N GLY A 29 -3.35 0.24 9.67
CA GLY A 29 -3.68 1.63 9.89
C GLY A 29 -2.88 2.57 8.99
N GLN A 30 -2.31 2.01 7.94
CA GLN A 30 -1.52 2.78 6.99
C GLN A 30 -2.32 3.11 5.74
N TYR A 31 -2.24 4.36 5.30
CA TYR A 31 -2.95 4.81 4.10
C TYR A 31 -1.98 4.95 2.93
N VAL A 32 -2.43 4.53 1.74
CA VAL A 32 -1.59 4.62 0.55
C VAL A 32 -2.41 4.57 -0.74
N GLU A 33 -2.24 5.59 -1.57
CA GLU A 33 -2.94 5.68 -2.85
C GLU A 33 -2.34 4.71 -3.88
N VAL A 34 -3.16 4.28 -4.84
CA VAL A 34 -2.72 3.36 -5.87
C VAL A 34 -2.29 4.11 -7.13
N LEU A 35 -1.21 3.63 -7.76
CA LEU A 35 -0.70 4.24 -8.98
C LEU A 35 -1.23 3.52 -10.20
N ASP A 36 -0.76 2.29 -10.40
CA ASP A 36 -1.18 1.47 -11.54
C ASP A 36 -1.71 0.13 -11.07
N ALA A 37 -2.38 -0.58 -11.98
CA ALA A 37 -2.94 -1.89 -11.66
C ALA A 37 -2.24 -3.00 -12.43
N ALA A 38 -2.24 -2.86 -13.76
CA ALA A 38 -1.61 -3.85 -14.64
C ALA A 38 -2.22 -5.23 -14.45
N HIS A 39 -1.69 -5.99 -13.49
CA HIS A 39 -2.19 -7.33 -13.21
C HIS A 39 -3.06 -7.34 -11.95
N PRO A 40 -4.30 -7.85 -12.04
CA PRO A 40 -5.22 -7.91 -10.90
C PRO A 40 -4.61 -8.58 -9.67
N LEU A 41 -3.62 -9.44 -9.92
CA LEU A 41 -2.93 -10.15 -8.84
C LEU A 41 -2.34 -9.18 -7.82
N ARG A 42 -1.52 -8.25 -8.30
CA ARG A 42 -0.90 -7.26 -7.43
C ARG A 42 -0.93 -5.87 -8.06
N TRP A 43 -1.22 -4.87 -7.25
CA TRP A 43 -1.30 -3.48 -7.73
C TRP A 43 -0.13 -2.66 -7.20
N LEU A 44 0.24 -1.63 -7.95
CA LEU A 44 1.33 -0.73 -7.56
C LEU A 44 0.82 0.37 -6.64
N VAL A 45 1.51 0.56 -5.51
CA VAL A 45 1.11 1.58 -4.55
C VAL A 45 2.32 2.22 -3.87
N ARG A 46 2.27 3.54 -3.68
CA ARG A 46 3.35 4.27 -3.03
C ARG A 46 2.82 5.04 -1.83
N THR A 47 3.28 4.68 -0.64
CA THR A 47 2.84 5.34 0.57
C THR A 47 3.29 6.79 0.61
N LYS A 48 2.56 7.61 1.35
CA LYS A 48 2.89 9.04 1.47
C LYS A 48 3.93 9.26 2.55
N PRO A 49 4.90 10.17 2.30
CA PRO A 49 5.96 10.47 3.26
C PRO A 49 5.44 11.23 4.48
N THR A 50 5.92 10.85 5.66
CA THR A 50 5.50 11.48 6.90
C THR A 50 6.47 12.59 7.31
N LYS A 51 7.00 13.29 6.31
CA LYS A 51 7.94 14.39 6.54
C LYS A 51 9.23 13.88 7.20
N SER A 52 9.42 12.56 7.19
CA SER A 52 10.61 11.97 7.77
C SER A 52 11.00 10.68 7.06
N SER A 53 10.05 10.11 6.31
CA SER A 53 10.30 8.88 5.57
C SER A 53 9.89 9.03 4.10
N PRO A 54 10.85 8.90 3.17
CA PRO A 54 10.56 9.03 1.73
C PRO A 54 9.50 8.03 1.26
N SER A 55 8.79 8.40 0.20
CA SER A 55 7.74 7.54 -0.34
C SER A 55 8.34 6.27 -0.95
N ARG A 56 7.84 5.12 -0.49
CA ARG A 56 8.30 3.83 -0.97
C ARG A 56 7.17 3.06 -1.62
N GLN A 57 7.37 2.65 -2.87
CA GLN A 57 6.35 1.91 -3.60
C GLN A 57 6.63 0.42 -3.60
N GLY A 58 5.59 -0.38 -3.33
CA GLY A 58 5.73 -1.82 -3.30
C GLY A 58 4.45 -2.52 -3.68
N TRP A 59 4.56 -3.59 -4.47
CA TRP A 59 3.40 -4.35 -4.91
C TRP A 59 2.86 -5.21 -3.77
N VAL A 60 1.58 -5.05 -3.46
CA VAL A 60 0.95 -5.81 -2.39
C VAL A 60 -0.38 -6.39 -2.84
N SER A 61 -0.97 -7.24 -2.00
CA SER A 61 -2.25 -7.87 -2.31
C SER A 61 -3.41 -6.97 -1.91
N PRO A 62 -4.19 -6.46 -2.90
CA PRO A 62 -5.34 -5.58 -2.62
C PRO A 62 -6.50 -6.32 -1.98
N ALA A 63 -6.35 -7.63 -1.81
CA ALA A 63 -7.40 -8.45 -1.22
C ALA A 63 -7.58 -8.13 0.26
N TYR A 64 -6.64 -7.36 0.81
CA TYR A 64 -6.69 -6.98 2.22
C TYR A 64 -6.81 -5.46 2.35
N LEU A 65 -6.93 -4.77 1.22
CA LEU A 65 -7.05 -3.32 1.21
C LEU A 65 -8.41 -2.88 0.69
N ASP A 66 -9.00 -1.90 1.37
CA ASP A 66 -10.30 -1.37 0.98
C ASP A 66 -10.19 0.10 0.62
N ARG A 67 -10.75 0.48 -0.52
CA ARG A 67 -10.71 1.87 -0.98
C ARG A 67 -11.26 2.81 0.08
N ARG A 68 -10.73 4.03 0.10
CA ARG A 68 -11.17 5.04 1.06
C ARG A 68 -11.18 6.42 0.41
N LEU A 69 -12.31 7.10 0.53
CA LEU A 69 -12.46 8.44 -0.04
C LEU A 69 -12.41 9.50 1.06
N LYS A 70 -11.44 10.41 0.95
CA LYS A 70 -11.28 11.48 1.94
C LYS A 70 -12.33 12.58 1.72
N LEU A 71 -13.13 12.84 2.75
CA LEU A 71 -14.17 13.86 2.68
C LEU A 71 -14.14 14.75 3.92
N ILE A 4 -7.65 11.09 -10.19
CA ILE A 4 -7.62 10.93 -8.72
C ILE A 4 -7.13 9.55 -8.32
N PHE A 5 -6.39 9.47 -7.22
CA PHE A 5 -5.86 8.20 -6.73
C PHE A 5 -6.78 7.62 -5.65
N ASP A 6 -6.56 6.36 -5.31
CA ASP A 6 -7.37 5.68 -4.30
C ASP A 6 -6.51 5.16 -3.15
N ILE A 7 -6.67 5.77 -1.98
CA ILE A 7 -5.90 5.38 -0.80
C ILE A 7 -6.56 4.20 -0.07
N TYR A 8 -5.81 3.12 0.09
CA TYR A 8 -6.30 1.94 0.78
C TYR A 8 -5.87 1.94 2.24
N VAL A 9 -6.63 1.25 3.08
CA VAL A 9 -6.33 1.16 4.50
C VAL A 9 -6.11 -0.27 4.96
N VAL A 10 -5.11 -0.49 5.79
CA VAL A 10 -4.80 -1.82 6.29
C VAL A 10 -5.59 -2.12 7.57
N THR A 11 -6.42 -3.16 7.50
CA THR A 11 -7.23 -3.55 8.65
C THR A 11 -7.06 -5.03 8.97
N ALA A 12 -5.97 -5.61 8.46
CA ALA A 12 -5.69 -7.03 8.68
C ALA A 12 -4.25 -7.25 9.09
N ASP A 13 -3.50 -6.14 9.24
CA ASP A 13 -2.09 -6.22 9.63
C ASP A 13 -1.28 -7.01 8.61
N TYR A 14 -0.55 -6.30 7.75
CA TYR A 14 0.28 -6.94 6.74
C TYR A 14 1.75 -6.92 7.15
N LEU A 15 2.19 -8.00 7.80
CA LEU A 15 3.59 -8.10 8.23
C LEU A 15 4.31 -9.21 7.46
N PRO A 16 5.17 -8.84 6.51
CA PRO A 16 5.93 -9.81 5.71
C PRO A 16 6.80 -10.73 6.57
N LEU A 17 6.66 -12.04 6.34
CA LEU A 17 7.43 -13.01 7.09
C LEU A 17 8.72 -13.34 6.36
N GLY A 18 9.81 -12.68 6.75
CA GLY A 18 11.10 -12.91 6.13
C GLY A 18 11.52 -11.77 5.23
N ALA A 19 12.06 -12.11 4.06
CA ALA A 19 12.51 -11.11 3.10
C ALA A 19 11.89 -11.36 1.73
N GLU A 20 10.97 -10.48 1.34
CA GLU A 20 10.30 -10.59 0.05
C GLU A 20 10.82 -9.53 -0.93
N GLN A 21 11.30 -10.00 -2.08
CA GLN A 21 11.82 -9.10 -3.10
C GLN A 21 10.74 -8.16 -3.63
N ASP A 22 11.16 -6.97 -4.05
CA ASP A 22 10.25 -5.95 -4.58
C ASP A 22 8.98 -5.85 -3.75
N ALA A 23 9.09 -6.09 -2.45
CA ALA A 23 7.95 -6.01 -1.55
C ALA A 23 8.13 -4.90 -0.52
N ILE A 24 7.02 -4.29 -0.11
CA ILE A 24 7.05 -3.21 0.86
C ILE A 24 6.31 -3.61 2.14
N THR A 25 6.86 -3.21 3.28
CA THR A 25 6.25 -3.52 4.57
C THR A 25 5.12 -2.55 4.89
N LEU A 26 4.10 -3.04 5.60
CA LEU A 26 2.95 -2.22 5.97
C LEU A 26 2.50 -2.51 7.39
N ARG A 27 1.65 -1.63 7.92
CA ARG A 27 1.14 -1.79 9.28
C ARG A 27 -0.36 -1.50 9.31
N GLU A 28 -1.08 -2.26 10.14
CA GLU A 28 -2.53 -2.09 10.27
C GLU A 28 -2.86 -0.68 10.74
N GLY A 29 -3.37 0.14 9.83
CA GLY A 29 -3.73 1.50 10.18
C GLY A 29 -2.98 2.53 9.34
N GLN A 30 -2.43 2.07 8.22
CA GLN A 30 -1.69 2.95 7.33
C GLN A 30 -2.53 3.35 6.13
N TYR A 31 -2.07 4.37 5.40
CA TYR A 31 -2.78 4.87 4.23
C TYR A 31 -1.82 5.05 3.05
N VAL A 32 -2.25 4.60 1.88
CA VAL A 32 -1.43 4.72 0.68
C VAL A 32 -2.28 4.61 -0.59
N GLU A 33 -2.19 5.62 -1.45
CA GLU A 33 -2.93 5.64 -2.71
C GLU A 33 -2.28 4.73 -3.75
N VAL A 34 -3.09 4.24 -4.67
CA VAL A 34 -2.61 3.35 -5.73
C VAL A 34 -2.11 4.14 -6.93
N LEU A 35 -1.04 3.65 -7.56
CA LEU A 35 -0.47 4.30 -8.72
C LEU A 35 -1.03 3.71 -10.01
N ASP A 36 -0.61 2.49 -10.34
CA ASP A 36 -1.07 1.81 -11.54
C ASP A 36 -2.24 0.90 -11.23
N ALA A 37 -2.66 0.13 -12.23
CA ALA A 37 -3.78 -0.79 -12.08
C ALA A 37 -3.57 -2.07 -12.87
N ALA A 38 -2.35 -2.26 -13.37
CA ALA A 38 -2.00 -3.44 -14.15
C ALA A 38 -1.98 -4.70 -13.27
N HIS A 39 -2.35 -5.83 -13.86
CA HIS A 39 -2.37 -7.11 -13.15
C HIS A 39 -3.31 -7.06 -11.94
N PRO A 40 -4.55 -7.56 -12.09
CA PRO A 40 -5.53 -7.58 -10.99
C PRO A 40 -4.99 -8.21 -9.72
N LEU A 41 -3.99 -9.09 -9.88
CA LEU A 41 -3.36 -9.77 -8.75
C LEU A 41 -2.75 -8.76 -7.79
N ARG A 42 -1.70 -8.07 -8.25
CA ARG A 42 -1.01 -7.08 -7.44
C ARG A 42 -0.96 -5.73 -8.15
N TRP A 43 -1.24 -4.67 -7.41
CA TRP A 43 -1.22 -3.32 -7.97
C TRP A 43 -0.08 -2.50 -7.37
N LEU A 44 0.41 -1.53 -8.14
CA LEU A 44 1.50 -0.68 -7.69
C LEU A 44 0.97 0.42 -6.76
N VAL A 45 1.70 0.66 -5.67
CA VAL A 45 1.29 1.68 -4.70
C VAL A 45 2.50 2.42 -4.13
N ARG A 46 2.29 3.68 -3.77
CA ARG A 46 3.35 4.51 -3.20
C ARG A 46 2.83 5.32 -2.02
N THR A 47 3.30 4.98 -0.82
CA THR A 47 2.88 5.66 0.39
C THR A 47 3.14 7.16 0.32
N LYS A 48 2.37 7.93 1.09
CA LYS A 48 2.52 9.38 1.11
C LYS A 48 3.61 9.80 2.11
N PRO A 49 4.51 10.72 1.71
CA PRO A 49 5.59 11.20 2.57
C PRO A 49 5.11 12.22 3.59
N THR A 50 5.58 12.07 4.83
CA THR A 50 5.21 12.98 5.90
C THR A 50 6.19 12.90 7.06
N LYS A 51 6.32 14.00 7.80
CA LYS A 51 7.23 14.07 8.94
C LYS A 51 8.67 13.80 8.50
N SER A 52 9.07 14.45 7.40
CA SER A 52 10.42 14.31 6.86
C SER A 52 10.71 12.87 6.46
N SER A 53 9.66 12.08 6.25
CA SER A 53 9.82 10.68 5.86
C SER A 53 9.61 10.51 4.35
N PRO A 54 10.61 9.96 3.65
CA PRO A 54 10.54 9.75 2.20
C PRO A 54 9.42 8.78 1.82
N SER A 55 8.93 8.90 0.59
CA SER A 55 7.85 8.05 0.10
C SER A 55 8.42 6.82 -0.61
N ARG A 56 7.99 5.64 -0.19
CA ARG A 56 8.44 4.39 -0.79
C ARG A 56 7.38 3.82 -1.73
N GLN A 57 7.81 2.93 -2.62
CA GLN A 57 6.90 2.31 -3.58
C GLN A 57 7.11 0.80 -3.63
N GLY A 58 6.03 0.06 -3.45
CA GLY A 58 6.11 -1.39 -3.47
C GLY A 58 4.81 -2.04 -3.92
N TRP A 59 4.88 -3.31 -4.30
CA TRP A 59 3.71 -4.05 -4.73
C TRP A 59 3.07 -4.80 -3.56
N VAL A 60 1.76 -4.61 -3.39
CA VAL A 60 1.05 -5.26 -2.30
C VAL A 60 -0.21 -5.97 -2.80
N SER A 61 -0.74 -6.87 -1.98
CA SER A 61 -1.95 -7.61 -2.34
C SER A 61 -3.20 -6.88 -1.85
N PRO A 62 -4.06 -6.40 -2.79
CA PRO A 62 -5.28 -5.68 -2.42
C PRO A 62 -6.34 -6.60 -1.83
N ALA A 63 -6.02 -7.88 -1.72
CA ALA A 63 -6.95 -8.86 -1.17
C ALA A 63 -7.09 -8.69 0.34
N TYR A 64 -6.30 -7.79 0.91
CA TYR A 64 -6.33 -7.52 2.34
C TYR A 64 -6.46 -6.03 2.62
N LEU A 65 -6.71 -5.25 1.58
CA LEU A 65 -6.86 -3.80 1.71
C LEU A 65 -8.31 -3.37 1.49
N ASP A 66 -8.64 -2.21 2.05
CA ASP A 66 -10.00 -1.66 1.92
C ASP A 66 -9.93 -0.23 1.38
N ARG A 67 -10.37 -0.05 0.14
CA ARG A 67 -10.36 1.26 -0.49
C ARG A 67 -11.12 2.28 0.33
N ARG A 68 -10.68 3.55 0.25
CA ARG A 68 -11.31 4.63 0.98
C ARG A 68 -11.35 5.89 0.12
N LEU A 69 -12.48 6.60 0.17
CA LEU A 69 -12.64 7.83 -0.60
C LEU A 69 -12.28 9.05 0.23
N LYS A 70 -11.35 9.86 -0.27
CA LYS A 70 -10.91 11.05 0.42
C LYS A 70 -11.54 12.30 -0.19
N LEU A 71 -11.99 13.21 0.67
CA LEU A 71 -12.61 14.45 0.22
C LEU A 71 -11.55 15.52 -0.05
N ILE A 4 -8.64 11.53 -9.10
CA ILE A 4 -7.95 11.42 -7.80
C ILE A 4 -7.56 9.97 -7.52
N PHE A 5 -6.38 9.78 -6.92
CA PHE A 5 -5.89 8.45 -6.59
C PHE A 5 -6.81 7.77 -5.58
N ASP A 6 -6.52 6.50 -5.28
CA ASP A 6 -7.33 5.74 -4.34
C ASP A 6 -6.49 5.22 -3.17
N ILE A 7 -6.64 5.85 -2.01
CA ILE A 7 -5.90 5.44 -0.82
C ILE A 7 -6.63 4.32 -0.09
N TYR A 8 -6.00 3.15 -0.06
CA TYR A 8 -6.57 1.98 0.62
C TYR A 8 -6.05 1.88 2.04
N VAL A 9 -6.94 1.48 2.96
CA VAL A 9 -6.56 1.33 4.36
C VAL A 9 -6.35 -0.13 4.72
N VAL A 10 -5.25 -0.41 5.41
CA VAL A 10 -4.92 -1.78 5.81
C VAL A 10 -5.59 -2.13 7.13
N THR A 11 -6.54 -3.06 7.08
CA THR A 11 -7.27 -3.48 8.27
C THR A 11 -7.05 -4.97 8.55
N ALA A 12 -5.98 -5.52 7.99
CA ALA A 12 -5.66 -6.93 8.19
C ALA A 12 -4.17 -7.14 8.44
N ASP A 13 -3.46 -6.04 8.67
CA ASP A 13 -2.02 -6.10 8.93
C ASP A 13 -1.27 -6.67 7.72
N TYR A 14 0.03 -6.44 7.67
CA TYR A 14 0.86 -6.93 6.58
C TYR A 14 2.33 -6.94 6.96
N LEU A 15 2.81 -8.08 7.45
CA LEU A 15 4.20 -8.22 7.87
C LEU A 15 4.91 -9.28 7.02
N PRO A 16 5.82 -8.86 6.12
CA PRO A 16 6.56 -9.79 5.26
C PRO A 16 7.37 -10.80 6.06
N LEU A 17 7.45 -12.02 5.54
CA LEU A 17 8.19 -13.08 6.21
C LEU A 17 9.66 -13.06 5.77
N GLY A 18 10.49 -12.41 6.57
CA GLY A 18 11.90 -12.33 6.25
C GLY A 18 12.18 -11.37 5.11
N ALA A 19 13.02 -11.81 4.17
CA ALA A 19 13.37 -10.99 3.02
C ALA A 19 12.43 -11.26 1.86
N GLU A 20 11.61 -10.27 1.51
CA GLU A 20 10.66 -10.40 0.41
C GLU A 20 10.92 -9.36 -0.67
N GLN A 21 11.02 -9.82 -1.91
CA GLN A 21 11.27 -8.94 -3.04
C GLN A 21 9.97 -8.36 -3.59
N ASP A 22 10.06 -7.14 -4.14
CA ASP A 22 8.90 -6.48 -4.71
C ASP A 22 7.82 -6.25 -3.66
N ALA A 23 8.23 -6.22 -2.39
CA ALA A 23 7.30 -6.01 -1.28
C ALA A 23 7.71 -4.81 -0.45
N ILE A 24 6.76 -4.25 0.29
CA ILE A 24 7.02 -3.10 1.14
C ILE A 24 6.36 -3.27 2.51
N THR A 25 7.13 -2.98 3.56
CA THR A 25 6.64 -3.12 4.93
C THR A 25 5.40 -2.25 5.17
N LEU A 26 4.41 -2.81 5.85
CA LEU A 26 3.18 -2.10 6.15
C LEU A 26 2.61 -2.54 7.50
N ARG A 27 1.62 -1.80 7.98
CA ARG A 27 0.98 -2.11 9.25
C ARG A 27 -0.52 -1.89 9.18
N GLU A 28 -1.25 -2.52 10.09
CA GLU A 28 -2.70 -2.38 10.14
C GLU A 28 -3.10 -1.00 10.64
N GLY A 29 -3.48 -0.14 9.70
CA GLY A 29 -3.89 1.21 10.06
C GLY A 29 -3.15 2.27 9.27
N GLN A 30 -2.51 1.85 8.19
CA GLN A 30 -1.77 2.76 7.33
C GLN A 30 -2.57 3.11 6.08
N TYR A 31 -2.26 4.26 5.50
CA TYR A 31 -2.95 4.72 4.30
C TYR A 31 -1.98 4.88 3.14
N VAL A 32 -2.40 4.45 1.95
CA VAL A 32 -1.54 4.54 0.76
C VAL A 32 -2.36 4.50 -0.53
N GLU A 33 -2.18 5.53 -1.36
CA GLU A 33 -2.87 5.63 -2.65
C GLU A 33 -2.24 4.66 -3.66
N VAL A 34 -3.04 4.24 -4.63
CA VAL A 34 -2.58 3.32 -5.67
C VAL A 34 -2.13 4.09 -6.91
N LEU A 35 -0.99 3.67 -7.47
CA LEU A 35 -0.46 4.30 -8.67
C LEU A 35 -0.91 3.56 -9.93
N ASP A 36 -0.70 2.24 -9.94
CA ASP A 36 -1.07 1.42 -11.08
C ASP A 36 -1.68 0.11 -10.63
N ALA A 37 -2.18 -0.67 -11.59
CA ALA A 37 -2.79 -1.96 -11.29
C ALA A 37 -2.12 -3.07 -12.10
N ALA A 38 -2.35 -3.05 -13.41
CA ALA A 38 -1.77 -4.04 -14.32
C ALA A 38 -2.23 -5.46 -13.96
N HIS A 39 -1.52 -6.09 -13.03
CA HIS A 39 -1.86 -7.45 -12.61
C HIS A 39 -2.83 -7.43 -11.44
N PRO A 40 -4.04 -8.00 -11.62
CA PRO A 40 -5.06 -8.05 -10.56
C PRO A 40 -4.54 -8.69 -9.27
N LEU A 41 -3.54 -9.55 -9.40
CA LEU A 41 -2.95 -10.22 -8.24
C LEU A 41 -2.34 -9.21 -7.28
N ARG A 42 -1.60 -8.25 -7.82
CA ARG A 42 -0.95 -7.22 -7.00
C ARG A 42 -0.93 -5.87 -7.73
N TRP A 43 -1.34 -4.83 -7.03
CA TRP A 43 -1.36 -3.49 -7.59
C TRP A 43 -0.23 -2.63 -7.01
N LEU A 44 0.30 -1.74 -7.85
CA LEU A 44 1.39 -0.86 -7.43
C LEU A 44 0.84 0.33 -6.64
N VAL A 45 1.46 0.61 -5.49
CA VAL A 45 1.04 1.72 -4.64
C VAL A 45 2.23 2.53 -4.14
N ARG A 46 1.96 3.76 -3.70
CA ARG A 46 3.00 4.64 -3.18
C ARG A 46 2.53 5.34 -1.92
N THR A 47 3.12 5.00 -0.78
CA THR A 47 2.76 5.60 0.49
C THR A 47 3.03 7.10 0.50
N LYS A 48 2.34 7.82 1.39
CA LYS A 48 2.50 9.26 1.50
C LYS A 48 3.67 9.61 2.44
N PRO A 49 4.62 10.45 1.99
CA PRO A 49 5.78 10.85 2.80
C PRO A 49 5.41 11.85 3.88
N THR A 50 6.14 11.81 4.99
CA THR A 50 5.91 12.71 6.11
C THR A 50 6.94 13.84 6.13
N LYS A 51 7.11 14.46 7.29
CA LYS A 51 8.07 15.56 7.44
C LYS A 51 9.51 15.03 7.53
N SER A 52 9.66 13.72 7.39
CA SER A 52 10.99 13.11 7.46
C SER A 52 11.05 11.79 6.70
N SER A 53 9.91 11.09 6.66
CA SER A 53 9.84 9.80 5.97
C SER A 53 9.59 9.99 4.48
N PRO A 54 10.56 9.60 3.63
CA PRO A 54 10.43 9.73 2.17
C PRO A 54 9.35 8.82 1.61
N SER A 55 8.84 9.16 0.44
CA SER A 55 7.80 8.37 -0.21
C SER A 55 8.35 7.05 -0.73
N ARG A 56 7.77 5.95 -0.28
CA ARG A 56 8.19 4.62 -0.72
C ARG A 56 7.14 3.98 -1.62
N GLN A 57 7.58 3.21 -2.60
CA GLN A 57 6.67 2.55 -3.52
C GLN A 57 6.88 1.04 -3.51
N GLY A 58 5.80 0.29 -3.31
CA GLY A 58 5.90 -1.15 -3.27
C GLY A 58 4.62 -1.84 -3.70
N TRP A 59 4.71 -3.12 -4.05
CA TRP A 59 3.54 -3.88 -4.46
C TRP A 59 2.88 -4.55 -3.27
N VAL A 60 1.54 -4.52 -3.24
CA VAL A 60 0.79 -5.12 -2.14
C VAL A 60 -0.38 -5.96 -2.66
N SER A 61 -1.02 -6.69 -1.75
CA SER A 61 -2.16 -7.53 -2.11
C SER A 61 -3.48 -6.78 -1.91
N PRO A 62 -4.19 -6.44 -3.00
CA PRO A 62 -5.47 -5.71 -2.92
C PRO A 62 -6.59 -6.57 -2.35
N ALA A 63 -6.28 -7.84 -2.08
CA ALA A 63 -7.27 -8.76 -1.54
C ALA A 63 -7.53 -8.48 -0.06
N TYR A 64 -6.79 -7.52 0.50
CA TYR A 64 -6.93 -7.15 1.90
C TYR A 64 -7.02 -5.64 2.06
N LEU A 65 -7.23 -4.94 0.94
CA LEU A 65 -7.32 -3.48 0.96
C LEU A 65 -8.74 -3.01 0.66
N ASP A 66 -9.15 -1.93 1.33
CA ASP A 66 -10.48 -1.36 1.14
C ASP A 66 -10.39 0.04 0.56
N ARG A 67 -11.10 0.27 -0.55
CA ARG A 67 -11.09 1.57 -1.20
C ARG A 67 -11.88 2.61 -0.42
N ARG A 68 -11.26 3.77 -0.20
CA ARG A 68 -11.90 4.85 0.53
C ARG A 68 -11.54 6.20 -0.09
N LEU A 69 -12.51 7.11 -0.14
CA LEU A 69 -12.29 8.44 -0.70
C LEU A 69 -12.37 9.51 0.37
N LYS A 70 -11.30 10.28 0.51
CA LYS A 70 -11.24 11.35 1.50
C LYS A 70 -11.41 12.71 0.82
N LEU A 71 -12.54 13.37 1.09
CA LEU A 71 -12.82 14.67 0.50
C LEU A 71 -13.60 15.56 1.47
N ILE A 4 -7.32 10.82 -9.83
CA ILE A 4 -8.30 10.13 -8.95
C ILE A 4 -7.65 9.67 -7.65
N PHE A 5 -6.64 8.82 -7.77
CA PHE A 5 -5.91 8.30 -6.61
C PHE A 5 -6.84 7.54 -5.67
N ASP A 6 -6.79 6.21 -5.75
CA ASP A 6 -7.63 5.36 -4.91
C ASP A 6 -6.87 4.93 -3.66
N ILE A 7 -7.18 5.55 -2.53
CA ILE A 7 -6.52 5.22 -1.27
C ILE A 7 -7.16 4.02 -0.59
N TYR A 8 -6.32 3.15 -0.06
CA TYR A 8 -6.79 1.95 0.63
C TYR A 8 -6.30 1.93 2.07
N VAL A 9 -6.96 1.13 2.91
CA VAL A 9 -6.59 1.04 4.32
C VAL A 9 -6.28 -0.41 4.70
N VAL A 10 -5.14 -0.62 5.34
CA VAL A 10 -4.73 -1.95 5.77
C VAL A 10 -5.40 -2.33 7.09
N THR A 11 -6.15 -3.42 7.07
CA THR A 11 -6.85 -3.89 8.25
C THR A 11 -6.54 -5.36 8.54
N ALA A 12 -5.35 -5.80 8.15
CA ALA A 12 -4.93 -7.18 8.37
C ALA A 12 -3.44 -7.27 8.70
N ASP A 13 -2.82 -6.12 8.94
CA ASP A 13 -1.39 -6.05 9.27
C ASP A 13 -0.56 -6.73 8.19
N TYR A 14 -0.08 -5.93 7.24
CA TYR A 14 0.74 -6.46 6.14
C TYR A 14 2.22 -6.41 6.50
N LEU A 15 2.68 -7.41 7.24
CA LEU A 15 4.08 -7.48 7.65
C LEU A 15 4.75 -8.70 7.04
N PRO A 16 5.67 -8.51 6.07
CA PRO A 16 6.38 -9.62 5.42
C PRO A 16 7.18 -10.44 6.42
N LEU A 17 7.07 -11.76 6.31
CA LEU A 17 7.79 -12.66 7.20
C LEU A 17 9.00 -13.26 6.50
N GLY A 18 10.16 -12.65 6.73
CA GLY A 18 11.39 -13.13 6.12
C GLY A 18 11.96 -12.13 5.14
N ALA A 19 12.89 -12.59 4.31
CA ALA A 19 13.52 -11.71 3.31
C ALA A 19 12.81 -11.81 1.97
N GLU A 20 11.92 -10.86 1.70
CA GLU A 20 11.17 -10.84 0.46
C GLU A 20 11.63 -9.69 -0.44
N GLN A 21 11.47 -9.86 -1.74
CA GLN A 21 11.86 -8.84 -2.70
C GLN A 21 10.64 -8.11 -3.24
N ASP A 22 10.81 -6.83 -3.57
CA ASP A 22 9.72 -6.02 -4.10
C ASP A 22 8.57 -5.94 -3.11
N ALA A 23 8.85 -6.26 -1.85
CA ALA A 23 7.83 -6.22 -0.80
C ALA A 23 8.04 -5.03 0.13
N ILE A 24 7.01 -4.22 0.29
CA ILE A 24 7.07 -3.05 1.16
C ILE A 24 6.36 -3.32 2.49
N THR A 25 6.96 -2.84 3.58
CA THR A 25 6.39 -3.04 4.91
C THR A 25 5.28 -2.04 5.19
N LEU A 26 4.11 -2.55 5.55
CA LEU A 26 2.96 -1.71 5.86
C LEU A 26 2.38 -2.07 7.23
N ARG A 27 1.92 -1.05 7.95
CA ARG A 27 1.34 -1.25 9.27
C ARG A 27 -0.17 -1.07 9.23
N GLU A 28 -0.90 -2.00 9.85
CA GLU A 28 -2.35 -1.94 9.88
C GLU A 28 -2.83 -0.57 10.37
N GLY A 29 -3.50 0.15 9.49
CA GLY A 29 -4.00 1.47 9.84
C GLY A 29 -3.37 2.57 9.00
N GLN A 30 -2.70 2.17 7.92
CA GLN A 30 -2.05 3.10 7.02
C GLN A 30 -2.89 3.34 5.77
N TYR A 31 -2.73 4.52 5.17
CA TYR A 31 -3.47 4.87 3.97
C TYR A 31 -2.52 5.09 2.80
N VAL A 32 -2.89 4.58 1.63
CA VAL A 32 -2.05 4.73 0.44
C VAL A 32 -2.83 4.54 -0.86
N GLU A 33 -2.76 5.54 -1.72
CA GLU A 33 -3.45 5.49 -3.01
C GLU A 33 -2.65 4.67 -4.01
N VAL A 34 -3.32 4.08 -4.99
CA VAL A 34 -2.67 3.25 -5.99
C VAL A 34 -2.18 4.10 -7.17
N LEU A 35 -0.97 3.81 -7.64
CA LEU A 35 -0.38 4.53 -8.77
C LEU A 35 -0.76 3.88 -10.08
N ASP A 36 -0.11 2.77 -10.40
CA ASP A 36 -0.39 2.04 -11.64
C ASP A 36 -1.23 0.81 -11.37
N ALA A 37 -2.31 0.66 -12.13
CA ALA A 37 -3.21 -0.48 -11.98
C ALA A 37 -2.95 -1.53 -13.05
N ALA A 38 -2.31 -2.63 -12.66
CA ALA A 38 -2.00 -3.71 -13.59
C ALA A 38 -2.09 -5.06 -12.90
N HIS A 39 -2.88 -5.97 -13.46
CA HIS A 39 -3.07 -7.31 -12.91
C HIS A 39 -3.71 -7.24 -11.52
N PRO A 40 -4.98 -7.68 -11.41
CA PRO A 40 -5.72 -7.66 -10.13
C PRO A 40 -4.93 -8.33 -8.99
N LEU A 41 -4.01 -9.22 -9.36
CA LEU A 41 -3.20 -9.93 -8.38
C LEU A 41 -2.45 -8.95 -7.48
N ARG A 42 -1.69 -8.05 -8.09
CA ARG A 42 -0.92 -7.07 -7.34
C ARG A 42 -0.82 -5.75 -8.10
N TRP A 43 -1.10 -4.65 -7.41
CA TRP A 43 -1.05 -3.33 -8.01
C TRP A 43 0.09 -2.49 -7.43
N LEU A 44 0.56 -1.52 -8.19
CA LEU A 44 1.64 -0.65 -7.76
C LEU A 44 1.11 0.52 -6.94
N VAL A 45 1.56 0.62 -5.70
CA VAL A 45 1.10 1.70 -4.81
C VAL A 45 2.28 2.44 -4.19
N ARG A 46 2.02 3.67 -3.75
CA ARG A 46 3.05 4.48 -3.11
C ARG A 46 2.46 5.25 -1.92
N THR A 47 2.90 4.88 -0.72
CA THR A 47 2.41 5.52 0.50
C THR A 47 2.88 6.96 0.61
N LYS A 48 2.10 7.79 1.30
CA LYS A 48 2.43 9.19 1.49
C LYS A 48 3.57 9.35 2.49
N PRO A 49 4.71 9.95 2.08
CA PRO A 49 5.87 10.15 2.96
C PRO A 49 5.54 11.05 4.15
N THR A 50 6.28 10.86 5.24
CA THR A 50 6.08 11.65 6.44
C THR A 50 6.82 12.98 6.34
N LYS A 51 7.03 13.62 7.49
CA LYS A 51 7.72 14.90 7.53
C LYS A 51 9.20 14.72 7.83
N SER A 52 9.68 13.48 7.72
CA SER A 52 11.09 13.18 7.98
C SER A 52 11.50 11.87 7.33
N SER A 53 10.56 11.26 6.59
CA SER A 53 10.84 10.00 5.91
C SER A 53 10.40 10.05 4.45
N PRO A 54 11.31 9.69 3.52
CA PRO A 54 11.02 9.68 2.09
C PRO A 54 9.90 8.71 1.72
N SER A 55 9.28 8.93 0.57
CA SER A 55 8.19 8.07 0.11
C SER A 55 8.69 6.67 -0.21
N ARG A 56 7.81 5.69 -0.04
CA ARG A 56 8.15 4.30 -0.30
C ARG A 56 7.10 3.64 -1.20
N GLN A 57 7.51 3.23 -2.39
CA GLN A 57 6.60 2.59 -3.33
C GLN A 57 6.86 1.09 -3.39
N GLY A 58 5.81 0.30 -3.22
CA GLY A 58 5.93 -1.14 -3.26
C GLY A 58 4.67 -1.83 -3.73
N TRP A 59 4.79 -3.09 -4.12
CA TRP A 59 3.65 -3.87 -4.60
C TRP A 59 2.93 -4.53 -3.43
N VAL A 60 1.63 -4.29 -3.33
CA VAL A 60 0.84 -4.87 -2.24
C VAL A 60 -0.33 -5.69 -2.78
N SER A 61 -0.96 -6.46 -1.91
CA SER A 61 -2.09 -7.31 -2.28
C SER A 61 -3.41 -6.61 -1.96
N PRO A 62 -4.25 -6.34 -2.98
CA PRO A 62 -5.55 -5.69 -2.78
C PRO A 62 -6.55 -6.57 -2.05
N ALA A 63 -6.16 -7.81 -1.78
CA ALA A 63 -7.02 -8.76 -1.10
C ALA A 63 -7.20 -8.38 0.37
N TYR A 64 -6.42 -7.39 0.82
CA TYR A 64 -6.50 -6.92 2.20
C TYR A 64 -6.72 -5.42 2.25
N LEU A 65 -6.98 -4.82 1.09
CA LEU A 65 -7.20 -3.39 0.99
C LEU A 65 -8.69 -3.07 0.77
N ASP A 66 -9.15 -1.99 1.38
CA ASP A 66 -10.54 -1.57 1.24
C ASP A 66 -10.63 -0.23 0.52
N ARG A 67 -11.73 -0.02 -0.22
CA ARG A 67 -11.93 1.20 -0.96
C ARG A 67 -12.45 2.32 -0.06
N ARG A 68 -11.72 3.43 -0.03
CA ARG A 68 -12.11 4.58 0.77
C ARG A 68 -11.77 5.89 0.07
N LEU A 69 -12.75 6.79 -0.01
CA LEU A 69 -12.55 8.08 -0.65
C LEU A 69 -13.05 9.22 0.23
N LYS A 70 -12.11 10.02 0.74
CA LYS A 70 -12.46 11.14 1.60
C LYS A 70 -11.52 12.32 1.35
N LEU A 71 -12.08 13.53 1.39
CA LEU A 71 -11.29 14.74 1.18
C LEU A 71 -11.18 15.56 2.46
N ILE A 4 -6.92 12.37 -7.96
CA ILE A 4 -7.72 11.87 -6.81
C ILE A 4 -7.08 10.61 -6.20
N PHE A 5 -6.76 9.65 -7.06
CA PHE A 5 -6.14 8.39 -6.62
C PHE A 5 -7.07 7.64 -5.68
N ASP A 6 -6.72 6.38 -5.38
CA ASP A 6 -7.53 5.55 -4.49
C ASP A 6 -6.71 5.07 -3.30
N ILE A 7 -6.91 5.73 -2.16
CA ILE A 7 -6.19 5.36 -0.94
C ILE A 7 -6.92 4.24 -0.21
N TYR A 8 -6.29 3.07 -0.18
CA TYR A 8 -6.86 1.90 0.49
C TYR A 8 -6.33 1.79 1.92
N VAL A 9 -7.24 1.66 2.88
CA VAL A 9 -6.85 1.55 4.27
C VAL A 9 -6.56 0.09 4.64
N VAL A 10 -5.45 -0.13 5.32
CA VAL A 10 -5.05 -1.47 5.73
C VAL A 10 -5.74 -1.85 7.04
N THR A 11 -6.53 -2.92 7.00
CA THR A 11 -7.24 -3.38 8.18
C THR A 11 -7.13 -4.89 8.35
N ALA A 12 -6.10 -5.47 7.76
CA ALA A 12 -5.88 -6.92 7.84
C ALA A 12 -4.45 -7.23 8.25
N ASP A 13 -3.67 -6.19 8.51
CA ASP A 13 -2.27 -6.33 8.92
C ASP A 13 -1.45 -7.03 7.83
N TYR A 14 -0.57 -6.27 7.18
CA TYR A 14 0.26 -6.80 6.11
C TYR A 14 1.74 -6.69 6.47
N LEU A 15 2.28 -7.74 7.10
CA LEU A 15 3.68 -7.75 7.50
C LEU A 15 4.44 -8.86 6.78
N PRO A 16 5.47 -8.51 5.97
CA PRO A 16 6.28 -9.49 5.24
C PRO A 16 6.96 -10.49 6.18
N LEU A 17 7.17 -11.70 5.69
CA LEU A 17 7.83 -12.74 6.47
C LEU A 17 9.26 -12.95 6.01
N GLY A 18 10.20 -12.30 6.69
CA GLY A 18 11.61 -12.43 6.34
C GLY A 18 12.09 -11.30 5.46
N ALA A 19 12.88 -11.64 4.45
CA ALA A 19 13.41 -10.64 3.53
C ALA A 19 12.94 -10.91 2.10
N GLU A 20 12.02 -10.09 1.63
CA GLU A 20 11.48 -10.23 0.28
C GLU A 20 11.82 -9.02 -0.58
N GLN A 21 12.01 -9.24 -1.87
CA GLN A 21 12.34 -8.17 -2.80
C GLN A 21 11.07 -7.51 -3.35
N ASP A 22 11.16 -6.22 -3.64
CA ASP A 22 10.03 -5.46 -4.17
C ASP A 22 8.84 -5.51 -3.21
N ALA A 23 9.13 -5.76 -1.94
CA ALA A 23 8.08 -5.83 -0.93
C ALA A 23 8.19 -4.66 0.06
N ILE A 24 7.07 -3.99 0.29
CA ILE A 24 7.04 -2.84 1.21
C ILE A 24 6.39 -3.24 2.53
N THR A 25 6.91 -2.69 3.63
CA THR A 25 6.38 -2.99 4.95
C THR A 25 5.21 -2.07 5.30
N LEU A 26 4.04 -2.66 5.53
CA LEU A 26 2.85 -1.89 5.87
C LEU A 26 2.33 -2.29 7.25
N ARG A 27 1.53 -1.40 7.85
CA ARG A 27 0.97 -1.65 9.16
C ARG A 27 -0.55 -1.52 9.14
N GLU A 28 -1.23 -2.33 9.93
CA GLU A 28 -2.69 -2.31 10.01
C GLU A 28 -3.17 -0.96 10.52
N GLY A 29 -3.58 -0.09 9.59
CA GLY A 29 -4.07 1.22 9.97
C GLY A 29 -3.38 2.33 9.20
N GLN A 30 -2.70 1.96 8.10
CA GLN A 30 -2.00 2.92 7.28
C GLN A 30 -2.80 3.25 6.02
N TYR A 31 -2.59 4.44 5.49
CA TYR A 31 -3.28 4.89 4.28
C TYR A 31 -2.29 5.01 3.12
N VAL A 32 -2.69 4.53 1.94
CA VAL A 32 -1.82 4.59 0.77
C VAL A 32 -2.62 4.47 -0.54
N GLU A 33 -2.46 5.45 -1.41
CA GLU A 33 -3.14 5.46 -2.71
C GLU A 33 -2.47 4.49 -3.68
N VAL A 34 -3.25 4.00 -4.64
CA VAL A 34 -2.74 3.06 -5.63
C VAL A 34 -2.31 3.79 -6.91
N LEU A 35 -1.22 3.33 -7.51
CA LEU A 35 -0.71 3.92 -8.74
C LEU A 35 -1.06 3.05 -9.94
N ASP A 36 -0.45 1.88 -10.02
CA ASP A 36 -0.69 0.95 -11.12
C ASP A 36 -1.72 -0.10 -10.72
N ALA A 37 -2.54 -0.52 -11.69
CA ALA A 37 -3.57 -1.52 -11.43
C ALA A 37 -3.41 -2.72 -12.35
N ALA A 38 -2.32 -2.76 -13.10
CA ALA A 38 -2.06 -3.86 -14.02
C ALA A 38 -1.92 -5.19 -13.27
N HIS A 39 -2.52 -6.24 -13.82
CA HIS A 39 -2.47 -7.56 -13.21
C HIS A 39 -3.13 -7.55 -11.83
N PRO A 40 -4.38 -8.03 -11.72
CA PRO A 40 -5.11 -8.07 -10.44
C PRO A 40 -4.33 -8.75 -9.33
N LEU A 41 -3.36 -9.59 -9.71
CA LEU A 41 -2.54 -10.30 -8.75
C LEU A 41 -1.97 -9.35 -7.70
N ARG A 42 -1.25 -8.33 -8.16
CA ARG A 42 -0.66 -7.34 -7.27
C ARG A 42 -0.61 -5.97 -7.93
N TRP A 43 -0.89 -4.93 -7.16
CA TRP A 43 -0.89 -3.56 -7.67
C TRP A 43 0.20 -2.73 -7.01
N LEU A 44 0.71 -1.74 -7.74
CA LEU A 44 1.75 -0.86 -7.22
C LEU A 44 1.13 0.28 -6.41
N VAL A 45 1.75 0.62 -5.29
CA VAL A 45 1.24 1.69 -4.44
C VAL A 45 2.38 2.53 -3.88
N ARG A 46 2.06 3.78 -3.54
CA ARG A 46 3.05 4.70 -2.97
C ARG A 46 2.49 5.39 -1.74
N THR A 47 3.05 5.07 -0.58
CA THR A 47 2.59 5.65 0.67
C THR A 47 2.92 7.15 0.73
N LYS A 48 2.01 7.91 1.34
CA LYS A 48 2.18 9.35 1.46
C LYS A 48 3.40 9.68 2.32
N PRO A 49 4.41 10.39 1.76
CA PRO A 49 5.62 10.76 2.49
C PRO A 49 5.36 11.80 3.57
N THR A 50 6.13 11.73 4.65
CA THR A 50 5.98 12.68 5.76
C THR A 50 7.21 13.58 5.86
N LYS A 51 7.36 14.23 7.01
CA LYS A 51 8.48 15.13 7.25
C LYS A 51 9.78 14.35 7.49
N SER A 52 9.66 13.03 7.67
CA SER A 52 10.82 12.20 7.91
C SER A 52 10.72 10.86 7.18
N SER A 53 9.70 10.72 6.35
CA SER A 53 9.50 9.48 5.59
C SER A 53 9.49 9.75 4.09
N PRO A 54 10.52 9.28 3.37
CA PRO A 54 10.63 9.46 1.92
C PRO A 54 9.57 8.69 1.14
N SER A 55 9.31 9.11 -0.08
CA SER A 55 8.32 8.46 -0.92
C SER A 55 8.76 7.06 -1.32
N ARG A 56 8.06 6.05 -0.80
CA ARG A 56 8.39 4.66 -1.10
C ARG A 56 7.31 4.02 -1.97
N GLN A 57 7.69 2.99 -2.71
CA GLN A 57 6.75 2.28 -3.59
C GLN A 57 6.93 0.78 -3.46
N GLY A 58 5.82 0.06 -3.28
CA GLY A 58 5.88 -1.38 -3.14
C GLY A 58 4.61 -2.06 -3.63
N TRP A 59 4.69 -3.36 -3.87
CA TRP A 59 3.55 -4.13 -4.33
C TRP A 59 2.77 -4.71 -3.15
N VAL A 60 1.45 -4.70 -3.25
CA VAL A 60 0.59 -5.21 -2.19
C VAL A 60 -0.57 -6.03 -2.76
N SER A 61 -1.31 -6.70 -1.87
CA SER A 61 -2.46 -7.49 -2.28
C SER A 61 -3.76 -6.73 -2.04
N PRO A 62 -4.48 -6.37 -3.11
CA PRO A 62 -5.74 -5.62 -2.98
C PRO A 62 -6.85 -6.44 -2.33
N ALA A 63 -6.56 -7.72 -2.09
CA ALA A 63 -7.54 -8.62 -1.47
C ALA A 63 -7.76 -8.26 -0.01
N TYR A 64 -6.84 -7.48 0.56
CA TYR A 64 -6.94 -7.07 1.96
C TYR A 64 -7.02 -5.55 2.06
N LEU A 65 -7.27 -4.89 0.94
CA LEU A 65 -7.37 -3.44 0.90
C LEU A 65 -8.83 -2.99 0.81
N ASP A 66 -9.17 -1.98 1.60
CA ASP A 66 -10.53 -1.46 1.61
C ASP A 66 -10.58 -0.07 0.96
N ARG A 67 -11.35 0.04 -0.13
CA ARG A 67 -11.48 1.30 -0.85
C ARG A 67 -12.10 2.38 0.04
N ARG A 68 -11.37 3.47 0.24
CA ARG A 68 -11.85 4.59 1.05
C ARG A 68 -11.38 5.92 0.47
N LEU A 69 -12.27 6.92 0.52
CA LEU A 69 -11.94 8.24 -0.01
C LEU A 69 -11.99 9.29 1.09
N LYS A 70 -10.84 9.88 1.41
CA LYS A 70 -10.75 10.90 2.44
C LYS A 70 -10.93 12.29 1.84
N LEU A 71 -10.66 12.41 0.54
CA LEU A 71 -10.78 13.69 -0.15
C LEU A 71 -12.19 13.86 -0.70
N ILE A 4 -8.26 10.86 -10.07
CA ILE A 4 -7.60 10.99 -8.75
C ILE A 4 -7.21 9.61 -8.20
N PHE A 5 -6.05 9.55 -7.55
CA PHE A 5 -5.56 8.30 -6.98
C PHE A 5 -6.53 7.77 -5.92
N ASP A 6 -6.42 6.48 -5.61
CA ASP A 6 -7.29 5.86 -4.61
C ASP A 6 -6.48 5.27 -3.47
N ILE A 7 -6.60 5.85 -2.29
CA ILE A 7 -5.89 5.39 -1.11
C ILE A 7 -6.64 4.24 -0.42
N TYR A 8 -5.88 3.22 -0.02
CA TYR A 8 -6.46 2.06 0.65
C TYR A 8 -5.99 1.99 2.10
N VAL A 9 -6.86 1.51 2.98
CA VAL A 9 -6.52 1.39 4.39
C VAL A 9 -6.32 -0.06 4.78
N VAL A 10 -5.18 -0.35 5.42
CA VAL A 10 -4.87 -1.70 5.85
C VAL A 10 -5.64 -2.07 7.12
N THR A 11 -6.63 -2.93 6.97
CA THR A 11 -7.46 -3.36 8.10
C THR A 11 -7.26 -4.84 8.40
N ALA A 12 -6.18 -5.41 7.86
CA ALA A 12 -5.89 -6.83 8.08
C ALA A 12 -4.40 -7.05 8.35
N ASP A 13 -3.67 -5.94 8.57
CA ASP A 13 -2.25 -6.00 8.86
C ASP A 13 -1.47 -6.57 7.67
N TYR A 14 -0.17 -6.28 7.63
CA TYR A 14 0.69 -6.76 6.55
C TYR A 14 2.15 -6.77 6.98
N LEU A 15 2.58 -7.88 7.57
CA LEU A 15 3.96 -8.02 8.04
C LEU A 15 4.75 -8.96 7.12
N PRO A 16 5.88 -8.48 6.56
CA PRO A 16 6.72 -9.31 5.68
C PRO A 16 7.24 -10.55 6.37
N LEU A 17 7.42 -11.63 5.60
CA LEU A 17 7.90 -12.89 6.14
C LEU A 17 9.41 -13.02 5.87
N GLY A 18 10.21 -12.66 6.86
CA GLY A 18 11.65 -12.75 6.72
C GLY A 18 12.22 -11.70 5.79
N ALA A 19 12.41 -12.07 4.53
CA ALA A 19 12.95 -11.16 3.53
C ALA A 19 11.94 -10.90 2.41
N GLU A 20 11.45 -9.67 2.34
CA GLU A 20 10.48 -9.28 1.32
C GLU A 20 11.18 -8.94 0.00
N GLN A 21 10.64 -9.46 -1.09
CA GLN A 21 11.20 -9.21 -2.42
C GLN A 21 10.29 -8.30 -3.23
N ASP A 22 10.79 -7.12 -3.58
CA ASP A 22 10.02 -6.15 -4.37
C ASP A 22 8.74 -5.76 -3.64
N ALA A 23 8.70 -6.03 -2.34
CA ALA A 23 7.53 -5.69 -1.52
C ALA A 23 7.86 -4.62 -0.50
N ILE A 24 6.83 -4.03 0.10
CA ILE A 24 7.01 -3.00 1.10
C ILE A 24 6.27 -3.34 2.39
N THR A 25 6.94 -3.14 3.52
CA THR A 25 6.35 -3.42 4.82
C THR A 25 5.22 -2.45 5.14
N LEU A 26 4.19 -2.94 5.82
CA LEU A 26 3.05 -2.11 6.18
C LEU A 26 2.47 -2.53 7.53
N ARG A 27 1.56 -1.69 8.04
CA ARG A 27 0.91 -1.96 9.32
C ARG A 27 -0.59 -1.73 9.20
N GLU A 28 -1.37 -2.45 9.99
CA GLU A 28 -2.82 -2.31 9.96
C GLU A 28 -3.22 -0.91 10.40
N GLY A 29 -3.41 -0.03 9.42
CA GLY A 29 -3.79 1.34 9.70
C GLY A 29 -3.01 2.35 8.89
N GLN A 30 -2.38 1.86 7.82
CA GLN A 30 -1.59 2.71 6.95
C GLN A 30 -2.37 3.07 5.69
N TYR A 31 -2.17 4.29 5.19
CA TYR A 31 -2.86 4.76 4.00
C TYR A 31 -1.89 4.86 2.82
N VAL A 32 -2.33 4.39 1.65
CA VAL A 32 -1.49 4.43 0.46
C VAL A 32 -2.32 4.37 -0.83
N GLU A 33 -2.15 5.37 -1.69
CA GLU A 33 -2.86 5.46 -2.95
C GLU A 33 -2.26 4.52 -4.00
N VAL A 34 -3.09 4.11 -4.96
CA VAL A 34 -2.67 3.21 -6.03
C VAL A 34 -2.11 4.00 -7.22
N LEU A 35 -1.11 3.44 -7.87
CA LEU A 35 -0.48 4.09 -9.02
C LEU A 35 -0.74 3.33 -10.31
N ASP A 36 -0.10 2.16 -10.44
CA ASP A 36 -0.25 1.33 -11.64
C ASP A 36 -1.72 0.96 -11.89
N ALA A 37 -2.23 0.03 -11.10
CA ALA A 37 -3.61 -0.42 -11.23
C ALA A 37 -3.85 -1.06 -12.59
N ALA A 38 -3.66 -2.37 -12.67
CA ALA A 38 -3.85 -3.11 -13.91
C ALA A 38 -4.52 -4.45 -13.66
N HIS A 39 -3.78 -5.38 -13.05
CA HIS A 39 -4.30 -6.71 -12.76
C HIS A 39 -4.57 -6.88 -11.26
N PRO A 40 -5.73 -7.43 -10.88
CA PRO A 40 -6.10 -7.64 -9.48
C PRO A 40 -5.01 -8.36 -8.69
N LEU A 41 -4.15 -9.07 -9.40
CA LEU A 41 -3.06 -9.81 -8.78
C LEU A 41 -2.24 -8.93 -7.83
N ARG A 42 -1.51 -7.97 -8.40
CA ARG A 42 -0.69 -7.06 -7.60
C ARG A 42 -0.59 -5.69 -8.26
N TRP A 43 -0.79 -4.64 -7.45
CA TRP A 43 -0.73 -3.27 -7.96
C TRP A 43 0.42 -2.50 -7.32
N LEU A 44 0.95 -1.54 -8.07
CA LEU A 44 2.05 -0.71 -7.59
C LEU A 44 1.50 0.49 -6.82
N VAL A 45 1.83 0.57 -5.54
CA VAL A 45 1.35 1.65 -4.69
C VAL A 45 2.50 2.38 -4.00
N ARG A 46 2.30 3.67 -3.73
CA ARG A 46 3.31 4.48 -3.06
C ARG A 46 2.73 5.14 -1.82
N THR A 47 3.22 4.75 -0.64
CA THR A 47 2.74 5.30 0.61
C THR A 47 3.01 6.80 0.70
N LYS A 48 2.06 7.53 1.28
CA LYS A 48 2.20 8.98 1.41
C LYS A 48 3.22 9.33 2.49
N PRO A 49 4.17 10.23 2.18
CA PRO A 49 5.21 10.67 3.13
C PRO A 49 4.66 11.61 4.18
N THR A 50 5.42 11.82 5.25
CA THR A 50 5.01 12.71 6.33
C THR A 50 6.21 13.33 7.02
N LYS A 51 6.12 14.63 7.29
CA LYS A 51 7.18 15.37 7.96
C LYS A 51 8.46 15.40 7.11
N SER A 52 9.23 14.31 7.16
CA SER A 52 10.47 14.23 6.40
C SER A 52 10.78 12.78 6.03
N SER A 53 9.76 11.93 6.07
CA SER A 53 9.92 10.52 5.74
C SER A 53 9.87 10.30 4.22
N PRO A 54 10.93 9.72 3.65
CA PRO A 54 11.00 9.46 2.21
C PRO A 54 9.87 8.55 1.73
N SER A 55 9.33 8.85 0.56
CA SER A 55 8.24 8.06 -0.01
C SER A 55 8.76 6.73 -0.58
N ARG A 56 8.15 5.64 -0.14
CA ARG A 56 8.54 4.30 -0.60
C ARG A 56 7.36 3.60 -1.26
N GLN A 57 7.60 3.02 -2.43
CA GLN A 57 6.55 2.32 -3.17
C GLN A 57 6.88 0.84 -3.32
N GLY A 58 5.88 -0.01 -3.07
CA GLY A 58 6.06 -1.44 -3.19
C GLY A 58 4.78 -2.16 -3.57
N TRP A 59 4.92 -3.32 -4.20
CA TRP A 59 3.76 -4.11 -4.61
C TRP A 59 3.11 -4.80 -3.42
N VAL A 60 1.82 -4.53 -3.23
CA VAL A 60 1.08 -5.13 -2.12
C VAL A 60 -0.14 -5.89 -2.63
N SER A 61 -0.70 -6.74 -1.77
CA SER A 61 -1.87 -7.54 -2.12
C SER A 61 -3.16 -6.77 -1.83
N PRO A 62 -3.90 -6.34 -2.88
CA PRO A 62 -5.15 -5.59 -2.71
C PRO A 62 -6.28 -6.44 -2.14
N ALA A 63 -6.03 -7.76 -2.02
CA ALA A 63 -7.03 -8.67 -1.49
C ALA A 63 -7.28 -8.41 -0.01
N TYR A 64 -6.39 -7.64 0.61
CA TYR A 64 -6.51 -7.30 2.02
C TYR A 64 -6.70 -5.80 2.21
N LEU A 65 -6.97 -5.11 1.11
CA LEU A 65 -7.18 -3.67 1.15
C LEU A 65 -8.63 -3.31 0.86
N ASP A 66 -9.09 -2.21 1.44
CA ASP A 66 -10.46 -1.75 1.25
C ASP A 66 -10.47 -0.38 0.55
N ARG A 67 -11.46 -0.17 -0.31
CA ARG A 67 -11.57 1.10 -1.04
C ARG A 67 -11.81 2.26 -0.07
N ARG A 68 -11.05 3.33 -0.27
CA ARG A 68 -11.17 4.52 0.58
C ARG A 68 -10.96 5.79 -0.24
N LEU A 69 -12.06 6.50 -0.50
CA LEU A 69 -12.00 7.73 -1.28
C LEU A 69 -12.15 8.95 -0.38
N LYS A 70 -11.36 9.98 -0.66
CA LYS A 70 -11.40 11.22 0.11
C LYS A 70 -10.96 10.97 1.55
N LEU A 71 -10.32 11.99 2.14
CA LEU A 71 -9.83 11.88 3.52
C LEU A 71 -8.86 10.72 3.67
N ILE A 4 -9.25 11.11 -7.52
CA ILE A 4 -7.80 10.94 -7.78
C ILE A 4 -7.09 10.35 -6.57
N PHE A 5 -6.11 9.48 -6.83
CA PHE A 5 -5.35 8.83 -5.76
C PHE A 5 -6.26 8.03 -4.84
N ASP A 6 -6.31 6.72 -5.06
CA ASP A 6 -7.15 5.84 -4.26
C ASP A 6 -6.39 5.30 -3.05
N ILE A 7 -6.65 5.90 -1.89
CA ILE A 7 -5.99 5.49 -0.66
C ILE A 7 -6.74 4.33 0.01
N TYR A 8 -6.07 3.17 0.08
CA TYR A 8 -6.65 1.99 0.69
C TYR A 8 -6.13 1.80 2.10
N VAL A 9 -7.04 1.59 3.05
CA VAL A 9 -6.67 1.38 4.45
C VAL A 9 -6.33 -0.08 4.73
N VAL A 10 -5.29 -0.31 5.51
CA VAL A 10 -4.86 -1.66 5.85
C VAL A 10 -5.49 -2.11 7.16
N THR A 11 -6.36 -3.12 7.08
CA THR A 11 -7.04 -3.65 8.25
C THR A 11 -6.65 -5.11 8.49
N ALA A 12 -5.62 -5.56 7.79
CA ALA A 12 -5.14 -6.92 7.94
C ALA A 12 -3.67 -6.95 8.36
N ASP A 13 -3.11 -5.76 8.59
CA ASP A 13 -1.71 -5.62 9.00
C ASP A 13 -0.76 -5.92 7.85
N TYR A 14 -0.77 -7.17 7.40
CA TYR A 14 0.10 -7.61 6.30
C TYR A 14 1.57 -7.51 6.72
N LEU A 15 2.02 -8.49 7.49
CA LEU A 15 3.40 -8.53 7.96
C LEU A 15 4.19 -9.60 7.24
N PRO A 16 5.12 -9.20 6.34
CA PRO A 16 5.95 -10.16 5.58
C PRO A 16 6.85 -10.98 6.51
N LEU A 17 7.14 -12.21 6.09
CA LEU A 17 7.99 -13.10 6.87
C LEU A 17 9.31 -13.35 6.14
N GLY A 18 10.34 -12.58 6.51
CA GLY A 18 11.64 -12.73 5.90
C GLY A 18 11.91 -11.66 4.86
N ALA A 19 12.86 -11.93 3.96
CA ALA A 19 13.20 -10.97 2.92
C ALA A 19 12.45 -11.27 1.63
N GLU A 20 11.38 -10.52 1.40
CA GLU A 20 10.56 -10.72 0.21
C GLU A 20 10.98 -9.75 -0.90
N GLN A 21 10.82 -10.18 -2.15
CA GLN A 21 11.18 -9.36 -3.29
C GLN A 21 9.99 -8.55 -3.79
N ASP A 22 10.25 -7.30 -4.16
CA ASP A 22 9.20 -6.41 -4.66
C ASP A 22 8.08 -6.26 -3.63
N ALA A 23 8.41 -6.45 -2.36
CA ALA A 23 7.43 -6.33 -1.29
C ALA A 23 7.78 -5.20 -0.34
N ILE A 24 6.80 -4.76 0.44
CA ILE A 24 6.99 -3.67 1.40
C ILE A 24 6.22 -3.93 2.69
N THR A 25 6.83 -3.56 3.81
CA THR A 25 6.20 -3.74 5.12
C THR A 25 5.09 -2.71 5.34
N LEU A 26 4.00 -3.14 5.96
CA LEU A 26 2.87 -2.26 6.23
C LEU A 26 2.29 -2.53 7.62
N ARG A 27 1.71 -1.49 8.21
CA ARG A 27 1.10 -1.62 9.54
C ARG A 27 -0.40 -1.40 9.47
N GLU A 28 -1.14 -2.20 10.23
CA GLU A 28 -2.60 -2.10 10.26
C GLU A 28 -3.04 -0.71 10.71
N GLY A 29 -3.52 0.09 9.75
CA GLY A 29 -3.97 1.43 10.06
C GLY A 29 -3.20 2.49 9.29
N GLN A 30 -2.52 2.08 8.23
CA GLN A 30 -1.75 3.00 7.41
C GLN A 30 -2.50 3.37 6.13
N TYR A 31 -2.37 4.61 5.71
CA TYR A 31 -3.03 5.10 4.51
C TYR A 31 -2.05 5.16 3.34
N VAL A 32 -2.48 4.71 2.17
CA VAL A 32 -1.63 4.72 0.98
C VAL A 32 -2.44 4.68 -0.31
N GLU A 33 -2.22 5.68 -1.17
CA GLU A 33 -2.91 5.74 -2.45
C GLU A 33 -2.18 4.90 -3.49
N VAL A 34 -2.91 4.42 -4.49
CA VAL A 34 -2.32 3.60 -5.55
C VAL A 34 -1.85 4.46 -6.72
N LEU A 35 -0.74 4.05 -7.34
CA LEU A 35 -0.17 4.78 -8.47
C LEU A 35 -0.71 4.27 -9.81
N ASP A 36 -0.13 3.15 -10.27
CA ASP A 36 -0.51 2.56 -11.55
C ASP A 36 -1.80 1.74 -11.45
N ALA A 37 -1.68 0.54 -10.86
CA ALA A 37 -2.82 -0.36 -10.71
C ALA A 37 -3.28 -0.89 -12.06
N ALA A 38 -3.07 -2.19 -12.30
CA ALA A 38 -3.46 -2.81 -13.56
C ALA A 38 -3.59 -4.33 -13.41
N HIS A 39 -2.46 -4.99 -13.12
CA HIS A 39 -2.46 -6.43 -12.95
C HIS A 39 -3.35 -6.85 -11.78
N PRO A 40 -4.40 -7.65 -12.05
CA PRO A 40 -5.33 -8.12 -11.01
C PRO A 40 -4.62 -8.80 -9.84
N LEU A 41 -3.45 -9.37 -10.12
CA LEU A 41 -2.67 -10.05 -9.10
C LEU A 41 -2.18 -9.07 -8.04
N ARG A 42 -1.45 -8.05 -8.48
CA ARG A 42 -0.92 -7.04 -7.57
C ARG A 42 -0.92 -5.66 -8.20
N TRP A 43 -1.13 -4.63 -7.39
CA TRP A 43 -1.16 -3.26 -7.88
C TRP A 43 0.02 -2.46 -7.34
N LEU A 44 0.45 -1.46 -8.11
CA LEU A 44 1.57 -0.62 -7.72
C LEU A 44 1.12 0.48 -6.77
N VAL A 45 1.33 0.26 -5.47
CA VAL A 45 0.94 1.23 -4.45
C VAL A 45 2.14 1.99 -3.93
N ARG A 46 1.91 3.21 -3.44
CA ARG A 46 2.99 4.04 -2.90
C ARG A 46 2.51 4.82 -1.69
N THR A 47 3.05 4.47 -0.52
CA THR A 47 2.67 5.14 0.72
C THR A 47 3.04 6.62 0.68
N LYS A 48 2.06 7.47 0.91
CA LYS A 48 2.29 8.91 0.90
C LYS A 48 3.18 9.33 2.08
N PRO A 49 4.24 10.12 1.81
CA PRO A 49 5.17 10.57 2.87
C PRO A 49 4.51 11.53 3.85
N THR A 50 5.24 11.87 4.91
CA THR A 50 4.73 12.78 5.93
C THR A 50 5.33 14.18 5.75
N LYS A 51 5.67 14.52 4.51
CA LYS A 51 6.24 15.83 4.20
C LYS A 51 7.56 16.04 4.95
N SER A 52 8.15 14.94 5.42
CA SER A 52 9.41 15.01 6.14
C SER A 52 10.08 13.64 6.21
N SER A 53 9.41 12.63 5.66
CA SER A 53 9.93 11.27 5.66
C SER A 53 9.91 10.68 4.26
N PRO A 54 11.03 10.06 3.82
CA PRO A 54 11.14 9.46 2.49
C PRO A 54 10.03 8.44 2.22
N SER A 55 9.31 8.63 1.11
CA SER A 55 8.23 7.72 0.75
C SER A 55 8.76 6.35 0.37
N ARG A 56 7.91 5.34 0.51
CA ARG A 56 8.29 3.97 0.18
C ARG A 56 7.26 3.32 -0.73
N GLN A 57 7.70 2.88 -1.91
CA GLN A 57 6.80 2.25 -2.87
C GLN A 57 7.07 0.75 -2.95
N GLY A 58 6.00 -0.04 -2.80
CA GLY A 58 6.14 -1.49 -2.87
C GLY A 58 4.87 -2.16 -3.34
N TRP A 59 5.01 -3.31 -3.99
CA TRP A 59 3.85 -4.05 -4.49
C TRP A 59 3.25 -4.90 -3.37
N VAL A 60 1.94 -4.77 -3.19
CA VAL A 60 1.25 -5.54 -2.15
C VAL A 60 -0.01 -6.20 -2.70
N SER A 61 -0.62 -7.05 -1.88
CA SER A 61 -1.83 -7.76 -2.29
C SER A 61 -3.08 -6.94 -1.98
N PRO A 62 -3.83 -6.51 -3.00
CA PRO A 62 -5.05 -5.71 -2.82
C PRO A 62 -6.19 -6.53 -2.23
N ALA A 63 -5.95 -7.83 -2.04
CA ALA A 63 -6.96 -8.72 -1.49
C ALA A 63 -7.23 -8.42 -0.02
N TYR A 64 -6.34 -7.63 0.58
CA TYR A 64 -6.48 -7.26 1.99
C TYR A 64 -6.63 -5.75 2.14
N LEU A 65 -6.93 -5.07 1.04
CA LEU A 65 -7.10 -3.63 1.06
C LEU A 65 -8.58 -3.24 0.99
N ASP A 66 -8.90 -2.04 1.44
CA ASP A 66 -10.27 -1.55 1.43
C ASP A 66 -10.35 -0.17 0.77
N ARG A 67 -11.17 -0.06 -0.27
CA ARG A 67 -11.34 1.20 -0.98
C ARG A 67 -11.95 2.26 -0.07
N ARG A 68 -11.21 3.33 0.15
CA ARG A 68 -11.67 4.43 1.00
C ARG A 68 -11.24 5.78 0.41
N LEU A 69 -12.21 6.66 0.20
CA LEU A 69 -11.92 7.98 -0.35
C LEU A 69 -12.04 9.06 0.72
N LYS A 70 -10.98 9.84 0.88
CA LYS A 70 -10.96 10.92 1.86
C LYS A 70 -10.74 12.26 1.16
N LEU A 71 -10.06 12.22 0.03
CA LEU A 71 -9.77 13.43 -0.74
C LEU A 71 -10.48 13.39 -2.09
N ILE A 4 -9.38 11.40 -8.26
CA ILE A 4 -7.96 11.27 -7.85
C ILE A 4 -7.62 9.84 -7.48
N PHE A 5 -6.42 9.64 -6.94
CA PHE A 5 -5.97 8.31 -6.54
C PHE A 5 -6.83 7.76 -5.41
N ASP A 6 -6.60 6.50 -5.05
CA ASP A 6 -7.38 5.86 -3.98
C ASP A 6 -6.48 5.34 -2.86
N ILE A 7 -6.59 5.98 -1.69
CA ILE A 7 -5.81 5.58 -0.52
C ILE A 7 -6.51 4.46 0.23
N TYR A 8 -5.90 3.27 0.24
CA TYR A 8 -6.46 2.12 0.92
C TYR A 8 -5.89 2.00 2.33
N VAL A 9 -6.72 1.59 3.28
CA VAL A 9 -6.29 1.43 4.67
C VAL A 9 -6.00 -0.02 4.98
N VAL A 10 -4.94 -0.25 5.76
CA VAL A 10 -4.54 -1.60 6.15
C VAL A 10 -5.25 -2.04 7.42
N THR A 11 -6.19 -2.98 7.29
CA THR A 11 -6.94 -3.47 8.44
C THR A 11 -6.67 -4.95 8.69
N ALA A 12 -5.70 -5.50 7.96
CA ALA A 12 -5.35 -6.91 8.09
C ALA A 12 -3.87 -7.08 8.45
N ASP A 13 -3.26 -5.99 8.92
CA ASP A 13 -1.84 -6.01 9.31
C ASP A 13 -0.93 -6.24 8.11
N TYR A 14 -0.91 -7.48 7.61
CA TYR A 14 -0.09 -7.84 6.46
C TYR A 14 1.40 -7.67 6.77
N LEU A 15 2.00 -8.71 7.33
CA LEU A 15 3.42 -8.70 7.68
C LEU A 15 4.18 -9.74 6.87
N PRO A 16 5.25 -9.35 6.15
CA PRO A 16 6.04 -10.28 5.34
C PRO A 16 6.74 -11.34 6.18
N LEU A 17 6.84 -12.55 5.66
CA LEU A 17 7.49 -13.65 6.36
C LEU A 17 8.72 -14.12 5.59
N GLY A 18 9.88 -13.61 5.98
CA GLY A 18 11.11 -13.99 5.31
C GLY A 18 11.74 -12.83 4.56
N ALA A 19 12.22 -13.12 3.35
CA ALA A 19 12.84 -12.10 2.51
C ALA A 19 12.09 -11.93 1.20
N GLU A 20 11.22 -10.92 1.15
CA GLU A 20 10.43 -10.65 -0.04
C GLU A 20 11.06 -9.54 -0.88
N GLN A 21 11.01 -9.70 -2.20
CA GLN A 21 11.58 -8.72 -3.11
C GLN A 21 10.50 -7.81 -3.68
N ASP A 22 10.86 -6.56 -3.93
CA ASP A 22 9.92 -5.57 -4.48
C ASP A 22 8.71 -5.41 -3.58
N ALA A 23 8.84 -5.83 -2.33
CA ALA A 23 7.76 -5.72 -1.37
C ALA A 23 8.06 -4.66 -0.31
N ILE A 24 7.01 -4.07 0.24
CA ILE A 24 7.17 -3.04 1.27
C ILE A 24 6.41 -3.41 2.54
N THR A 25 7.09 -3.25 3.68
CA THR A 25 6.48 -3.57 4.96
C THR A 25 5.28 -2.67 5.25
N LEU A 26 4.30 -3.20 5.97
CA LEU A 26 3.10 -2.45 6.31
C LEU A 26 2.64 -2.76 7.73
N ARG A 27 1.84 -1.87 8.29
CA ARG A 27 1.33 -2.04 9.65
C ARG A 27 -0.17 -1.71 9.70
N GLU A 28 -0.91 -2.51 10.47
CA GLU A 28 -2.35 -2.31 10.60
C GLU A 28 -2.67 -0.89 11.04
N GLY A 29 -3.14 -0.08 10.09
CA GLY A 29 -3.50 1.30 10.40
C GLY A 29 -2.76 2.28 9.52
N GLN A 30 -2.23 1.80 8.40
CA GLN A 30 -1.51 2.65 7.47
C GLN A 30 -2.37 3.01 6.26
N TYR A 31 -2.04 4.13 5.62
CA TYR A 31 -2.77 4.59 4.46
C TYR A 31 -1.83 4.75 3.26
N VAL A 32 -2.30 4.37 2.08
CA VAL A 32 -1.46 4.47 0.88
C VAL A 32 -2.30 4.52 -0.40
N GLU A 33 -2.12 5.58 -1.19
CA GLU A 33 -2.82 5.75 -2.45
C GLU A 33 -2.25 4.82 -3.51
N VAL A 34 -3.09 4.45 -4.49
CA VAL A 34 -2.67 3.57 -5.57
C VAL A 34 -2.23 4.36 -6.79
N LEU A 35 -1.20 3.85 -7.47
CA LEU A 35 -0.68 4.49 -8.67
C LEU A 35 -1.19 3.80 -9.92
N ASP A 36 -0.61 2.64 -10.23
CA ASP A 36 -1.01 1.88 -11.40
C ASP A 36 -1.53 0.49 -11.01
N ALA A 37 -2.21 -0.16 -11.93
CA ALA A 37 -2.76 -1.50 -11.68
C ALA A 37 -1.73 -2.57 -11.94
N ALA A 38 -1.62 -2.98 -13.21
CA ALA A 38 -0.66 -4.01 -13.62
C ALA A 38 -0.90 -5.31 -12.88
N HIS A 39 -1.51 -6.27 -13.57
CA HIS A 39 -1.81 -7.58 -12.99
C HIS A 39 -2.80 -7.47 -11.83
N PRO A 40 -4.02 -8.04 -11.99
CA PRO A 40 -5.05 -8.01 -10.94
C PRO A 40 -4.56 -8.57 -9.60
N LEU A 41 -3.54 -9.42 -9.67
CA LEU A 41 -2.99 -10.03 -8.46
C LEU A 41 -2.53 -8.97 -7.48
N ARG A 42 -1.63 -8.09 -7.92
CA ARG A 42 -1.11 -7.03 -7.08
C ARG A 42 -1.02 -5.72 -7.85
N TRP A 43 -1.37 -4.62 -7.19
CA TRP A 43 -1.34 -3.30 -7.82
C TRP A 43 -0.22 -2.44 -7.22
N LEU A 44 0.29 -1.50 -8.02
CA LEU A 44 1.36 -0.62 -7.58
C LEU A 44 0.81 0.51 -6.71
N VAL A 45 1.43 0.71 -5.55
CA VAL A 45 1.00 1.76 -4.62
C VAL A 45 2.20 2.43 -3.95
N ARG A 46 2.08 3.73 -3.69
CA ARG A 46 3.14 4.48 -3.03
C ARG A 46 2.62 5.14 -1.76
N THR A 47 3.27 4.85 -0.64
CA THR A 47 2.86 5.41 0.65
C THR A 47 3.07 6.92 0.68
N LYS A 48 2.04 7.64 1.12
CA LYS A 48 2.12 9.09 1.20
C LYS A 48 3.15 9.52 2.25
N PRO A 49 4.25 10.17 1.83
CA PRO A 49 5.31 10.62 2.75
C PRO A 49 4.89 11.83 3.57
N THR A 50 5.82 12.32 4.39
CA THR A 50 5.58 13.48 5.23
C THR A 50 6.67 14.52 5.03
N LYS A 51 6.80 15.43 5.99
CA LYS A 51 7.82 16.49 5.91
C LYS A 51 9.16 16.00 6.44
N SER A 52 9.25 14.70 6.74
CA SER A 52 10.48 14.13 7.26
C SER A 52 10.53 12.62 7.03
N SER A 53 9.63 12.13 6.17
CA SER A 53 9.59 10.69 5.87
C SER A 53 9.76 10.44 4.38
N PRO A 54 10.78 9.65 4.00
CA PRO A 54 11.05 9.33 2.59
C PRO A 54 9.90 8.57 1.95
N SER A 55 9.67 8.83 0.66
CA SER A 55 8.60 8.18 -0.07
C SER A 55 9.03 6.81 -0.59
N ARG A 56 8.29 5.78 -0.21
CA ARG A 56 8.59 4.41 -0.63
C ARG A 56 7.38 3.77 -1.28
N GLN A 57 7.58 3.15 -2.44
CA GLN A 57 6.49 2.49 -3.16
C GLN A 57 6.78 1.00 -3.33
N GLY A 58 5.78 0.17 -3.02
CA GLY A 58 5.93 -1.27 -3.15
C GLY A 58 4.63 -1.96 -3.51
N TRP A 59 4.74 -3.17 -4.06
CA TRP A 59 3.56 -3.93 -4.45
C TRP A 59 2.96 -4.66 -3.26
N VAL A 60 1.66 -4.49 -3.05
CA VAL A 60 0.97 -5.13 -1.95
C VAL A 60 -0.28 -5.87 -2.42
N SER A 61 -0.87 -6.65 -1.52
CA SER A 61 -2.07 -7.42 -1.85
C SER A 61 -3.32 -6.56 -1.69
N PRO A 62 -4.00 -6.21 -2.80
CA PRO A 62 -5.21 -5.39 -2.76
C PRO A 62 -6.40 -6.14 -2.17
N ALA A 63 -6.22 -7.43 -1.93
CA ALA A 63 -7.28 -8.26 -1.37
C ALA A 63 -7.53 -7.93 0.10
N TYR A 64 -6.56 -7.26 0.73
CA TYR A 64 -6.68 -6.88 2.12
C TYR A 64 -6.81 -5.36 2.26
N LEU A 65 -7.00 -4.69 1.14
CA LEU A 65 -7.14 -3.23 1.12
C LEU A 65 -8.59 -2.82 0.96
N ASP A 66 -8.97 -1.72 1.60
CA ASP A 66 -10.34 -1.21 1.52
C ASP A 66 -10.36 0.17 0.87
N ARG A 67 -11.05 0.29 -0.26
CA ARG A 67 -11.16 1.55 -0.97
C ARG A 67 -11.88 2.60 -0.14
N ARG A 68 -11.15 3.65 0.23
CA ARG A 68 -11.73 4.73 1.03
C ARG A 68 -11.30 6.09 0.49
N LEU A 69 -12.29 6.96 0.27
CA LEU A 69 -12.02 8.30 -0.23
C LEU A 69 -12.74 9.35 0.61
N LYS A 70 -12.11 10.51 0.77
CA LYS A 70 -12.68 11.59 1.56
C LYS A 70 -13.25 12.68 0.65
N LEU A 71 -13.19 12.43 -0.66
CA LEU A 71 -13.70 13.39 -1.63
C LEU A 71 -15.23 13.45 -1.60
N ILE A 4 -7.34 9.75 -10.87
CA ILE A 4 -7.19 10.13 -9.43
C ILE A 4 -6.69 8.95 -8.61
N PHE A 5 -5.78 9.23 -7.68
CA PHE A 5 -5.22 8.19 -6.83
C PHE A 5 -6.23 7.76 -5.76
N ASP A 6 -6.30 6.46 -5.51
CA ASP A 6 -7.24 5.92 -4.52
C ASP A 6 -6.49 5.33 -3.32
N ILE A 7 -6.67 5.94 -2.16
CA ILE A 7 -6.01 5.48 -0.94
C ILE A 7 -6.81 4.37 -0.27
N TYR A 8 -6.18 3.21 -0.13
CA TYR A 8 -6.82 2.06 0.51
C TYR A 8 -6.40 1.97 1.98
N VAL A 9 -7.22 1.32 2.80
CA VAL A 9 -6.93 1.16 4.21
C VAL A 9 -6.60 -0.29 4.54
N VAL A 10 -5.51 -0.49 5.29
CA VAL A 10 -5.08 -1.82 5.69
C VAL A 10 -5.71 -2.22 7.02
N THR A 11 -6.51 -3.29 7.00
CA THR A 11 -7.17 -3.76 8.22
C THR A 11 -6.87 -5.24 8.45
N ALA A 12 -5.76 -5.71 7.91
CA ALA A 12 -5.36 -7.11 8.06
C ALA A 12 -3.91 -7.22 8.53
N ASP A 13 -3.38 -6.11 9.06
CA ASP A 13 -2.01 -6.06 9.55
C ASP A 13 -1.00 -6.27 8.42
N TYR A 14 -0.82 -7.52 8.01
CA TYR A 14 0.10 -7.85 6.94
C TYR A 14 1.54 -7.48 7.32
N LEU A 15 2.22 -8.39 8.01
CA LEU A 15 3.59 -8.16 8.43
C LEU A 15 4.55 -9.18 7.80
N PRO A 16 5.52 -8.70 6.99
CA PRO A 16 6.50 -9.59 6.34
C PRO A 16 7.31 -10.40 7.34
N LEU A 17 7.49 -11.68 7.05
CA LEU A 17 8.25 -12.57 7.92
C LEU A 17 9.57 -12.99 7.26
N GLY A 18 10.65 -12.31 7.62
CA GLY A 18 11.95 -12.63 7.05
C GLY A 18 12.45 -11.57 6.10
N ALA A 19 12.66 -11.94 4.84
CA ALA A 19 13.15 -11.01 3.83
C ALA A 19 12.24 -11.00 2.61
N GLU A 20 11.51 -9.90 2.44
CA GLU A 20 10.59 -9.76 1.31
C GLU A 20 11.25 -8.98 0.17
N GLN A 21 10.94 -9.37 -1.06
CA GLN A 21 11.49 -8.71 -2.24
C GLN A 21 10.42 -7.95 -3.02
N ASP A 22 10.76 -6.75 -3.47
CA ASP A 22 9.84 -5.92 -4.24
C ASP A 22 8.54 -5.67 -3.46
N ALA A 23 8.59 -5.88 -2.14
CA ALA A 23 7.42 -5.68 -1.30
C ALA A 23 7.63 -4.52 -0.34
N ILE A 24 6.56 -4.10 0.32
CA ILE A 24 6.62 -3.00 1.27
C ILE A 24 5.84 -3.31 2.54
N THR A 25 6.47 -3.10 3.69
CA THR A 25 5.85 -3.37 4.98
C THR A 25 4.60 -2.52 5.19
N LEU A 26 3.64 -3.08 5.92
CA LEU A 26 2.38 -2.38 6.19
C LEU A 26 1.88 -2.72 7.60
N ARG A 27 1.02 -1.86 8.14
CA ARG A 27 0.46 -2.07 9.47
C ARG A 27 -1.05 -1.90 9.47
N GLU A 28 -1.71 -2.55 10.42
CA GLU A 28 -3.17 -2.46 10.53
C GLU A 28 -3.59 -1.04 10.87
N GLY A 29 -3.89 -0.26 9.83
CA GLY A 29 -4.31 1.12 10.03
C GLY A 29 -3.50 2.09 9.20
N GLN A 30 -2.88 1.59 8.13
CA GLN A 30 -2.07 2.42 7.26
C GLN A 30 -2.83 2.78 5.99
N TYR A 31 -2.57 3.97 5.46
CA TYR A 31 -3.22 4.44 4.25
C TYR A 31 -2.22 4.58 3.12
N VAL A 32 -2.62 4.19 1.91
CA VAL A 32 -1.74 4.26 0.75
C VAL A 32 -2.51 4.27 -0.58
N GLU A 33 -2.28 5.31 -1.38
CA GLU A 33 -2.93 5.45 -2.68
C GLU A 33 -2.30 4.51 -3.72
N VAL A 34 -3.10 4.14 -4.72
CA VAL A 34 -2.64 3.24 -5.78
C VAL A 34 -2.05 4.01 -6.96
N LEU A 35 -1.02 3.44 -7.58
CA LEU A 35 -0.37 4.07 -8.72
C LEU A 35 -0.75 3.39 -10.03
N ASP A 36 -0.08 2.29 -10.33
CA ASP A 36 -0.32 1.54 -11.57
C ASP A 36 -1.68 0.84 -11.56
N ALA A 37 -1.74 -0.31 -10.89
CA ALA A 37 -2.97 -1.09 -10.81
C ALA A 37 -3.41 -1.56 -12.19
N ALA A 38 -2.48 -1.55 -13.14
CA ALA A 38 -2.77 -1.99 -14.50
C ALA A 38 -2.77 -3.52 -14.60
N HIS A 39 -2.20 -4.17 -13.59
CA HIS A 39 -2.13 -5.63 -13.56
C HIS A 39 -3.29 -6.20 -12.76
N PRO A 40 -4.15 -7.03 -13.38
CA PRO A 40 -5.31 -7.63 -12.71
C PRO A 40 -4.94 -8.37 -11.43
N LEU A 41 -3.69 -8.82 -11.35
CA LEU A 41 -3.22 -9.56 -10.18
C LEU A 41 -2.85 -8.61 -9.04
N ARG A 42 -1.60 -8.17 -9.00
CA ARG A 42 -1.14 -7.26 -7.96
C ARG A 42 -1.11 -5.82 -8.44
N TRP A 43 -1.36 -4.89 -7.53
CA TRP A 43 -1.37 -3.47 -7.86
C TRP A 43 -0.21 -2.74 -7.18
N LEU A 44 0.40 -1.81 -7.91
CA LEU A 44 1.51 -1.03 -7.37
C LEU A 44 0.99 0.15 -6.56
N VAL A 45 1.60 0.39 -5.41
CA VAL A 45 1.17 1.49 -4.54
C VAL A 45 2.36 2.18 -3.87
N ARG A 46 2.14 3.41 -3.42
CA ARG A 46 3.18 4.18 -2.74
C ARG A 46 2.58 4.90 -1.53
N THR A 47 3.16 4.66 -0.36
CA THR A 47 2.67 5.27 0.87
C THR A 47 3.02 6.76 0.92
N LYS A 48 2.17 7.54 1.57
CA LYS A 48 2.38 8.97 1.71
C LYS A 48 3.46 9.28 2.76
N PRO A 49 4.51 10.03 2.38
CA PRO A 49 5.60 10.37 3.30
C PRO A 49 5.23 11.52 4.24
N THR A 50 6.20 11.94 5.05
CA THR A 50 5.99 13.03 5.99
C THR A 50 7.31 13.50 6.61
N LYS A 51 7.38 14.77 6.95
CA LYS A 51 8.59 15.35 7.55
C LYS A 51 9.80 15.13 6.64
N SER A 52 9.62 15.44 5.36
CA SER A 52 10.69 15.28 4.37
C SER A 52 11.28 13.88 4.42
N SER A 53 10.50 12.90 3.95
CA SER A 53 10.95 11.51 3.94
C SER A 53 10.72 10.88 2.57
N PRO A 54 11.72 10.13 2.07
CA PRO A 54 11.62 9.46 0.77
C PRO A 54 10.39 8.58 0.66
N SER A 55 9.54 8.88 -0.32
CA SER A 55 8.31 8.12 -0.54
C SER A 55 8.62 6.71 -1.04
N ARG A 56 8.18 5.71 -0.30
CA ARG A 56 8.40 4.32 -0.67
C ARG A 56 7.24 3.78 -1.49
N GLN A 57 7.53 2.77 -2.32
CA GLN A 57 6.52 2.16 -3.16
C GLN A 57 6.80 0.66 -3.33
N GLY A 58 5.78 -0.15 -3.10
CA GLY A 58 5.94 -1.59 -3.22
C GLY A 58 4.64 -2.28 -3.60
N TRP A 59 4.76 -3.49 -4.13
CA TRP A 59 3.58 -4.26 -4.54
C TRP A 59 2.88 -4.84 -3.31
N VAL A 60 1.55 -4.73 -3.29
CA VAL A 60 0.75 -5.23 -2.18
C VAL A 60 -0.47 -6.00 -2.67
N SER A 61 -1.05 -6.80 -1.78
CA SER A 61 -2.23 -7.58 -2.12
C SER A 61 -3.50 -6.73 -1.97
N PRO A 62 -4.20 -6.44 -3.08
CA PRO A 62 -5.43 -5.64 -3.05
C PRO A 62 -6.59 -6.36 -2.38
N ALA A 63 -6.38 -7.64 -2.08
CA ALA A 63 -7.41 -8.46 -1.44
C ALA A 63 -7.68 -7.97 -0.02
N TYR A 64 -6.61 -7.61 0.70
CA TYR A 64 -6.75 -7.13 2.08
C TYR A 64 -6.84 -5.61 2.11
N LEU A 65 -7.08 -5.00 0.95
CA LEU A 65 -7.20 -3.55 0.85
C LEU A 65 -8.65 -3.14 0.64
N ASP A 66 -9.03 -2.01 1.25
CA ASP A 66 -10.38 -1.48 1.13
C ASP A 66 -10.36 -0.06 0.62
N ARG A 67 -10.98 0.17 -0.54
CA ARG A 67 -11.02 1.50 -1.12
C ARG A 67 -11.60 2.52 -0.14
N ARG A 68 -10.98 3.69 -0.09
CA ARG A 68 -11.43 4.75 0.81
C ARG A 68 -11.26 6.12 0.15
N LEU A 69 -12.34 6.90 0.14
CA LEU A 69 -12.32 8.23 -0.44
C LEU A 69 -12.53 9.30 0.62
N LYS A 70 -11.72 10.36 0.54
CA LYS A 70 -11.81 11.46 1.51
C LYS A 70 -11.55 10.97 2.93
N LEU A 71 -11.65 11.89 3.89
CA LEU A 71 -11.41 11.55 5.29
C LEU A 71 -12.75 11.51 6.06
N ILE A 4 -8.35 11.66 -9.25
CA ILE A 4 -8.12 11.27 -7.83
C ILE A 4 -7.80 9.78 -7.73
N PHE A 5 -6.67 9.46 -7.12
CA PHE A 5 -6.25 8.07 -6.95
C PHE A 5 -7.14 7.35 -5.94
N ASP A 6 -6.79 6.12 -5.61
CA ASP A 6 -7.58 5.34 -4.66
C ASP A 6 -6.75 4.89 -3.46
N ILE A 7 -6.98 5.52 -2.32
CA ILE A 7 -6.25 5.19 -1.10
C ILE A 7 -6.90 4.01 -0.38
N TYR A 8 -6.15 2.90 -0.30
CA TYR A 8 -6.64 1.71 0.38
C TYR A 8 -6.15 1.68 1.83
N VAL A 9 -7.02 1.23 2.73
CA VAL A 9 -6.68 1.17 4.14
C VAL A 9 -6.33 -0.27 4.55
N VAL A 10 -5.26 -0.42 5.32
CA VAL A 10 -4.82 -1.72 5.79
C VAL A 10 -5.54 -2.11 7.08
N THR A 11 -6.40 -3.11 6.99
CA THR A 11 -7.16 -3.57 8.15
C THR A 11 -6.85 -5.04 8.46
N ALA A 12 -5.76 -5.55 7.90
CA ALA A 12 -5.35 -6.94 8.12
C ALA A 12 -3.91 -7.03 8.60
N ASP A 13 -3.23 -5.89 8.65
CA ASP A 13 -1.85 -5.84 9.10
C ASP A 13 -0.94 -6.69 8.20
N TYR A 14 -0.28 -6.04 7.25
CA TYR A 14 0.60 -6.72 6.32
C TYR A 14 2.05 -6.61 6.76
N LEU A 15 2.50 -7.57 7.57
CA LEU A 15 3.87 -7.58 8.07
C LEU A 15 4.63 -8.80 7.55
N PRO A 16 5.54 -8.60 6.56
CA PRO A 16 6.31 -9.69 5.98
C PRO A 16 7.17 -10.41 7.02
N LEU A 17 7.42 -11.70 6.79
CA LEU A 17 8.22 -12.50 7.70
C LEU A 17 9.45 -13.06 6.99
N GLY A 18 10.58 -12.37 7.16
CA GLY A 18 11.82 -12.82 6.53
C GLY A 18 12.39 -11.79 5.58
N ALA A 19 12.43 -12.13 4.30
CA ALA A 19 12.96 -11.23 3.28
C ALA A 19 11.87 -10.78 2.31
N GLU A 20 11.72 -9.47 2.16
CA GLU A 20 10.70 -8.92 1.28
C GLU A 20 11.20 -8.89 -0.17
N GLN A 21 10.33 -9.30 -1.10
CA GLN A 21 10.68 -9.32 -2.51
C GLN A 21 9.88 -8.26 -3.27
N ASP A 22 10.51 -7.11 -3.53
CA ASP A 22 9.85 -6.03 -4.25
C ASP A 22 8.56 -5.61 -3.55
N ALA A 23 8.46 -5.91 -2.26
CA ALA A 23 7.28 -5.57 -1.48
C ALA A 23 7.60 -4.48 -0.45
N ILE A 24 6.55 -3.97 0.20
CA ILE A 24 6.71 -2.94 1.22
C ILE A 24 5.91 -3.28 2.47
N THR A 25 6.48 -2.95 3.63
CA THR A 25 5.84 -3.22 4.91
C THR A 25 4.68 -2.26 5.15
N LEU A 26 3.52 -2.83 5.47
CA LEU A 26 2.32 -2.02 5.74
C LEU A 26 1.68 -2.44 7.05
N ARG A 27 1.53 -1.48 7.97
CA ARG A 27 0.93 -1.76 9.27
C ARG A 27 -0.56 -1.49 9.24
N GLU A 28 -1.33 -2.30 9.97
CA GLU A 28 -2.77 -2.15 10.02
C GLU A 28 -3.16 -0.76 10.53
N GLY A 29 -3.62 0.09 9.62
CA GLY A 29 -4.00 1.44 9.98
C GLY A 29 -3.31 2.49 9.13
N GLN A 30 -2.67 2.04 8.06
CA GLN A 30 -1.96 2.94 7.17
C GLN A 30 -2.78 3.21 5.91
N TYR A 31 -2.56 4.37 5.32
CA TYR A 31 -3.27 4.76 4.10
C TYR A 31 -2.29 4.93 2.95
N VAL A 32 -2.69 4.49 1.75
CA VAL A 32 -1.83 4.59 0.58
C VAL A 32 -2.63 4.50 -0.73
N GLU A 33 -2.51 5.54 -1.56
CA GLU A 33 -3.20 5.58 -2.85
C GLU A 33 -2.49 4.69 -3.86
N VAL A 34 -3.24 4.20 -4.84
CA VAL A 34 -2.69 3.33 -5.88
C VAL A 34 -2.17 4.15 -7.06
N LEU A 35 -1.06 3.69 -7.63
CA LEU A 35 -0.45 4.37 -8.76
C LEU A 35 -0.82 3.71 -10.08
N ASP A 36 -0.48 2.42 -10.22
CA ASP A 36 -0.78 1.67 -11.43
C ASP A 36 -2.28 1.38 -11.55
N ALA A 37 -2.74 0.42 -10.75
CA ALA A 37 -4.15 0.02 -10.76
C ALA A 37 -4.55 -0.51 -12.13
N ALA A 38 -4.42 -1.82 -12.32
CA ALA A 38 -4.78 -2.46 -13.58
C ALA A 38 -4.99 -3.96 -13.41
N HIS A 39 -3.93 -4.66 -13.03
CA HIS A 39 -4.01 -6.11 -12.83
C HIS A 39 -4.32 -6.44 -11.37
N PRO A 40 -5.50 -7.02 -11.08
CA PRO A 40 -5.91 -7.37 -9.72
C PRO A 40 -4.83 -8.15 -8.96
N LEU A 41 -3.96 -8.82 -9.72
CA LEU A 41 -2.88 -9.60 -9.12
C LEU A 41 -2.07 -8.76 -8.13
N ARG A 42 -1.37 -7.75 -8.64
CA ARG A 42 -0.57 -6.87 -7.80
C ARG A 42 -0.51 -5.46 -8.36
N TRP A 43 -0.71 -4.47 -7.49
CA TRP A 43 -0.69 -3.07 -7.89
C TRP A 43 0.45 -2.31 -7.23
N LEU A 44 0.99 -1.32 -7.93
CA LEU A 44 2.08 -0.50 -7.42
C LEU A 44 1.51 0.67 -6.62
N VAL A 45 1.89 0.73 -5.34
CA VAL A 45 1.41 1.80 -4.47
C VAL A 45 2.53 2.39 -3.62
N ARG A 46 2.40 3.67 -3.27
CA ARG A 46 3.39 4.33 -2.44
C ARG A 46 2.70 5.12 -1.32
N THR A 47 3.16 4.92 -0.09
CA THR A 47 2.57 5.60 1.06
C THR A 47 2.98 7.08 1.10
N LYS A 48 2.22 7.88 1.85
CA LYS A 48 2.51 9.30 1.96
C LYS A 48 3.74 9.55 2.85
N PRO A 49 4.66 10.41 2.40
CA PRO A 49 5.88 10.72 3.17
C PRO A 49 5.63 11.69 4.31
N THR A 50 6.52 11.66 5.31
CA THR A 50 6.39 12.54 6.47
C THR A 50 7.26 13.77 6.31
N LYS A 51 7.67 14.36 7.43
CA LYS A 51 8.51 15.56 7.40
C LYS A 51 9.98 15.21 7.17
N SER A 52 10.28 13.91 7.11
CA SER A 52 11.66 13.47 6.91
C SER A 52 11.70 12.07 6.29
N SER A 53 10.55 11.40 6.24
CA SER A 53 10.47 10.05 5.68
C SER A 53 10.12 10.11 4.19
N PRO A 54 11.04 9.66 3.32
CA PRO A 54 10.82 9.66 1.87
C PRO A 54 9.68 8.72 1.46
N SER A 55 9.13 8.96 0.28
CA SER A 55 8.04 8.14 -0.23
C SER A 55 8.54 6.79 -0.74
N ARG A 56 7.98 5.71 -0.19
CA ARG A 56 8.38 4.36 -0.58
C ARG A 56 7.25 3.66 -1.33
N GLN A 57 7.60 2.99 -2.42
CA GLN A 57 6.62 2.27 -3.22
C GLN A 57 6.94 0.78 -3.27
N GLY A 58 5.93 -0.05 -2.99
CA GLY A 58 6.13 -1.49 -3.00
C GLY A 58 4.89 -2.24 -3.44
N TRP A 59 5.08 -3.32 -4.18
CA TRP A 59 3.97 -4.12 -4.68
C TRP A 59 3.41 -5.01 -3.56
N VAL A 60 2.13 -4.81 -3.24
CA VAL A 60 1.48 -5.59 -2.20
C VAL A 60 0.18 -6.20 -2.70
N SER A 61 -0.40 -7.10 -1.92
CA SER A 61 -1.64 -7.77 -2.29
C SER A 61 -2.84 -6.91 -1.90
N PRO A 62 -3.60 -6.38 -2.89
CA PRO A 62 -4.77 -5.55 -2.62
C PRO A 62 -5.96 -6.36 -2.10
N ALA A 63 -5.76 -7.67 -1.99
CA ALA A 63 -6.82 -8.56 -1.51
C ALA A 63 -7.16 -8.27 -0.04
N TYR A 64 -6.16 -7.80 0.70
CA TYR A 64 -6.34 -7.49 2.11
C TYR A 64 -6.58 -5.98 2.30
N LEU A 65 -6.86 -5.30 1.19
CA LEU A 65 -7.10 -3.86 1.22
C LEU A 65 -8.58 -3.55 1.04
N ASP A 66 -8.96 -2.31 1.34
CA ASP A 66 -10.35 -1.88 1.21
C ASP A 66 -10.46 -0.69 0.26
N ARG A 67 -11.50 -0.69 -0.57
CA ARG A 67 -11.73 0.39 -1.52
C ARG A 67 -12.37 1.60 -0.86
N ARG A 68 -11.66 2.73 -0.89
CA ARG A 68 -12.16 3.96 -0.30
C ARG A 68 -11.89 5.15 -1.23
N LEU A 69 -12.77 6.15 -1.18
CA LEU A 69 -12.65 7.33 -2.02
C LEU A 69 -12.29 8.56 -1.19
N LYS A 70 -11.47 9.44 -1.77
CA LYS A 70 -11.05 10.66 -1.10
C LYS A 70 -10.33 10.35 0.20
N LEU A 71 -9.88 11.40 0.90
CA LEU A 71 -9.16 11.23 2.16
C LEU A 71 -9.86 11.99 3.27
N ILE A 4 -4.82 12.60 -7.05
CA ILE A 4 -5.65 12.10 -5.91
C ILE A 4 -5.47 10.60 -5.71
N PHE A 5 -5.63 9.84 -6.79
CA PHE A 5 -5.48 8.39 -6.73
C PHE A 5 -6.46 7.77 -5.74
N ASP A 6 -6.28 6.49 -5.44
CA ASP A 6 -7.16 5.79 -4.51
C ASP A 6 -6.39 5.21 -3.33
N ILE A 7 -6.59 5.78 -2.15
CA ILE A 7 -5.93 5.33 -0.94
C ILE A 7 -6.67 4.16 -0.30
N TYR A 8 -5.93 3.13 0.11
CA TYR A 8 -6.51 1.96 0.74
C TYR A 8 -5.94 1.77 2.15
N VAL A 9 -6.82 1.54 3.12
CA VAL A 9 -6.41 1.35 4.49
C VAL A 9 -6.22 -0.12 4.82
N VAL A 10 -5.19 -0.42 5.60
CA VAL A 10 -4.90 -1.80 5.99
C VAL A 10 -5.54 -2.14 7.34
N THR A 11 -6.37 -3.18 7.35
CA THR A 11 -7.04 -3.60 8.57
C THR A 11 -6.87 -5.09 8.81
N ALA A 12 -5.92 -5.70 8.11
CA ALA A 12 -5.66 -7.13 8.27
C ALA A 12 -4.21 -7.38 8.67
N ASP A 13 -3.46 -6.31 8.88
CA ASP A 13 -2.06 -6.41 9.27
C ASP A 13 -1.29 -7.31 8.31
N TYR A 14 -1.11 -6.84 7.08
CA TYR A 14 -0.38 -7.60 6.07
C TYR A 14 1.11 -7.36 6.17
N LEU A 15 1.81 -8.25 6.86
CA LEU A 15 3.25 -8.13 7.03
C LEU A 15 3.97 -9.22 6.24
N PRO A 16 4.90 -8.83 5.33
CA PRO A 16 5.66 -9.78 4.52
C PRO A 16 6.45 -10.77 5.37
N LEU A 17 6.60 -11.98 4.87
CA LEU A 17 7.34 -13.02 5.59
C LEU A 17 8.78 -13.08 5.10
N GLY A 18 9.66 -12.39 5.81
CA GLY A 18 11.06 -12.39 5.44
C GLY A 18 11.40 -11.27 4.48
N ALA A 19 12.64 -11.24 4.00
CA ALA A 19 13.09 -10.22 3.07
C ALA A 19 12.78 -10.62 1.63
N GLU A 20 11.76 -9.98 1.05
CA GLU A 20 11.37 -10.26 -0.33
C GLU A 20 11.71 -9.09 -1.24
N GLN A 21 12.01 -9.40 -2.50
CA GLN A 21 12.35 -8.37 -3.47
C GLN A 21 11.10 -7.69 -4.01
N ASP A 22 11.22 -6.39 -4.28
CA ASP A 22 10.10 -5.60 -4.80
C ASP A 22 8.91 -5.65 -3.84
N ALA A 23 9.19 -5.92 -2.58
CA ALA A 23 8.14 -5.99 -1.56
C ALA A 23 8.20 -4.79 -0.62
N ILE A 24 7.10 -4.56 0.09
CA ILE A 24 7.02 -3.45 1.03
C ILE A 24 6.27 -3.86 2.30
N THR A 25 6.74 -3.39 3.44
CA THR A 25 6.11 -3.72 4.72
C THR A 25 4.95 -2.78 5.03
N LEU A 26 3.80 -3.36 5.35
CA LEU A 26 2.61 -2.58 5.67
C LEU A 26 2.26 -2.69 7.15
N ARG A 27 1.42 -1.78 7.62
CA ARG A 27 1.00 -1.76 9.01
C ARG A 27 -0.51 -1.58 9.13
N GLU A 28 -1.14 -2.40 9.97
CA GLU A 28 -2.57 -2.33 10.16
C GLU A 28 -2.98 -0.97 10.72
N GLY A 29 -3.48 -0.11 9.85
CA GLY A 29 -3.91 1.22 10.26
C GLY A 29 -3.22 2.31 9.46
N GLN A 30 -2.56 1.92 8.38
CA GLN A 30 -1.86 2.87 7.52
C GLN A 30 -2.68 3.17 6.26
N TYR A 31 -2.32 4.27 5.60
CA TYR A 31 -3.01 4.67 4.38
C TYR A 31 -2.02 4.83 3.23
N VAL A 32 -2.43 4.42 2.04
CA VAL A 32 -1.55 4.52 0.87
C VAL A 32 -2.33 4.49 -0.45
N GLU A 33 -2.13 5.52 -1.26
CA GLU A 33 -2.79 5.62 -2.56
C GLU A 33 -2.10 4.70 -3.58
N VAL A 34 -2.88 4.26 -4.58
CA VAL A 34 -2.36 3.38 -5.61
C VAL A 34 -1.78 4.17 -6.78
N LEU A 35 -0.70 3.65 -7.38
CA LEU A 35 -0.05 4.31 -8.50
C LEU A 35 -0.36 3.63 -9.83
N ASP A 36 0.24 2.45 -10.04
CA ASP A 36 0.05 1.71 -11.28
C ASP A 36 -1.23 0.87 -11.25
N ALA A 37 -1.16 -0.28 -10.59
CA ALA A 37 -2.31 -1.20 -10.50
C ALA A 37 -2.71 -1.69 -11.89
N ALA A 38 -2.33 -2.92 -12.21
CA ALA A 38 -2.65 -3.50 -13.50
C ALA A 38 -3.37 -4.83 -13.34
N HIS A 39 -2.70 -5.81 -12.74
CA HIS A 39 -3.27 -7.13 -12.53
C HIS A 39 -3.88 -7.26 -11.13
N PRO A 40 -5.05 -7.91 -11.01
CA PRO A 40 -5.73 -8.10 -9.72
C PRO A 40 -4.87 -8.82 -8.71
N LEU A 41 -3.87 -9.56 -9.19
CA LEU A 41 -2.96 -10.30 -8.33
C LEU A 41 -2.28 -9.36 -7.33
N ARG A 42 -1.61 -8.35 -7.85
CA ARG A 42 -0.90 -7.39 -7.00
C ARG A 42 -0.98 -5.98 -7.60
N TRP A 43 -1.17 -4.99 -6.74
CA TRP A 43 -1.24 -3.60 -7.18
C TRP A 43 -0.06 -2.80 -6.65
N LEU A 44 0.47 -1.93 -7.49
CA LEU A 44 1.62 -1.09 -7.11
C LEU A 44 1.13 0.16 -6.38
N VAL A 45 1.68 0.40 -5.19
CA VAL A 45 1.30 1.56 -4.39
C VAL A 45 2.51 2.25 -3.79
N ARG A 46 2.31 3.47 -3.31
CA ARG A 46 3.38 4.25 -2.69
C ARG A 46 2.83 5.05 -1.52
N THR A 47 3.26 4.68 -0.31
CA THR A 47 2.80 5.35 0.90
C THR A 47 3.11 6.84 0.87
N LYS A 48 2.26 7.62 1.54
CA LYS A 48 2.42 9.07 1.59
C LYS A 48 3.56 9.46 2.53
N PRO A 49 4.42 10.41 2.12
CA PRO A 49 5.54 10.87 2.93
C PRO A 49 5.14 11.89 3.99
N THR A 50 5.26 11.51 5.26
CA THR A 50 4.91 12.41 6.35
C THR A 50 5.87 13.59 6.44
N LYS A 51 5.45 14.73 5.88
CA LYS A 51 6.25 15.94 5.88
C LYS A 51 7.53 15.77 5.07
N SER A 52 8.52 15.10 5.66
CA SER A 52 9.79 14.88 4.97
C SER A 52 10.26 13.44 5.13
N SER A 53 9.30 12.52 5.26
CA SER A 53 9.61 11.11 5.41
C SER A 53 9.81 10.43 4.06
N PRO A 54 10.88 9.63 3.92
CA PRO A 54 11.18 8.92 2.67
C PRO A 54 10.02 8.05 2.20
N SER A 55 9.45 8.41 1.06
CA SER A 55 8.32 7.67 0.49
C SER A 55 8.79 6.34 -0.10
N ARG A 56 8.12 5.26 0.28
CA ARG A 56 8.46 3.93 -0.21
C ARG A 56 7.37 3.39 -1.14
N GLN A 57 7.79 2.77 -2.24
CA GLN A 57 6.85 2.21 -3.21
C GLN A 57 7.06 0.71 -3.34
N GLY A 58 5.99 -0.06 -3.16
CA GLY A 58 6.08 -1.50 -3.27
C GLY A 58 4.78 -2.15 -3.69
N TRP A 59 4.86 -3.40 -4.13
CA TRP A 59 3.68 -4.14 -4.57
C TRP A 59 3.00 -4.81 -3.37
N VAL A 60 1.68 -4.74 -3.31
CA VAL A 60 0.93 -5.34 -2.22
C VAL A 60 -0.32 -6.05 -2.72
N SER A 61 -0.98 -6.76 -1.81
CA SER A 61 -2.20 -7.50 -2.15
C SER A 61 -3.44 -6.65 -1.88
N PRO A 62 -4.29 -6.41 -2.89
CA PRO A 62 -5.51 -5.61 -2.74
C PRO A 62 -6.62 -6.35 -2.02
N ALA A 63 -6.43 -7.65 -1.83
CA ALA A 63 -7.43 -8.48 -1.16
C ALA A 63 -7.60 -8.06 0.30
N TYR A 64 -6.54 -7.50 0.88
CA TYR A 64 -6.57 -7.07 2.27
C TYR A 64 -6.65 -5.55 2.37
N LEU A 65 -7.02 -4.91 1.26
CA LEU A 65 -7.14 -3.46 1.21
C LEU A 65 -8.60 -3.02 1.09
N ASP A 66 -8.96 -1.98 1.83
CA ASP A 66 -10.32 -1.46 1.79
C ASP A 66 -10.38 -0.14 1.03
N ARG A 67 -11.28 -0.07 0.05
CA ARG A 67 -11.43 1.14 -0.76
C ARG A 67 -11.87 2.32 0.10
N ARG A 68 -11.07 3.37 0.12
CA ARG A 68 -11.37 4.56 0.90
C ARG A 68 -11.03 5.82 0.13
N LEU A 69 -12.05 6.61 -0.19
CA LEU A 69 -11.86 7.85 -0.93
C LEU A 69 -12.09 9.06 -0.03
N LYS A 70 -11.27 10.10 -0.22
CA LYS A 70 -11.38 11.32 0.56
C LYS A 70 -12.02 12.44 -0.25
N LEU A 71 -12.11 13.62 0.36
CA LEU A 71 -12.69 14.78 -0.32
C LEU A 71 -11.65 15.48 -1.19
N ILE A 4 -8.33 11.49 -7.59
CA ILE A 4 -8.13 10.43 -8.62
C ILE A 4 -7.58 9.16 -8.00
N PHE A 5 -6.51 9.30 -7.21
CA PHE A 5 -5.89 8.16 -6.56
C PHE A 5 -6.80 7.61 -5.47
N ASP A 6 -6.57 6.35 -5.08
CA ASP A 6 -7.37 5.72 -4.04
C ASP A 6 -6.50 5.24 -2.87
N ILE A 7 -6.65 5.89 -1.73
CA ILE A 7 -5.89 5.54 -0.54
C ILE A 7 -6.56 4.41 0.22
N TYR A 8 -5.90 3.25 0.25
CA TYR A 8 -6.41 2.07 0.93
C TYR A 8 -5.84 1.97 2.35
N VAL A 9 -6.65 1.49 3.27
CA VAL A 9 -6.23 1.33 4.66
C VAL A 9 -6.09 -0.14 5.03
N VAL A 10 -4.99 -0.46 5.72
CA VAL A 10 -4.74 -1.84 6.15
C VAL A 10 -5.55 -2.19 7.38
N THR A 11 -6.45 -3.16 7.22
CA THR A 11 -7.31 -3.59 8.33
C THR A 11 -7.10 -5.07 8.63
N ALA A 12 -6.03 -5.65 8.10
CA ALA A 12 -5.73 -7.05 8.32
C ALA A 12 -4.27 -7.24 8.70
N ASP A 13 -3.55 -6.14 8.85
CA ASP A 13 -2.13 -6.18 9.21
C ASP A 13 -1.33 -7.02 8.22
N TYR A 14 -0.83 -6.37 7.18
CA TYR A 14 -0.05 -7.06 6.15
C TYR A 14 1.43 -7.09 6.51
N LEU A 15 1.85 -8.16 7.17
CA LEU A 15 3.24 -8.31 7.58
C LEU A 15 3.96 -9.32 6.68
N PRO A 16 4.85 -8.85 5.78
CA PRO A 16 5.60 -9.73 4.87
C PRO A 16 6.42 -10.76 5.62
N LEU A 17 6.20 -12.04 5.30
CA LEU A 17 6.94 -13.10 5.93
C LEU A 17 8.33 -13.21 5.34
N GLY A 18 9.30 -12.57 5.99
CA GLY A 18 10.67 -12.58 5.51
C GLY A 18 11.04 -11.33 4.76
N ALA A 19 12.16 -11.38 4.05
CA ALA A 19 12.63 -10.23 3.27
C ALA A 19 12.49 -10.48 1.78
N GLU A 20 11.48 -9.87 1.17
CA GLU A 20 11.23 -10.04 -0.26
C GLU A 20 11.65 -8.79 -1.03
N GLN A 21 12.16 -9.00 -2.24
CA GLN A 21 12.61 -7.91 -3.08
C GLN A 21 11.42 -7.13 -3.64
N ASP A 22 11.60 -5.82 -3.79
CA ASP A 22 10.55 -4.95 -4.32
C ASP A 22 9.32 -4.98 -3.42
N ALA A 23 9.46 -5.51 -2.22
CA ALA A 23 8.36 -5.59 -1.27
C ALA A 23 8.49 -4.53 -0.19
N ILE A 24 7.35 -4.14 0.37
CA ILE A 24 7.33 -3.12 1.42
C ILE A 24 6.49 -3.59 2.61
N THR A 25 6.95 -3.25 3.82
CA THR A 25 6.25 -3.63 5.04
C THR A 25 5.16 -2.62 5.39
N LEU A 26 3.99 -3.13 5.77
CA LEU A 26 2.87 -2.27 6.13
C LEU A 26 2.28 -2.68 7.48
N ARG A 27 1.58 -1.75 8.12
CA ARG A 27 0.97 -2.01 9.42
C ARG A 27 -0.53 -1.69 9.38
N GLU A 28 -1.31 -2.46 10.11
CA GLU A 28 -2.76 -2.26 10.17
C GLU A 28 -3.09 -0.89 10.74
N GLY A 29 -3.51 0.03 9.88
CA GLY A 29 -3.85 1.36 10.32
C GLY A 29 -3.13 2.44 9.53
N GLN A 30 -2.51 2.04 8.42
CA GLN A 30 -1.78 2.97 7.58
C GLN A 30 -2.60 3.37 6.37
N TYR A 31 -2.15 4.40 5.65
CA TYR A 31 -2.84 4.88 4.47
C TYR A 31 -1.88 5.03 3.29
N VAL A 32 -2.32 4.60 2.11
CA VAL A 32 -1.49 4.69 0.92
C VAL A 32 -2.33 4.61 -0.37
N GLU A 33 -2.20 5.63 -1.21
CA GLU A 33 -2.93 5.69 -2.48
C GLU A 33 -2.29 4.75 -3.51
N VAL A 34 -3.11 4.29 -4.45
CA VAL A 34 -2.64 3.38 -5.50
C VAL A 34 -2.15 4.16 -6.72
N LEU A 35 -1.10 3.65 -7.35
CA LEU A 35 -0.52 4.28 -8.54
C LEU A 35 -0.96 3.56 -9.80
N ASP A 36 -0.31 2.44 -10.09
CA ASP A 36 -0.62 1.66 -11.28
C ASP A 36 -1.50 0.46 -10.93
N ALA A 37 -2.56 0.26 -11.69
CA ALA A 37 -3.49 -0.84 -11.47
C ALA A 37 -3.78 -1.58 -12.76
N ALA A 38 -3.52 -2.89 -12.76
CA ALA A 38 -3.76 -3.72 -13.93
C ALA A 38 -4.03 -5.17 -13.53
N HIS A 39 -3.06 -5.79 -12.87
CA HIS A 39 -3.20 -7.17 -12.43
C HIS A 39 -3.78 -7.25 -11.02
N PRO A 40 -4.95 -7.90 -10.85
CA PRO A 40 -5.60 -8.03 -9.54
C PRO A 40 -4.68 -8.63 -8.48
N LEU A 41 -3.67 -9.37 -8.93
CA LEU A 41 -2.71 -9.99 -8.03
C LEU A 41 -2.02 -8.96 -7.13
N ARG A 42 -1.29 -8.04 -7.76
CA ARG A 42 -0.58 -7.01 -7.01
C ARG A 42 -0.60 -5.68 -7.75
N TRP A 43 -0.70 -4.59 -7.00
CA TRP A 43 -0.72 -3.25 -7.59
C TRP A 43 0.42 -2.40 -7.04
N LEU A 44 0.88 -1.44 -7.84
CA LEU A 44 1.96 -0.55 -7.44
C LEU A 44 1.42 0.60 -6.60
N VAL A 45 1.88 0.68 -5.36
CA VAL A 45 1.44 1.73 -4.45
C VAL A 45 2.61 2.38 -3.72
N ARG A 46 2.47 3.67 -3.41
CA ARG A 46 3.52 4.41 -2.70
C ARG A 46 2.93 5.17 -1.53
N THR A 47 3.46 4.91 -0.33
CA THR A 47 2.97 5.56 0.88
C THR A 47 3.35 7.04 0.90
N LYS A 48 2.51 7.85 1.51
CA LYS A 48 2.76 9.29 1.61
C LYS A 48 3.96 9.57 2.51
N PRO A 49 5.05 10.12 1.94
CA PRO A 49 6.26 10.45 2.71
C PRO A 49 6.04 11.59 3.68
N THR A 50 6.88 11.67 4.71
CA THR A 50 6.76 12.72 5.71
C THR A 50 7.96 13.68 5.64
N LYS A 51 8.06 14.56 6.64
CA LYS A 51 9.15 15.53 6.69
C LYS A 51 10.45 14.87 7.14
N SER A 52 10.40 13.55 7.34
CA SER A 52 11.57 12.80 7.77
C SER A 52 11.60 11.40 7.14
N SER A 53 10.53 11.06 6.42
CA SER A 53 10.44 9.76 5.79
C SER A 53 10.39 9.89 4.26
N PRO A 54 11.38 9.32 3.55
CA PRO A 54 11.45 9.36 2.09
C PRO A 54 10.29 8.63 1.44
N SER A 55 10.01 8.97 0.18
CA SER A 55 8.91 8.34 -0.55
C SER A 55 9.30 6.92 -1.00
N ARG A 56 8.55 5.93 -0.51
CA ARG A 56 8.81 4.54 -0.86
C ARG A 56 7.60 3.94 -1.58
N GLN A 57 7.85 2.89 -2.36
CA GLN A 57 6.78 2.23 -3.11
C GLN A 57 7.02 0.72 -3.19
N GLY A 58 5.96 -0.04 -2.94
CA GLY A 58 6.05 -1.49 -2.99
C GLY A 58 4.74 -2.13 -3.42
N TRP A 59 4.83 -3.30 -4.04
CA TRP A 59 3.63 -4.00 -4.50
C TRP A 59 2.88 -4.63 -3.33
N VAL A 60 1.57 -4.40 -3.30
CA VAL A 60 0.72 -4.93 -2.24
C VAL A 60 -0.46 -5.71 -2.80
N SER A 61 -1.15 -6.44 -1.94
CA SER A 61 -2.31 -7.23 -2.36
C SER A 61 -3.61 -6.49 -2.06
N PRO A 62 -4.37 -6.09 -3.09
CA PRO A 62 -5.64 -5.37 -2.90
C PRO A 62 -6.72 -6.25 -2.30
N ALA A 63 -6.44 -7.54 -2.18
CA ALA A 63 -7.39 -8.49 -1.62
C ALA A 63 -7.47 -8.36 -0.10
N TYR A 64 -6.62 -7.50 0.46
CA TYR A 64 -6.60 -7.28 1.90
C TYR A 64 -6.77 -5.80 2.23
N LEU A 65 -6.94 -5.00 1.19
CA LEU A 65 -7.12 -3.55 1.35
C LEU A 65 -8.54 -3.12 1.01
N ASP A 66 -9.02 -2.10 1.71
CA ASP A 66 -10.37 -1.59 1.47
C ASP A 66 -10.33 -0.28 0.72
N ARG A 67 -11.33 -0.05 -0.13
CA ARG A 67 -11.40 1.18 -0.91
C ARG A 67 -11.93 2.34 -0.09
N ARG A 68 -11.13 3.40 0.02
CA ARG A 68 -11.50 4.58 0.79
C ARG A 68 -11.05 5.85 0.09
N LEU A 69 -12.01 6.63 -0.40
CA LEU A 69 -11.72 7.88 -1.08
C LEU A 69 -12.57 9.01 -0.53
N LYS A 70 -12.00 10.21 -0.48
CA LYS A 70 -12.71 11.38 0.03
C LYS A 70 -13.88 11.75 -0.86
N LEU A 71 -15.08 11.74 -0.28
CA LEU A 71 -16.30 12.07 -1.02
C LEU A 71 -16.42 13.58 -1.21
N ILE A 4 -6.74 10.54 -10.23
CA ILE A 4 -7.20 10.36 -8.83
C ILE A 4 -6.65 9.08 -8.24
N PHE A 5 -5.98 9.20 -7.09
CA PHE A 5 -5.40 8.05 -6.41
C PHE A 5 -6.35 7.53 -5.34
N ASP A 6 -6.20 6.25 -4.98
CA ASP A 6 -7.05 5.64 -3.96
C ASP A 6 -6.22 5.09 -2.80
N ILE A 7 -6.38 5.70 -1.63
CA ILE A 7 -5.65 5.26 -0.45
C ILE A 7 -6.38 4.11 0.24
N TYR A 8 -5.79 2.92 0.18
CA TYR A 8 -6.38 1.75 0.80
C TYR A 8 -5.82 1.53 2.21
N VAL A 9 -6.67 1.05 3.11
CA VAL A 9 -6.26 0.81 4.49
C VAL A 9 -6.07 -0.69 4.74
N VAL A 10 -5.02 -1.00 5.50
CA VAL A 10 -4.71 -2.39 5.83
C VAL A 10 -5.33 -2.79 7.16
N THR A 11 -6.34 -3.66 7.11
CA THR A 11 -7.02 -4.12 8.31
C THR A 11 -6.86 -5.62 8.49
N ALA A 12 -5.83 -6.17 7.85
CA ALA A 12 -5.56 -7.60 7.94
C ALA A 12 -4.16 -7.87 8.48
N ASP A 13 -3.51 -6.81 8.95
CA ASP A 13 -2.16 -6.92 9.50
C ASP A 13 -1.22 -7.61 8.52
N TYR A 14 -0.95 -6.93 7.40
CA TYR A 14 -0.07 -7.47 6.37
C TYR A 14 1.39 -7.30 6.76
N LEU A 15 1.97 -8.34 7.36
CA LEU A 15 3.36 -8.32 7.78
C LEU A 15 4.21 -9.29 6.97
N PRO A 16 5.16 -8.78 6.15
CA PRO A 16 6.03 -9.63 5.34
C PRO A 16 6.85 -10.60 6.18
N LEU A 17 7.18 -11.75 5.59
CA LEU A 17 7.97 -12.76 6.29
C LEU A 17 9.45 -12.51 6.06
N GLY A 18 10.08 -11.82 7.00
CA GLY A 18 11.50 -11.53 6.91
C GLY A 18 11.82 -10.60 5.75
N ALA A 19 12.69 -11.06 4.84
CA ALA A 19 13.08 -10.26 3.69
C ALA A 19 12.37 -10.75 2.43
N GLU A 20 11.43 -9.94 1.94
CA GLU A 20 10.68 -10.30 0.74
C GLU A 20 10.94 -9.29 -0.39
N GLN A 21 11.43 -9.79 -1.52
CA GLN A 21 11.73 -8.94 -2.66
C GLN A 21 10.46 -8.34 -3.25
N ASP A 22 10.58 -7.12 -3.78
CA ASP A 22 9.45 -6.43 -4.38
C ASP A 22 8.31 -6.26 -3.37
N ALA A 23 8.66 -6.29 -2.09
CA ALA A 23 7.67 -6.13 -1.03
C ALA A 23 8.00 -4.93 -0.14
N ILE A 24 6.97 -4.39 0.50
CA ILE A 24 7.14 -3.23 1.38
C ILE A 24 6.53 -3.50 2.75
N THR A 25 7.23 -3.08 3.80
CA THR A 25 6.75 -3.28 5.17
C THR A 25 5.40 -2.60 5.37
N LEU A 26 4.48 -3.31 6.02
CA LEU A 26 3.14 -2.78 6.27
C LEU A 26 2.62 -3.25 7.62
N ARG A 27 1.67 -2.48 8.18
CA ARG A 27 1.08 -2.80 9.47
C ARG A 27 -0.42 -2.51 9.46
N GLU A 28 -1.16 -3.21 10.31
CA GLU A 28 -2.60 -3.02 10.40
C GLU A 28 -2.93 -1.61 10.86
N GLY A 29 -3.23 -0.74 9.91
CA GLY A 29 -3.56 0.64 10.23
C GLY A 29 -2.75 1.64 9.42
N GLN A 30 -2.20 1.18 8.30
CA GLN A 30 -1.41 2.02 7.43
C GLN A 30 -2.22 2.46 6.22
N TYR A 31 -1.93 3.67 5.74
CA TYR A 31 -2.63 4.22 4.59
C TYR A 31 -1.68 4.47 3.43
N VAL A 32 -2.10 4.11 2.22
CA VAL A 32 -1.27 4.29 1.04
C VAL A 32 -2.09 4.32 -0.25
N GLU A 33 -1.93 5.39 -1.02
CA GLU A 33 -2.63 5.54 -2.30
C GLU A 33 -2.02 4.63 -3.36
N VAL A 34 -2.84 4.26 -4.34
CA VAL A 34 -2.39 3.40 -5.43
C VAL A 34 -1.97 4.20 -6.65
N LEU A 35 -0.83 3.83 -7.23
CA LEU A 35 -0.32 4.51 -8.41
C LEU A 35 -0.81 3.85 -9.69
N ASP A 36 -0.35 2.62 -9.92
CA ASP A 36 -0.76 1.87 -11.10
C ASP A 36 -1.75 0.77 -10.75
N ALA A 37 -2.69 0.50 -11.65
CA ALA A 37 -3.69 -0.53 -11.43
C ALA A 37 -3.47 -1.72 -12.37
N ALA A 38 -2.28 -1.80 -12.95
CA ALA A 38 -1.94 -2.88 -13.86
C ALA A 38 -2.02 -4.24 -13.18
N HIS A 39 -2.73 -5.17 -13.83
CA HIS A 39 -2.89 -6.53 -13.29
C HIS A 39 -3.61 -6.49 -11.94
N PRO A 40 -4.90 -6.88 -11.91
CA PRO A 40 -5.69 -6.89 -10.67
C PRO A 40 -5.05 -7.70 -9.56
N LEU A 41 -4.18 -8.63 -9.92
CA LEU A 41 -3.50 -9.47 -8.94
C LEU A 41 -2.77 -8.62 -7.91
N ARG A 42 -1.90 -7.74 -8.39
CA ARG A 42 -1.13 -6.87 -7.51
C ARG A 42 -1.03 -5.46 -8.08
N TRP A 43 -1.43 -4.47 -7.29
CA TRP A 43 -1.37 -3.07 -7.72
C TRP A 43 -0.19 -2.34 -7.10
N LEU A 44 0.41 -1.44 -7.87
CA LEU A 44 1.54 -0.66 -7.39
C LEU A 44 1.05 0.50 -6.51
N VAL A 45 1.69 0.68 -5.36
CA VAL A 45 1.30 1.75 -4.45
C VAL A 45 2.51 2.52 -3.92
N ARG A 46 2.24 3.72 -3.41
CA ARG A 46 3.29 4.57 -2.86
C ARG A 46 2.80 5.28 -1.59
N THR A 47 3.36 4.90 -0.45
CA THR A 47 2.97 5.48 0.83
C THR A 47 3.17 7.00 0.83
N LYS A 48 2.22 7.70 1.45
CA LYS A 48 2.29 9.16 1.52
C LYS A 48 3.31 9.60 2.57
N PRO A 49 4.28 10.46 2.17
CA PRO A 49 5.31 10.95 3.09
C PRO A 49 4.79 12.08 3.98
N THR A 50 5.71 12.69 4.72
CA THR A 50 5.36 13.80 5.61
C THR A 50 6.28 14.99 5.39
N LYS A 51 6.69 15.19 4.13
CA LYS A 51 7.59 16.29 3.77
C LYS A 51 8.95 16.11 4.41
N SER A 52 9.16 14.98 5.09
CA SER A 52 10.42 14.69 5.73
C SER A 52 10.70 13.19 5.74
N SER A 53 9.64 12.40 5.62
CA SER A 53 9.78 10.94 5.62
C SER A 53 9.93 10.40 4.19
N PRO A 54 11.02 9.65 3.93
CA PRO A 54 11.28 9.07 2.60
C PRO A 54 10.13 8.18 2.13
N SER A 55 9.58 8.49 0.97
CA SER A 55 8.48 7.72 0.41
C SER A 55 8.97 6.35 -0.08
N ARG A 56 8.08 5.36 -0.03
CA ARG A 56 8.44 4.01 -0.46
C ARG A 56 7.37 3.43 -1.38
N GLN A 57 7.79 2.61 -2.33
CA GLN A 57 6.87 1.98 -3.27
C GLN A 57 7.00 0.46 -3.23
N GLY A 58 5.87 -0.22 -3.10
CA GLY A 58 5.87 -1.67 -3.04
C GLY A 58 4.58 -2.27 -3.58
N TRP A 59 4.66 -3.51 -4.05
CA TRP A 59 3.50 -4.21 -4.58
C TRP A 59 2.75 -4.95 -3.48
N VAL A 60 1.48 -4.61 -3.29
CA VAL A 60 0.66 -5.24 -2.26
C VAL A 60 -0.60 -5.87 -2.86
N SER A 61 -1.16 -6.83 -2.14
CA SER A 61 -2.38 -7.51 -2.60
C SER A 61 -3.62 -6.65 -2.32
N PRO A 62 -4.37 -6.28 -3.37
CA PRO A 62 -5.58 -5.45 -3.22
C PRO A 62 -6.71 -6.22 -2.55
N ALA A 63 -6.58 -7.54 -2.51
CA ALA A 63 -7.59 -8.39 -1.92
C ALA A 63 -7.86 -8.04 -0.46
N TYR A 64 -6.80 -7.76 0.29
CA TYR A 64 -6.92 -7.42 1.71
C TYR A 64 -6.93 -5.91 1.93
N LEU A 65 -7.17 -5.17 0.86
CA LEU A 65 -7.22 -3.70 0.94
C LEU A 65 -8.66 -3.19 0.87
N ASP A 66 -8.88 -2.03 1.46
CA ASP A 66 -10.22 -1.43 1.48
C ASP A 66 -10.16 0.01 0.94
N ARG A 67 -10.93 0.25 -0.12
CA ARG A 67 -10.98 1.58 -0.74
C ARG A 67 -11.40 2.64 0.28
N ARG A 68 -10.81 3.83 0.18
CA ARG A 68 -11.12 4.92 1.09
C ARG A 68 -11.20 6.25 0.33
N LEU A 69 -12.39 6.83 0.30
CA LEU A 69 -12.61 8.10 -0.39
C LEU A 69 -12.32 9.28 0.53
N LYS A 70 -11.76 10.35 -0.03
CA LYS A 70 -11.42 11.54 0.73
C LYS A 70 -12.07 12.79 0.10
N LEU A 71 -12.58 13.66 0.97
CA LEU A 71 -13.22 14.90 0.52
C LEU A 71 -14.37 14.59 -0.45
N ILE A 4 -8.96 10.09 -8.66
CA ILE A 4 -7.50 9.90 -8.85
C ILE A 4 -6.82 9.47 -7.57
N PHE A 5 -5.92 8.50 -7.67
CA PHE A 5 -5.18 7.99 -6.50
C PHE A 5 -6.14 7.50 -5.42
N ASP A 6 -6.45 6.21 -5.45
CA ASP A 6 -7.36 5.61 -4.49
C ASP A 6 -6.58 5.07 -3.28
N ILE A 7 -6.77 5.71 -2.13
CA ILE A 7 -6.09 5.30 -0.91
C ILE A 7 -6.85 4.18 -0.21
N TYR A 8 -6.20 3.02 -0.11
CA TYR A 8 -6.80 1.86 0.54
C TYR A 8 -6.37 1.79 2.01
N VAL A 9 -7.28 1.34 2.87
CA VAL A 9 -6.99 1.23 4.29
C VAL A 9 -6.78 -0.22 4.69
N VAL A 10 -5.64 -0.49 5.33
CA VAL A 10 -5.30 -1.84 5.77
C VAL A 10 -6.05 -2.19 7.05
N THR A 11 -6.79 -3.29 7.00
CA THR A 11 -7.57 -3.74 8.16
C THR A 11 -7.10 -5.10 8.66
N ALA A 12 -5.87 -5.46 8.31
CA ALA A 12 -5.31 -6.73 8.72
C ALA A 12 -3.95 -6.55 9.39
N ASP A 13 -2.94 -6.21 8.58
CA ASP A 13 -1.57 -6.01 9.06
C ASP A 13 -0.60 -5.98 7.89
N TYR A 14 -0.50 -7.12 7.19
CA TYR A 14 0.38 -7.26 6.04
C TYR A 14 1.84 -7.00 6.42
N LEU A 15 2.47 -8.00 7.02
CA LEU A 15 3.87 -7.90 7.42
C LEU A 15 4.73 -8.93 6.68
N PRO A 16 5.78 -8.49 5.98
CA PRO A 16 6.67 -9.40 5.23
C PRO A 16 7.33 -10.43 6.14
N LEU A 17 7.19 -11.70 5.79
CA LEU A 17 7.79 -12.78 6.57
C LEU A 17 9.13 -13.19 5.99
N GLY A 18 10.21 -12.64 6.54
CA GLY A 18 11.54 -12.96 6.06
C GLY A 18 12.15 -11.82 5.28
N ALA A 19 13.08 -12.15 4.38
CA ALA A 19 13.75 -11.14 3.57
C ALA A 19 13.18 -11.11 2.16
N GLU A 20 12.27 -10.17 1.91
CA GLU A 20 11.65 -10.04 0.60
C GLU A 20 11.80 -8.62 0.06
N GLN A 21 12.66 -8.46 -0.94
CA GLN A 21 12.89 -7.15 -1.54
C GLN A 21 12.00 -6.97 -2.77
N ASP A 22 10.87 -6.29 -2.58
CA ASP A 22 9.90 -6.02 -3.64
C ASP A 22 8.62 -5.45 -3.05
N ALA A 23 8.27 -5.94 -1.87
CA ALA A 23 7.06 -5.50 -1.18
C ALA A 23 7.38 -4.42 -0.16
N ILE A 24 6.36 -3.69 0.26
CA ILE A 24 6.53 -2.63 1.24
C ILE A 24 5.87 -2.99 2.56
N THR A 25 6.65 -2.94 3.64
CA THR A 25 6.16 -3.29 4.97
C THR A 25 5.03 -2.35 5.39
N LEU A 26 3.82 -2.90 5.49
CA LEU A 26 2.65 -2.12 5.89
C LEU A 26 2.18 -2.51 7.28
N ARG A 27 1.32 -1.69 7.87
CA ARG A 27 0.79 -1.95 9.20
C ARG A 27 -0.74 -1.88 9.18
N GLU A 28 -1.38 -2.67 10.03
CA GLU A 28 -2.83 -2.70 10.12
C GLU A 28 -3.39 -1.30 10.39
N GLY A 29 -3.81 -0.62 9.34
CA GLY A 29 -4.35 0.72 9.48
C GLY A 29 -3.53 1.78 8.80
N GLN A 30 -2.87 1.40 7.69
CA GLN A 30 -2.05 2.32 6.94
C GLN A 30 -2.76 2.82 5.69
N TYR A 31 -2.53 4.09 5.34
CA TYR A 31 -3.16 4.68 4.17
C TYR A 31 -2.17 4.78 3.02
N VAL A 32 -2.58 4.32 1.85
CA VAL A 32 -1.72 4.35 0.67
C VAL A 32 -2.54 4.26 -0.63
N GLU A 33 -2.36 5.24 -1.51
CA GLU A 33 -3.06 5.28 -2.78
C GLU A 33 -2.41 4.35 -3.80
N VAL A 34 -3.20 3.87 -4.76
CA VAL A 34 -2.71 2.97 -5.79
C VAL A 34 -2.13 3.75 -6.97
N LEU A 35 -1.08 3.21 -7.57
CA LEU A 35 -0.42 3.85 -8.71
C LEU A 35 -0.77 3.15 -10.02
N ASP A 36 -0.27 1.92 -10.16
CA ASP A 36 -0.52 1.13 -11.37
C ASP A 36 -2.01 0.94 -11.61
N ALA A 37 -2.62 0.06 -10.81
CA ALA A 37 -4.05 -0.23 -10.94
C ALA A 37 -4.38 -0.76 -12.33
N ALA A 38 -4.09 -2.05 -12.57
CA ALA A 38 -4.35 -2.67 -13.85
C ALA A 38 -4.18 -4.19 -13.77
N HIS A 39 -3.20 -4.63 -12.98
CA HIS A 39 -2.91 -6.05 -12.82
C HIS A 39 -3.78 -6.65 -11.70
N PRO A 40 -4.72 -7.53 -12.04
CA PRO A 40 -5.61 -8.17 -11.05
C PRO A 40 -4.84 -8.88 -9.95
N LEU A 41 -3.61 -9.28 -10.25
CA LEU A 41 -2.76 -9.97 -9.29
C LEU A 41 -2.36 -9.04 -8.15
N ARG A 42 -1.46 -8.10 -8.45
CA ARG A 42 -0.99 -7.14 -7.46
C ARG A 42 -0.82 -5.76 -8.08
N TRP A 43 -1.03 -4.72 -7.26
CA TRP A 43 -0.89 -3.34 -7.74
C TRP A 43 0.26 -2.63 -7.03
N LEU A 44 0.92 -1.72 -7.75
CA LEU A 44 2.03 -0.96 -7.19
C LEU A 44 1.49 0.27 -6.45
N VAL A 45 1.74 0.32 -5.15
CA VAL A 45 1.27 1.43 -4.33
C VAL A 45 2.42 2.09 -3.57
N ARG A 46 2.26 3.38 -3.29
CA ARG A 46 3.28 4.13 -2.56
C ARG A 46 2.65 4.94 -1.44
N THR A 47 3.17 4.80 -0.22
CA THR A 47 2.63 5.52 0.93
C THR A 47 3.00 6.99 0.88
N LYS A 48 2.19 7.82 1.52
CA LYS A 48 2.43 9.26 1.54
C LYS A 48 3.62 9.60 2.43
N PRO A 49 4.46 10.57 2.00
CA PRO A 49 5.64 10.98 2.77
C PRO A 49 5.30 11.98 3.86
N THR A 50 5.71 11.67 5.09
CA THR A 50 5.44 12.54 6.22
C THR A 50 6.72 12.84 7.00
N LYS A 51 6.87 14.09 7.41
CA LYS A 51 8.06 14.51 8.17
C LYS A 51 9.31 14.38 7.31
N SER A 52 9.22 14.84 6.06
CA SER A 52 10.36 14.80 5.13
C SER A 52 10.86 13.36 4.95
N SER A 53 9.98 12.39 5.14
CA SER A 53 10.34 10.98 4.98
C SER A 53 10.24 10.53 3.54
N PRO A 54 11.26 9.82 3.04
CA PRO A 54 11.29 9.32 1.66
C PRO A 54 10.07 8.45 1.34
N SER A 55 9.36 8.81 0.28
CA SER A 55 8.18 8.06 -0.13
C SER A 55 8.55 6.67 -0.66
N ARG A 56 8.15 5.64 0.06
CA ARG A 56 8.44 4.27 -0.33
C ARG A 56 7.31 3.70 -1.19
N GLN A 57 7.60 2.64 -1.94
CA GLN A 57 6.60 2.02 -2.81
C GLN A 57 6.87 0.52 -2.95
N GLY A 58 5.82 -0.28 -2.77
CA GLY A 58 5.94 -1.72 -2.89
C GLY A 58 4.66 -2.37 -3.35
N TRP A 59 4.78 -3.60 -3.85
CA TRP A 59 3.62 -4.34 -4.33
C TRP A 59 2.83 -4.93 -3.18
N VAL A 60 1.51 -4.79 -3.23
CA VAL A 60 0.64 -5.31 -2.19
C VAL A 60 -0.54 -6.07 -2.78
N SER A 61 -1.23 -6.82 -1.93
CA SER A 61 -2.39 -7.61 -2.36
C SER A 61 -3.69 -6.87 -2.06
N PRO A 62 -4.44 -6.44 -3.09
CA PRO A 62 -5.71 -5.73 -2.90
C PRO A 62 -6.77 -6.58 -2.22
N ALA A 63 -6.47 -7.86 -2.03
CA ALA A 63 -7.40 -8.78 -1.41
C ALA A 63 -7.62 -8.42 0.07
N TYR A 64 -6.73 -7.57 0.60
CA TYR A 64 -6.83 -7.14 1.98
C TYR A 64 -6.87 -5.63 2.09
N LEU A 65 -7.13 -4.98 0.95
CA LEU A 65 -7.20 -3.52 0.92
C LEU A 65 -8.61 -3.06 0.59
N ASP A 66 -9.03 -1.95 1.21
CA ASP A 66 -10.36 -1.39 0.99
C ASP A 66 -10.27 0.06 0.54
N ARG A 67 -10.77 0.35 -0.66
CA ARG A 67 -10.74 1.70 -1.21
C ARG A 67 -11.54 2.66 -0.34
N ARG A 68 -11.00 3.86 -0.16
CA ARG A 68 -11.66 4.88 0.65
C ARG A 68 -11.43 6.27 0.05
N LEU A 69 -12.50 7.05 -0.07
CA LEU A 69 -12.41 8.40 -0.61
C LEU A 69 -12.47 9.43 0.51
N LYS A 70 -11.31 9.88 0.97
CA LYS A 70 -11.24 10.87 2.04
C LYS A 70 -10.23 11.96 1.71
N LEU A 71 -10.67 13.21 1.75
CA LEU A 71 -9.80 14.34 1.45
C LEU A 71 -10.24 15.59 2.21
N ILE A 4 -4.83 13.67 -6.19
CA ILE A 4 -4.80 12.53 -5.23
C ILE A 4 -5.24 11.24 -5.91
N PHE A 5 -4.94 10.11 -5.26
CA PHE A 5 -5.30 8.81 -5.80
C PHE A 5 -6.20 8.04 -4.83
N ASP A 6 -6.45 6.78 -5.11
CA ASP A 6 -7.31 5.94 -4.28
C ASP A 6 -6.54 5.32 -3.12
N ILE A 7 -6.69 5.90 -1.93
CA ILE A 7 -6.01 5.40 -0.74
C ILE A 7 -6.81 4.27 -0.09
N TYR A 8 -6.10 3.21 0.29
CA TYR A 8 -6.73 2.06 0.94
C TYR A 8 -6.32 1.97 2.40
N VAL A 9 -7.11 1.25 3.18
CA VAL A 9 -6.83 1.09 4.61
C VAL A 9 -6.48 -0.36 4.94
N VAL A 10 -5.39 -0.55 5.67
CA VAL A 10 -4.94 -1.88 6.05
C VAL A 10 -5.77 -2.43 7.21
N THR A 11 -6.26 -3.66 7.06
CA THR A 11 -7.07 -4.28 8.10
C THR A 11 -6.72 -5.76 8.28
N ALA A 12 -5.55 -6.15 7.79
CA ALA A 12 -5.11 -7.54 7.91
C ALA A 12 -3.64 -7.63 8.31
N ASP A 13 -3.00 -6.47 8.48
CA ASP A 13 -1.59 -6.40 8.86
C ASP A 13 -0.72 -7.14 7.86
N TYR A 14 -0.21 -6.40 6.86
CA TYR A 14 0.65 -6.99 5.85
C TYR A 14 2.12 -6.83 6.24
N LEU A 15 2.61 -7.76 7.04
CA LEU A 15 4.00 -7.73 7.49
C LEU A 15 4.80 -8.87 6.86
N PRO A 16 5.75 -8.55 5.95
CA PRO A 16 6.58 -9.56 5.29
C PRO A 16 7.37 -10.39 6.30
N LEU A 17 7.59 -11.66 5.97
CA LEU A 17 8.34 -12.54 6.86
C LEU A 17 9.80 -12.61 6.42
N GLY A 18 10.64 -11.78 7.05
CA GLY A 18 12.05 -11.76 6.72
C GLY A 18 12.35 -10.90 5.51
N ALA A 19 12.92 -11.51 4.48
CA ALA A 19 13.27 -10.80 3.26
C ALA A 19 12.38 -11.24 2.10
N GLU A 20 11.44 -10.37 1.73
CA GLU A 20 10.52 -10.67 0.64
C GLU A 20 10.98 -9.98 -0.65
N GLN A 21 10.83 -10.67 -1.78
CA GLN A 21 11.23 -10.12 -3.07
C GLN A 21 10.20 -9.12 -3.59
N ASP A 22 10.64 -7.90 -3.86
CA ASP A 22 9.77 -6.85 -4.36
C ASP A 22 8.56 -6.66 -3.44
N ALA A 23 8.83 -6.27 -2.20
CA ALA A 23 7.76 -6.06 -1.22
C ALA A 23 8.06 -4.86 -0.33
N ILE A 24 7.06 -4.42 0.42
CA ILE A 24 7.21 -3.28 1.32
C ILE A 24 6.56 -3.56 2.67
N THR A 25 7.27 -3.27 3.74
CA THR A 25 6.76 -3.48 5.09
C THR A 25 5.61 -2.54 5.40
N LEU A 26 4.51 -3.10 5.89
CA LEU A 26 3.33 -2.31 6.24
C LEU A 26 2.77 -2.72 7.58
N ARG A 27 1.84 -1.91 8.09
CA ARG A 27 1.21 -2.17 9.37
C ARG A 27 -0.30 -2.00 9.30
N GLU A 28 -1.03 -2.80 10.06
CA GLU A 28 -2.48 -2.73 10.08
C GLU A 28 -2.96 -1.42 10.68
N GLY A 29 -3.45 -0.52 9.84
CA GLY A 29 -3.94 0.76 10.31
C GLY A 29 -3.34 1.93 9.55
N GLN A 30 -2.63 1.65 8.47
CA GLN A 30 -2.02 2.71 7.67
C GLN A 30 -2.81 2.94 6.39
N TYR A 31 -2.51 4.05 5.71
CA TYR A 31 -3.19 4.40 4.48
C TYR A 31 -2.18 4.54 3.34
N VAL A 32 -2.58 4.12 2.14
CA VAL A 32 -1.70 4.20 0.98
C VAL A 32 -2.48 4.24 -0.33
N GLU A 33 -2.25 5.28 -1.13
CA GLU A 33 -2.92 5.45 -2.42
C GLU A 33 -2.29 4.55 -3.48
N VAL A 34 -3.09 4.20 -4.49
CA VAL A 34 -2.62 3.34 -5.57
C VAL A 34 -2.14 4.18 -6.76
N LEU A 35 -1.09 3.70 -7.42
CA LEU A 35 -0.52 4.40 -8.57
C LEU A 35 -0.95 3.76 -9.88
N ASP A 36 -0.29 2.67 -10.27
CA ASP A 36 -0.59 1.98 -11.50
C ASP A 36 -2.02 1.42 -11.50
N ALA A 37 -2.34 0.66 -10.45
CA ALA A 37 -3.67 0.07 -10.31
C ALA A 37 -4.00 -0.86 -11.48
N ALA A 38 -2.97 -1.38 -12.13
CA ALA A 38 -3.15 -2.29 -13.25
C ALA A 38 -2.97 -3.75 -12.82
N HIS A 39 -3.58 -4.66 -13.58
CA HIS A 39 -3.50 -6.09 -13.28
C HIS A 39 -4.18 -6.42 -11.95
N PRO A 40 -5.35 -7.09 -11.99
CA PRO A 40 -6.11 -7.46 -10.79
C PRO A 40 -5.26 -8.20 -9.76
N LEU A 41 -4.20 -8.86 -10.23
CA LEU A 41 -3.31 -9.60 -9.35
C LEU A 41 -2.79 -8.72 -8.22
N ARG A 42 -1.91 -7.78 -8.56
CA ARG A 42 -1.34 -6.88 -7.57
C ARG A 42 -1.22 -5.46 -8.14
N TRP A 43 -1.46 -4.46 -7.29
CA TRP A 43 -1.40 -3.07 -7.71
C TRP A 43 -0.20 -2.36 -7.09
N LEU A 44 0.42 -1.48 -7.86
CA LEU A 44 1.56 -0.71 -7.39
C LEU A 44 1.09 0.47 -6.54
N VAL A 45 1.57 0.55 -5.31
CA VAL A 45 1.16 1.63 -4.41
C VAL A 45 2.35 2.25 -3.68
N ARG A 46 2.18 3.51 -3.27
CA ARG A 46 3.22 4.23 -2.54
C ARG A 46 2.64 4.85 -1.27
N THR A 47 3.20 4.49 -0.13
CA THR A 47 2.72 5.03 1.14
C THR A 47 2.96 6.52 1.25
N LYS A 48 2.05 7.21 1.93
CA LYS A 48 2.15 8.66 2.10
C LYS A 48 3.28 9.02 3.07
N PRO A 49 4.21 9.90 2.67
CA PRO A 49 5.32 10.31 3.52
C PRO A 49 4.88 11.31 4.59
N THR A 50 5.85 11.92 5.27
CA THR A 50 5.55 12.89 6.32
C THR A 50 5.88 14.31 5.86
N LYS A 51 7.17 14.63 5.82
CA LYS A 51 7.62 15.95 5.40
C LYS A 51 9.14 15.95 5.23
N SER A 52 9.77 14.87 5.70
CA SER A 52 11.22 14.73 5.61
C SER A 52 11.60 13.28 5.34
N SER A 53 10.61 12.40 5.39
CA SER A 53 10.84 10.98 5.16
C SER A 53 10.54 10.60 3.71
N PRO A 54 11.52 9.97 3.02
CA PRO A 54 11.36 9.57 1.62
C PRO A 54 10.22 8.56 1.45
N SER A 55 9.31 8.86 0.52
CA SER A 55 8.16 7.99 0.26
C SER A 55 8.61 6.70 -0.44
N ARG A 56 8.09 5.58 0.03
CA ARG A 56 8.42 4.28 -0.56
C ARG A 56 7.23 3.69 -1.30
N GLN A 57 7.51 2.77 -2.23
CA GLN A 57 6.46 2.15 -3.01
C GLN A 57 6.74 0.66 -3.22
N GLY A 58 5.74 -0.17 -2.96
CA GLY A 58 5.90 -1.61 -3.11
C GLY A 58 4.61 -2.30 -3.50
N TRP A 59 4.72 -3.48 -4.08
CA TRP A 59 3.54 -4.25 -4.49
C TRP A 59 2.93 -4.97 -3.31
N VAL A 60 1.66 -4.65 -3.02
CA VAL A 60 0.94 -5.27 -1.91
C VAL A 60 -0.28 -6.03 -2.39
N SER A 61 -0.90 -6.77 -1.48
CA SER A 61 -2.09 -7.56 -1.81
C SER A 61 -3.37 -6.76 -1.52
N PRO A 62 -4.07 -6.30 -2.57
CA PRO A 62 -5.31 -5.52 -2.40
C PRO A 62 -6.47 -6.37 -1.88
N ALA A 63 -6.20 -7.66 -1.68
CA ALA A 63 -7.22 -8.57 -1.18
C ALA A 63 -7.56 -8.28 0.29
N TYR A 64 -6.71 -7.48 0.93
CA TYR A 64 -6.91 -7.12 2.33
C TYR A 64 -7.12 -5.61 2.50
N LEU A 65 -7.07 -4.89 1.38
CA LEU A 65 -7.25 -3.45 1.39
C LEU A 65 -8.65 -3.06 0.93
N ASP A 66 -9.23 -2.04 1.58
CA ASP A 66 -10.56 -1.57 1.24
C ASP A 66 -10.48 -0.26 0.47
N ARG A 67 -11.23 -0.16 -0.62
CA ARG A 67 -11.25 1.04 -1.45
C ARG A 67 -12.04 2.16 -0.78
N ARG A 68 -11.34 3.23 -0.42
CA ARG A 68 -11.96 4.37 0.23
C ARG A 68 -11.43 5.68 -0.33
N LEU A 69 -12.30 6.45 -0.98
CA LEU A 69 -11.91 7.73 -1.57
C LEU A 69 -12.87 8.84 -1.14
N LYS A 70 -12.33 9.87 -0.50
CA LYS A 70 -13.13 11.01 -0.05
C LYS A 70 -13.60 11.84 -1.23
N LEU A 71 -12.81 11.83 -2.30
CA LEU A 71 -13.14 12.59 -3.51
C LEU A 71 -14.18 11.85 -4.34
N ILE A 4 -6.49 11.48 -10.25
CA ILE A 4 -7.07 11.01 -8.96
C ILE A 4 -6.32 9.78 -8.44
N PHE A 5 -6.28 9.64 -7.12
CA PHE A 5 -5.60 8.51 -6.49
C PHE A 5 -6.50 7.83 -5.47
N ASP A 6 -6.48 6.49 -5.45
CA ASP A 6 -7.30 5.73 -4.53
C ASP A 6 -6.46 5.15 -3.38
N ILE A 7 -6.61 5.74 -2.20
CA ILE A 7 -5.87 5.30 -1.03
C ILE A 7 -6.56 4.12 -0.35
N TYR A 8 -5.87 2.98 -0.32
CA TYR A 8 -6.39 1.77 0.30
C TYR A 8 -5.83 1.61 1.71
N VAL A 9 -6.73 1.44 2.68
CA VAL A 9 -6.33 1.28 4.07
C VAL A 9 -6.12 -0.19 4.43
N VAL A 10 -5.03 -0.46 5.15
CA VAL A 10 -4.71 -1.83 5.56
C VAL A 10 -5.41 -2.16 6.89
N THR A 11 -6.17 -3.24 6.90
CA THR A 11 -6.88 -3.66 8.10
C THR A 11 -6.78 -5.16 8.32
N ALA A 12 -5.81 -5.78 7.67
CA ALA A 12 -5.60 -7.22 7.78
C ALA A 12 -4.17 -7.55 8.23
N ASP A 13 -3.42 -6.51 8.58
CA ASP A 13 -2.03 -6.67 9.03
C ASP A 13 -1.22 -7.39 7.96
N TYR A 14 -0.61 -6.62 7.06
CA TYR A 14 0.20 -7.19 5.99
C TYR A 14 1.68 -6.98 6.26
N LEU A 15 2.31 -7.96 6.90
CA LEU A 15 3.74 -7.88 7.23
C LEU A 15 4.51 -8.99 6.51
N PRO A 16 5.65 -8.66 5.88
CA PRO A 16 6.49 -9.64 5.17
C PRO A 16 7.00 -10.73 6.09
N LEU A 17 6.91 -11.98 5.63
CA LEU A 17 7.38 -13.12 6.42
C LEU A 17 8.79 -13.53 5.98
N GLY A 18 9.78 -13.04 6.70
CA GLY A 18 11.17 -13.36 6.38
C GLY A 18 11.70 -12.51 5.25
N ALA A 19 11.87 -13.13 4.08
CA ALA A 19 12.38 -12.43 2.91
C ALA A 19 11.41 -12.52 1.74
N GLU A 20 10.67 -11.44 1.51
CA GLU A 20 9.70 -11.41 0.41
C GLU A 20 10.22 -10.54 -0.74
N GLN A 21 9.75 -10.83 -1.95
CA GLN A 21 10.18 -10.09 -3.13
C GLN A 21 9.28 -8.87 -3.37
N ASP A 22 9.90 -7.76 -3.76
CA ASP A 22 9.20 -6.51 -4.05
C ASP A 22 8.09 -6.25 -3.03
N ALA A 23 8.35 -6.55 -1.76
CA ALA A 23 7.38 -6.34 -0.70
C ALA A 23 7.80 -5.20 0.22
N ILE A 24 6.86 -4.29 0.50
CA ILE A 24 7.13 -3.16 1.37
C ILE A 24 6.55 -3.39 2.77
N THR A 25 7.27 -2.93 3.78
CA THR A 25 6.83 -3.08 5.16
C THR A 25 5.60 -2.22 5.44
N LEU A 26 4.48 -2.88 5.68
CA LEU A 26 3.22 -2.18 5.96
C LEU A 26 2.64 -2.63 7.29
N ARG A 27 1.94 -1.71 7.96
CA ARG A 27 1.33 -2.01 9.24
C ARG A 27 -0.19 -1.82 9.17
N GLU A 28 -0.92 -2.63 9.93
CA GLU A 28 -2.38 -2.55 9.95
C GLU A 28 -2.85 -1.20 10.47
N GLY A 29 -3.29 -0.34 9.56
CA GLY A 29 -3.77 0.98 9.95
C GLY A 29 -3.09 2.09 9.18
N GLN A 30 -2.45 1.74 8.07
CA GLN A 30 -1.76 2.70 7.23
C GLN A 30 -2.58 3.08 6.02
N TYR A 31 -2.16 4.12 5.32
CA TYR A 31 -2.85 4.59 4.13
C TYR A 31 -1.88 4.79 2.97
N VAL A 32 -2.30 4.38 1.77
CA VAL A 32 -1.45 4.52 0.59
C VAL A 32 -2.27 4.49 -0.71
N GLU A 33 -2.12 5.53 -1.51
CA GLU A 33 -2.82 5.63 -2.79
C GLU A 33 -2.20 4.71 -3.84
N VAL A 34 -3.01 4.31 -4.81
CA VAL A 34 -2.55 3.42 -5.88
C VAL A 34 -2.06 4.22 -7.08
N LEU A 35 -1.04 3.70 -7.75
CA LEU A 35 -0.46 4.36 -8.91
C LEU A 35 -0.79 3.63 -10.21
N ASP A 36 -0.05 2.55 -10.48
CA ASP A 36 -0.24 1.76 -11.69
C ASP A 36 -1.62 1.10 -11.73
N ALA A 37 -1.80 0.08 -10.90
CA ALA A 37 -3.06 -0.65 -10.84
C ALA A 37 -3.36 -1.34 -12.17
N ALA A 38 -2.93 -2.60 -12.28
CA ALA A 38 -3.14 -3.37 -13.50
C ALA A 38 -3.26 -4.86 -13.21
N HIS A 39 -2.14 -5.49 -12.88
CA HIS A 39 -2.12 -6.92 -12.57
C HIS A 39 -2.99 -7.22 -11.35
N PRO A 40 -4.07 -8.01 -11.53
CA PRO A 40 -5.00 -8.37 -10.43
C PRO A 40 -4.27 -8.88 -9.20
N LEU A 41 -3.09 -9.47 -9.41
CA LEU A 41 -2.31 -10.03 -8.31
C LEU A 41 -1.92 -8.94 -7.31
N ARG A 42 -1.15 -7.97 -7.78
CA ARG A 42 -0.70 -6.86 -6.93
C ARG A 42 -0.61 -5.56 -7.71
N TRP A 43 -0.76 -4.44 -7.00
CA TRP A 43 -0.69 -3.12 -7.64
C TRP A 43 0.44 -2.28 -7.05
N LEU A 44 1.00 -1.40 -7.88
CA LEU A 44 2.08 -0.52 -7.46
C LEU A 44 1.51 0.69 -6.70
N VAL A 45 1.90 0.83 -5.45
CA VAL A 45 1.42 1.94 -4.62
C VAL A 45 2.55 2.57 -3.82
N ARG A 46 2.49 3.89 -3.67
CA ARG A 46 3.51 4.62 -2.93
C ARG A 46 2.89 5.32 -1.72
N THR A 47 3.41 5.05 -0.53
CA THR A 47 2.88 5.66 0.69
C THR A 47 3.13 7.16 0.71
N LYS A 48 2.11 7.92 1.08
CA LYS A 48 2.22 9.37 1.14
C LYS A 48 3.27 9.79 2.19
N PRO A 49 4.07 10.83 1.88
CA PRO A 49 5.11 11.31 2.78
C PRO A 49 4.59 12.38 3.74
N THR A 50 4.68 12.10 5.04
CA THR A 50 4.22 13.02 6.06
C THR A 50 5.37 13.90 6.55
N LYS A 51 5.09 15.19 6.70
CA LYS A 51 6.09 16.15 7.16
C LYS A 51 7.26 16.24 6.18
N SER A 52 8.19 15.30 6.29
CA SER A 52 9.36 15.26 5.42
C SER A 52 9.94 13.85 5.32
N SER A 53 9.08 12.85 5.52
CA SER A 53 9.50 11.46 5.45
C SER A 53 9.59 10.98 4.01
N PRO A 54 10.69 10.29 3.66
CA PRO A 54 10.90 9.76 2.30
C PRO A 54 9.74 8.88 1.83
N SER A 55 9.36 9.05 0.57
CA SER A 55 8.26 8.26 0.00
C SER A 55 8.79 7.01 -0.69
N ARG A 56 8.14 5.88 -0.40
CA ARG A 56 8.53 4.60 -0.99
C ARG A 56 7.34 3.93 -1.66
N GLN A 57 7.64 3.04 -2.62
CA GLN A 57 6.59 2.33 -3.34
C GLN A 57 6.83 0.82 -3.31
N GLY A 58 5.79 0.07 -2.91
CA GLY A 58 5.90 -1.37 -2.86
C GLY A 58 4.63 -2.06 -3.32
N TRP A 59 4.78 -3.20 -3.98
CA TRP A 59 3.64 -3.96 -4.48
C TRP A 59 2.91 -4.67 -3.34
N VAL A 60 1.65 -4.31 -3.14
CA VAL A 60 0.85 -4.91 -2.08
C VAL A 60 -0.28 -5.76 -2.66
N SER A 61 -0.93 -6.53 -1.80
CA SER A 61 -2.04 -7.39 -2.22
C SER A 61 -3.38 -6.71 -1.95
N PRO A 62 -4.04 -6.19 -3.02
CA PRO A 62 -5.33 -5.52 -2.89
C PRO A 62 -6.44 -6.45 -2.39
N ALA A 63 -6.12 -7.74 -2.30
CA ALA A 63 -7.08 -8.73 -1.84
C ALA A 63 -7.26 -8.66 -0.33
N TYR A 64 -6.51 -7.75 0.31
CA TYR A 64 -6.59 -7.58 1.75
C TYR A 64 -6.72 -6.10 2.11
N LEU A 65 -7.02 -5.27 1.12
CA LEU A 65 -7.16 -3.83 1.34
C LEU A 65 -8.62 -3.42 1.44
N ASP A 66 -8.85 -2.13 1.64
CA ASP A 66 -10.19 -1.57 1.75
C ASP A 66 -10.22 -0.17 1.16
N ARG A 67 -11.33 0.18 0.52
CA ARG A 67 -11.47 1.50 -0.09
C ARG A 67 -11.61 2.59 0.97
N ARG A 68 -10.76 3.60 0.88
CA ARG A 68 -10.77 4.71 1.83
C ARG A 68 -10.49 6.03 1.11
N LEU A 69 -11.48 6.91 1.09
CA LEU A 69 -11.34 8.20 0.41
C LEU A 69 -11.16 9.33 1.43
N LYS A 70 -10.16 10.18 1.19
CA LYS A 70 -9.89 11.30 2.07
C LYS A 70 -10.42 12.60 1.47
N LEU A 71 -11.73 12.80 1.58
CA LEU A 71 -12.38 14.00 1.05
C LEU A 71 -13.70 14.25 1.75
#